data_3K9I
# 
_entry.id   3K9I 
# 
_audit_conform.dict_name       mmcif_pdbx.dic 
_audit_conform.dict_version    5.397 
_audit_conform.dict_location   http://mmcif.pdb.org/dictionaries/ascii/mmcif_pdbx.dic 
# 
loop_
_database_2.database_id 
_database_2.database_code 
_database_2.pdbx_database_accession 
_database_2.pdbx_DOI 
PDB   3K9I         pdb_00003k9i 10.2210/pdb3k9i/pdb 
RCSB  RCSB055715   ?            ?                   
WWPDB D_1000055715 ?            ?                   
# 
loop_
_pdbx_audit_revision_history.ordinal 
_pdbx_audit_revision_history.data_content_type 
_pdbx_audit_revision_history.major_revision 
_pdbx_audit_revision_history.minor_revision 
_pdbx_audit_revision_history.revision_date 
1 'Structure model' 1 0 2009-11-24 
2 'Structure model' 1 1 2011-07-13 
3 'Structure model' 1 2 2017-11-01 
4 'Structure model' 1 3 2019-07-17 
5 'Structure model' 1 4 2023-02-01 
6 'Structure model' 1 5 2024-10-16 
# 
_pdbx_audit_revision_details.ordinal             1 
_pdbx_audit_revision_details.revision_ordinal    1 
_pdbx_audit_revision_details.data_content_type   'Structure model' 
_pdbx_audit_revision_details.provider            repository 
_pdbx_audit_revision_details.type                'Initial release' 
_pdbx_audit_revision_details.description         ? 
_pdbx_audit_revision_details.details             ? 
# 
loop_
_pdbx_audit_revision_group.ordinal 
_pdbx_audit_revision_group.revision_ordinal 
_pdbx_audit_revision_group.data_content_type 
_pdbx_audit_revision_group.group 
1 2 'Structure model' Advisory                    
2 2 'Structure model' 'Version format compliance' 
3 3 'Structure model' 'Refinement description'    
4 4 'Structure model' 'Data collection'           
5 4 'Structure model' 'Derived calculations'      
6 4 'Structure model' 'Refinement description'    
7 5 'Structure model' 'Database references'       
8 6 'Structure model' 'Data collection'           
9 6 'Structure model' 'Structure summary'         
# 
loop_
_pdbx_audit_revision_category.ordinal 
_pdbx_audit_revision_category.revision_ordinal 
_pdbx_audit_revision_category.data_content_type 
_pdbx_audit_revision_category.category 
1 3 'Structure model' software                  
2 4 'Structure model' software                  
3 4 'Structure model' struct_conn               
4 5 'Structure model' database_2                
5 5 'Structure model' struct_ref_seq_dif        
6 6 'Structure model' chem_comp_atom            
7 6 'Structure model' chem_comp_bond            
8 6 'Structure model' pdbx_entry_details        
9 6 'Structure model' pdbx_modification_feature 
# 
loop_
_pdbx_audit_revision_item.ordinal 
_pdbx_audit_revision_item.revision_ordinal 
_pdbx_audit_revision_item.data_content_type 
_pdbx_audit_revision_item.item 
1  3 'Structure model' '_software.classification'                     
2  3 'Structure model' '_software.name'                               
3  4 'Structure model' '_software.classification'                     
4  4 'Structure model' '_software.contact_author'                     
5  4 'Structure model' '_software.contact_author_email'               
6  4 'Structure model' '_software.language'                           
7  4 'Structure model' '_software.location'                           
8  4 'Structure model' '_software.name'                               
9  4 'Structure model' '_software.type'                               
10 4 'Structure model' '_software.version'                            
11 4 'Structure model' '_struct_conn.pdbx_leaving_atom_flag'          
12 5 'Structure model' '_database_2.pdbx_DOI'                         
13 5 'Structure model' '_database_2.pdbx_database_accession'          
14 5 'Structure model' '_struct_ref_seq_dif.details'                  
15 6 'Structure model' '_pdbx_entry_details.has_protein_modification' 
# 
_pdbx_database_status.SG_entry                        Y 
_pdbx_database_status.entry_id                        3K9I 
_pdbx_database_status.deposit_site                    RCSB 
_pdbx_database_status.process_site                    RCSB 
_pdbx_database_status.recvd_initial_deposition_date   2009-10-15 
_pdbx_database_status.status_code                     REL 
_pdbx_database_status.status_code_sf                  REL 
_pdbx_database_status.status_code_mr                  ? 
_pdbx_database_status.pdb_format_compatible           Y 
_pdbx_database_status.status_code_cs                  ? 
_pdbx_database_status.methods_development_category    ? 
_pdbx_database_status.status_code_nmr_data            ? 
# 
_pdbx_database_related.db_name        TargetDB 
_pdbx_database_related.db_id          361720 
_pdbx_database_related.details        . 
_pdbx_database_related.content_type   unspecified 
# 
_audit_author.name           'Joint Center for Structural Genomics (JCSG)' 
_audit_author.pdbx_ordinal   1 
# 
_citation.id                        primary 
_citation.title                     
'Crystal structure of Putative protein binding protein (NP_241345.1) from Bacillus halodurans at 2.71 A resolution' 
_citation.journal_abbrev            'To be published' 
_citation.journal_volume            ? 
_citation.page_first                ? 
_citation.page_last                 ? 
_citation.year                      ? 
_citation.journal_id_ASTM           ? 
_citation.country                   ? 
_citation.journal_id_ISSN           ? 
_citation.journal_id_CSD            0353 
_citation.book_publisher            ? 
_citation.pdbx_database_id_PubMed   ? 
_citation.pdbx_database_id_DOI      ? 
# 
_citation_author.citation_id        primary 
_citation_author.name               'Joint Center for Structural Genomics (JCSG)' 
_citation_author.ordinal            1 
_citation_author.identifier_ORCID   ? 
# 
_entity.id                         1 
_entity.type                       polymer 
_entity.src_method                 man 
_entity.pdbx_description           'BH0479 protein' 
_entity.formula_weight             13132.761 
_entity.pdbx_number_of_molecules   1 
_entity.pdbx_ec                    ? 
_entity.pdbx_mutation              ? 
_entity.pdbx_fragment              'sequence database reference 49-164' 
_entity.details                    ? 
# 
_entity_name_com.entity_id   1 
_entity_name_com.name        'putative binding protein' 
# 
_entity_poly.entity_id                      1 
_entity_poly.type                           'polypeptide(L)' 
_entity_poly.nstd_linkage                   no 
_entity_poly.nstd_monomer                   yes 
_entity_poly.pdbx_seq_one_letter_code       
;GVLGLEAQAVPYYEKAIASGLQGKDLAECYLGLGSTFRTLGEYRKAEAVLANGVKQFPNHQALRVFYA(MSE)VLYNLGR
YEQGVELLLKIIAETSDDETIQSYKQAILFYADKLDETWKA
;
_entity_poly.pdbx_seq_one_letter_code_can   
;GVLGLEAQAVPYYEKAIASGLQGKDLAECYLGLGSTFRTLGEYRKAEAVLANGVKQFPNHQALRVFYAMVLYNLGRYEQG
VELLLKIIAETSDDETIQSYKQAILFYADKLDETWKA
;
_entity_poly.pdbx_strand_id                 A 
_entity_poly.pdbx_target_identifier         361720 
# 
loop_
_entity_poly_seq.entity_id 
_entity_poly_seq.num 
_entity_poly_seq.mon_id 
_entity_poly_seq.hetero 
1 1   GLY n 
1 2   VAL n 
1 3   LEU n 
1 4   GLY n 
1 5   LEU n 
1 6   GLU n 
1 7   ALA n 
1 8   GLN n 
1 9   ALA n 
1 10  VAL n 
1 11  PRO n 
1 12  TYR n 
1 13  TYR n 
1 14  GLU n 
1 15  LYS n 
1 16  ALA n 
1 17  ILE n 
1 18  ALA n 
1 19  SER n 
1 20  GLY n 
1 21  LEU n 
1 22  GLN n 
1 23  GLY n 
1 24  LYS n 
1 25  ASP n 
1 26  LEU n 
1 27  ALA n 
1 28  GLU n 
1 29  CYS n 
1 30  TYR n 
1 31  LEU n 
1 32  GLY n 
1 33  LEU n 
1 34  GLY n 
1 35  SER n 
1 36  THR n 
1 37  PHE n 
1 38  ARG n 
1 39  THR n 
1 40  LEU n 
1 41  GLY n 
1 42  GLU n 
1 43  TYR n 
1 44  ARG n 
1 45  LYS n 
1 46  ALA n 
1 47  GLU n 
1 48  ALA n 
1 49  VAL n 
1 50  LEU n 
1 51  ALA n 
1 52  ASN n 
1 53  GLY n 
1 54  VAL n 
1 55  LYS n 
1 56  GLN n 
1 57  PHE n 
1 58  PRO n 
1 59  ASN n 
1 60  HIS n 
1 61  GLN n 
1 62  ALA n 
1 63  LEU n 
1 64  ARG n 
1 65  VAL n 
1 66  PHE n 
1 67  TYR n 
1 68  ALA n 
1 69  MSE n 
1 70  VAL n 
1 71  LEU n 
1 72  TYR n 
1 73  ASN n 
1 74  LEU n 
1 75  GLY n 
1 76  ARG n 
1 77  TYR n 
1 78  GLU n 
1 79  GLN n 
1 80  GLY n 
1 81  VAL n 
1 82  GLU n 
1 83  LEU n 
1 84  LEU n 
1 85  LEU n 
1 86  LYS n 
1 87  ILE n 
1 88  ILE n 
1 89  ALA n 
1 90  GLU n 
1 91  THR n 
1 92  SER n 
1 93  ASP n 
1 94  ASP n 
1 95  GLU n 
1 96  THR n 
1 97  ILE n 
1 98  GLN n 
1 99  SER n 
1 100 TYR n 
1 101 LYS n 
1 102 GLN n 
1 103 ALA n 
1 104 ILE n 
1 105 LEU n 
1 106 PHE n 
1 107 TYR n 
1 108 ALA n 
1 109 ASP n 
1 110 LYS n 
1 111 LEU n 
1 112 ASP n 
1 113 GLU n 
1 114 THR n 
1 115 TRP n 
1 116 LYS n 
1 117 ALA n 
# 
_entity_src_gen.entity_id                          1 
_entity_src_gen.pdbx_src_id                        1 
_entity_src_gen.pdbx_alt_source_flag               sample 
_entity_src_gen.pdbx_seq_type                      ? 
_entity_src_gen.pdbx_beg_seq_num                   ? 
_entity_src_gen.pdbx_end_seq_num                   ? 
_entity_src_gen.gene_src_common_name               ? 
_entity_src_gen.gene_src_genus                     ? 
_entity_src_gen.pdbx_gene_src_gene                 BH0479 
_entity_src_gen.gene_src_species                   ? 
_entity_src_gen.gene_src_strain                    ? 
_entity_src_gen.gene_src_tissue                    ? 
_entity_src_gen.gene_src_tissue_fraction           ? 
_entity_src_gen.gene_src_details                   ? 
_entity_src_gen.pdbx_gene_src_fragment             ? 
_entity_src_gen.pdbx_gene_src_scientific_name      'Bacillus halodurans' 
_entity_src_gen.pdbx_gene_src_ncbi_taxonomy_id     86665 
_entity_src_gen.pdbx_gene_src_variant              ? 
_entity_src_gen.pdbx_gene_src_cell_line            ? 
_entity_src_gen.pdbx_gene_src_atcc                 ? 
_entity_src_gen.pdbx_gene_src_organ                ? 
_entity_src_gen.pdbx_gene_src_organelle            ? 
_entity_src_gen.pdbx_gene_src_cell                 ? 
_entity_src_gen.pdbx_gene_src_cellular_location    ? 
_entity_src_gen.host_org_common_name               ? 
_entity_src_gen.pdbx_host_org_scientific_name      'Escherichia Coli' 
_entity_src_gen.pdbx_host_org_ncbi_taxonomy_id     562 
_entity_src_gen.host_org_genus                     ? 
_entity_src_gen.pdbx_host_org_gene                 ? 
_entity_src_gen.pdbx_host_org_organ                ? 
_entity_src_gen.host_org_species                   ? 
_entity_src_gen.pdbx_host_org_tissue               ? 
_entity_src_gen.pdbx_host_org_tissue_fraction      ? 
_entity_src_gen.pdbx_host_org_strain               HK100 
_entity_src_gen.pdbx_host_org_variant              ? 
_entity_src_gen.pdbx_host_org_cell_line            ? 
_entity_src_gen.pdbx_host_org_atcc                 ? 
_entity_src_gen.pdbx_host_org_culture_collection   ? 
_entity_src_gen.pdbx_host_org_cell                 ? 
_entity_src_gen.pdbx_host_org_organelle            ? 
_entity_src_gen.pdbx_host_org_cellular_location    ? 
_entity_src_gen.pdbx_host_org_vector_type          Plasmid 
_entity_src_gen.pdbx_host_org_vector               ? 
_entity_src_gen.host_org_details                   ? 
_entity_src_gen.expression_system_id               ? 
_entity_src_gen.plasmid_name                       SpeedETS 
_entity_src_gen.plasmid_details                    ? 
_entity_src_gen.pdbx_description                   ? 
# 
loop_
_chem_comp.id 
_chem_comp.type 
_chem_comp.mon_nstd_flag 
_chem_comp.name 
_chem_comp.pdbx_synonyms 
_chem_comp.formula 
_chem_comp.formula_weight 
ALA 'L-peptide linking' y ALANINE          ? 'C3 H7 N O2'     89.093  
ARG 'L-peptide linking' y ARGININE         ? 'C6 H15 N4 O2 1' 175.209 
ASN 'L-peptide linking' y ASPARAGINE       ? 'C4 H8 N2 O3'    132.118 
ASP 'L-peptide linking' y 'ASPARTIC ACID'  ? 'C4 H7 N O4'     133.103 
CYS 'L-peptide linking' y CYSTEINE         ? 'C3 H7 N O2 S'   121.158 
GLN 'L-peptide linking' y GLUTAMINE        ? 'C5 H10 N2 O3'   146.144 
GLU 'L-peptide linking' y 'GLUTAMIC ACID'  ? 'C5 H9 N O4'     147.129 
GLY 'peptide linking'   y GLYCINE          ? 'C2 H5 N O2'     75.067  
HIS 'L-peptide linking' y HISTIDINE        ? 'C6 H10 N3 O2 1' 156.162 
ILE 'L-peptide linking' y ISOLEUCINE       ? 'C6 H13 N O2'    131.173 
LEU 'L-peptide linking' y LEUCINE          ? 'C6 H13 N O2'    131.173 
LYS 'L-peptide linking' y LYSINE           ? 'C6 H15 N2 O2 1' 147.195 
MSE 'L-peptide linking' n SELENOMETHIONINE ? 'C5 H11 N O2 Se' 196.106 
PHE 'L-peptide linking' y PHENYLALANINE    ? 'C9 H11 N O2'    165.189 
PRO 'L-peptide linking' y PROLINE          ? 'C5 H9 N O2'     115.130 
SER 'L-peptide linking' y SERINE           ? 'C3 H7 N O3'     105.093 
THR 'L-peptide linking' y THREONINE        ? 'C4 H9 N O3'     119.119 
TRP 'L-peptide linking' y TRYPTOPHAN       ? 'C11 H12 N2 O2'  204.225 
TYR 'L-peptide linking' y TYROSINE         ? 'C9 H11 N O3'    181.189 
VAL 'L-peptide linking' y VALINE           ? 'C5 H11 N O2'    117.146 
# 
loop_
_pdbx_poly_seq_scheme.asym_id 
_pdbx_poly_seq_scheme.entity_id 
_pdbx_poly_seq_scheme.seq_id 
_pdbx_poly_seq_scheme.mon_id 
_pdbx_poly_seq_scheme.ndb_seq_num 
_pdbx_poly_seq_scheme.pdb_seq_num 
_pdbx_poly_seq_scheme.auth_seq_num 
_pdbx_poly_seq_scheme.pdb_mon_id 
_pdbx_poly_seq_scheme.auth_mon_id 
_pdbx_poly_seq_scheme.pdb_strand_id 
_pdbx_poly_seq_scheme.pdb_ins_code 
_pdbx_poly_seq_scheme.hetero 
A 1 1   GLY 1   0   ?   ?   ?   A . n 
A 1 2   VAL 2   49  ?   ?   ?   A . n 
A 1 3   LEU 3   50  ?   ?   ?   A . n 
A 1 4   GLY 4   51  ?   ?   ?   A . n 
A 1 5   LEU 5   52  ?   ?   ?   A . n 
A 1 6   GLU 6   53  ?   ?   ?   A . n 
A 1 7   ALA 7   54  54  ALA ALA A . n 
A 1 8   GLN 8   55  55  GLN GLN A . n 
A 1 9   ALA 9   56  56  ALA ALA A . n 
A 1 10  VAL 10  57  57  VAL VAL A . n 
A 1 11  PRO 11  58  58  PRO PRO A . n 
A 1 12  TYR 12  59  59  TYR TYR A . n 
A 1 13  TYR 13  60  60  TYR TYR A . n 
A 1 14  GLU 14  61  61  GLU GLU A . n 
A 1 15  LYS 15  62  62  LYS LYS A . n 
A 1 16  ALA 16  63  63  ALA ALA A . n 
A 1 17  ILE 17  64  64  ILE ILE A . n 
A 1 18  ALA 18  65  65  ALA ALA A . n 
A 1 19  SER 19  66  66  SER SER A . n 
A 1 20  GLY 20  67  67  GLY GLY A . n 
A 1 21  LEU 21  68  68  LEU LEU A . n 
A 1 22  GLN 22  69  69  GLN GLN A . n 
A 1 23  GLY 23  70  70  GLY GLY A . n 
A 1 24  LYS 24  71  71  LYS LYS A . n 
A 1 25  ASP 25  72  72  ASP ASP A . n 
A 1 26  LEU 26  73  73  LEU LEU A . n 
A 1 27  ALA 27  74  74  ALA ALA A . n 
A 1 28  GLU 28  75  75  GLU GLU A . n 
A 1 29  CYS 29  76  76  CYS CYS A . n 
A 1 30  TYR 30  77  77  TYR TYR A . n 
A 1 31  LEU 31  78  78  LEU LEU A . n 
A 1 32  GLY 32  79  79  GLY GLY A . n 
A 1 33  LEU 33  80  80  LEU LEU A . n 
A 1 34  GLY 34  81  81  GLY GLY A . n 
A 1 35  SER 35  82  82  SER SER A . n 
A 1 36  THR 36  83  83  THR THR A . n 
A 1 37  PHE 37  84  84  PHE PHE A . n 
A 1 38  ARG 38  85  85  ARG ARG A . n 
A 1 39  THR 39  86  86  THR THR A . n 
A 1 40  LEU 40  87  87  LEU LEU A . n 
A 1 41  GLY 41  88  88  GLY GLY A . n 
A 1 42  GLU 42  89  89  GLU GLU A . n 
A 1 43  TYR 43  90  90  TYR TYR A . n 
A 1 44  ARG 44  91  91  ARG ARG A . n 
A 1 45  LYS 45  92  92  LYS LYS A . n 
A 1 46  ALA 46  93  93  ALA ALA A . n 
A 1 47  GLU 47  94  94  GLU GLU A . n 
A 1 48  ALA 48  95  95  ALA ALA A . n 
A 1 49  VAL 49  96  96  VAL VAL A . n 
A 1 50  LEU 50  97  97  LEU LEU A . n 
A 1 51  ALA 51  98  98  ALA ALA A . n 
A 1 52  ASN 52  99  99  ASN ASN A . n 
A 1 53  GLY 53  100 100 GLY GLY A . n 
A 1 54  VAL 54  101 101 VAL VAL A . n 
A 1 55  LYS 55  102 102 LYS LYS A . n 
A 1 56  GLN 56  103 103 GLN GLN A . n 
A 1 57  PHE 57  104 104 PHE PHE A . n 
A 1 58  PRO 58  105 105 PRO PRO A . n 
A 1 59  ASN 59  106 106 ASN ASN A . n 
A 1 60  HIS 60  107 107 HIS HIS A . n 
A 1 61  GLN 61  108 108 GLN GLN A . n 
A 1 62  ALA 62  109 109 ALA ALA A . n 
A 1 63  LEU 63  110 110 LEU LEU A . n 
A 1 64  ARG 64  111 111 ARG ARG A . n 
A 1 65  VAL 65  112 112 VAL VAL A . n 
A 1 66  PHE 66  113 113 PHE PHE A . n 
A 1 67  TYR 67  114 114 TYR TYR A . n 
A 1 68  ALA 68  115 115 ALA ALA A . n 
A 1 69  MSE 69  116 116 MSE MSE A . n 
A 1 70  VAL 70  117 117 VAL VAL A . n 
A 1 71  LEU 71  118 118 LEU LEU A . n 
A 1 72  TYR 72  119 119 TYR TYR A . n 
A 1 73  ASN 73  120 120 ASN ASN A . n 
A 1 74  LEU 74  121 121 LEU LEU A . n 
A 1 75  GLY 75  122 122 GLY GLY A . n 
A 1 76  ARG 76  123 123 ARG ARG A . n 
A 1 77  TYR 77  124 124 TYR TYR A . n 
A 1 78  GLU 78  125 125 GLU GLU A . n 
A 1 79  GLN 79  126 126 GLN GLN A . n 
A 1 80  GLY 80  127 127 GLY GLY A . n 
A 1 81  VAL 81  128 128 VAL VAL A . n 
A 1 82  GLU 82  129 129 GLU GLU A . n 
A 1 83  LEU 83  130 130 LEU LEU A . n 
A 1 84  LEU 84  131 131 LEU LEU A . n 
A 1 85  LEU 85  132 132 LEU LEU A . n 
A 1 86  LYS 86  133 133 LYS LYS A . n 
A 1 87  ILE 87  134 134 ILE ILE A . n 
A 1 88  ILE 88  135 135 ILE ILE A . n 
A 1 89  ALA 89  136 136 ALA ALA A . n 
A 1 90  GLU 90  137 137 GLU GLU A . n 
A 1 91  THR 91  138 138 THR THR A . n 
A 1 92  SER 92  139 139 SER SER A . n 
A 1 93  ASP 93  140 140 ASP ASP A . n 
A 1 94  ASP 94  141 141 ASP ASP A . n 
A 1 95  GLU 95  142 142 GLU GLU A . n 
A 1 96  THR 96  143 143 THR THR A . n 
A 1 97  ILE 97  144 144 ILE ILE A . n 
A 1 98  GLN 98  145 145 GLN GLN A . n 
A 1 99  SER 99  146 146 SER SER A . n 
A 1 100 TYR 100 147 147 TYR TYR A . n 
A 1 101 LYS 101 148 148 LYS LYS A . n 
A 1 102 GLN 102 149 149 GLN GLN A . n 
A 1 103 ALA 103 150 150 ALA ALA A . n 
A 1 104 ILE 104 151 151 ILE ILE A . n 
A 1 105 LEU 105 152 152 LEU LEU A . n 
A 1 106 PHE 106 153 153 PHE PHE A . n 
A 1 107 TYR 107 154 154 TYR TYR A . n 
A 1 108 ALA 108 155 155 ALA ALA A . n 
A 1 109 ASP 109 156 156 ASP ASP A . n 
A 1 110 LYS 110 157 157 LYS LYS A . n 
A 1 111 LEU 111 158 158 LEU LEU A . n 
A 1 112 ASP 112 159 159 ASP ASP A . n 
A 1 113 GLU 113 160 160 GLU GLU A . n 
A 1 114 THR 114 161 161 THR THR A . n 
A 1 115 TRP 115 162 162 TRP TRP A . n 
A 1 116 LYS 116 163 163 LYS LYS A . n 
A 1 117 ALA 117 164 ?   ?   ?   A . n 
# 
loop_
_pdbx_unobs_or_zero_occ_atoms.id 
_pdbx_unobs_or_zero_occ_atoms.PDB_model_num 
_pdbx_unobs_or_zero_occ_atoms.polymer_flag 
_pdbx_unobs_or_zero_occ_atoms.occupancy_flag 
_pdbx_unobs_or_zero_occ_atoms.auth_asym_id 
_pdbx_unobs_or_zero_occ_atoms.auth_comp_id 
_pdbx_unobs_or_zero_occ_atoms.auth_seq_id 
_pdbx_unobs_or_zero_occ_atoms.PDB_ins_code 
_pdbx_unobs_or_zero_occ_atoms.auth_atom_id 
_pdbx_unobs_or_zero_occ_atoms.label_alt_id 
_pdbx_unobs_or_zero_occ_atoms.label_asym_id 
_pdbx_unobs_or_zero_occ_atoms.label_comp_id 
_pdbx_unobs_or_zero_occ_atoms.label_seq_id 
_pdbx_unobs_or_zero_occ_atoms.label_atom_id 
1 1 Y 1 A LYS 163 ? CG ? A LYS 116 CG 
2 1 Y 1 A LYS 163 ? CD ? A LYS 116 CD 
3 1 Y 1 A LYS 163 ? CE ? A LYS 116 CE 
4 1 Y 1 A LYS 163 ? NZ ? A LYS 116 NZ 
# 
loop_
_software.name 
_software.version 
_software.date 
_software.type 
_software.contact_author 
_software.contact_author_email 
_software.classification 
_software.location 
_software.language 
_software.citation_id 
_software.pdbx_ordinal 
REFMAC      5.5.0102 ?               program 'Garib N. Murshudov'         garib@ysbl.york.ac.uk                refinement        
http://www.ccp4.ac.uk/dist/html/refmac5.html                                Fortran_77 ? 1 
PHENIX      .        ?               package 'P.D. Adams'                 PDAdams@lbl.gov                      refinement        
http://www.phenix-online.org/                                               C++        ? 2 
SHELX       .        ?               package 'George M. Sheldrick'        gsheldr@shelx.uni-ac.gwdg.de         phasing           
http://shelx.uni-ac.gwdg.de/SHELX/                                          Fortran_77 ? 3 
MolProbity  3beta29  ?               package 'D.C. & J.S. Richardson lab' molprobity@kinemage.biochem.duke.edu 'model building'  
http://kinemage.biochem.duke.edu/molprobity/                                ?          ? 4 
XSCALE      .        ?               package 'Wolfgang Kabsch'            ?                                    'data scaling'    
http://www.mpimf-heidelberg.mpg.de/~kabsch/xds/html_doc/xscale_program.html ?          ? 5 
PDB_EXTRACT 3.006    'June 11, 2008' package PDB                          help@deposit.rcsb.org                'data extraction' 
http://sw-tools.pdb.org/apps/PDB_EXTRACT/                                   C++        ? 6 
XDS         .        ?               ?       ?                            ?                                    'data reduction'  ? 
?          ? 7 
SHELXD      .        ?               ?       ?                            ?                                    phasing           ? 
?          ? 8 
autoSHARP   .        ?               ?       ?                            ?                                    phasing           ? 
?          ? 9 
# 
_cell.entry_id           3K9I 
_cell.length_a           73.656 
_cell.length_b           73.656 
_cell.length_c           115.838 
_cell.angle_alpha        90.000 
_cell.angle_beta         90.000 
_cell.angle_gamma        120.000 
_cell.pdbx_unique_axis   ? 
_cell.Z_PDB              12 
_cell.length_a_esd       ? 
_cell.length_b_esd       ? 
_cell.length_c_esd       ? 
_cell.angle_alpha_esd    ? 
_cell.angle_beta_esd     ? 
_cell.angle_gamma_esd    ? 
# 
_symmetry.entry_id                         3K9I 
_symmetry.Int_Tables_number                178 
_symmetry.space_group_name_H-M             'P 61 2 2' 
_symmetry.pdbx_full_space_group_name_H-M   ? 
_symmetry.cell_setting                     ? 
_symmetry.space_group_name_Hall            ? 
# 
_exptl.crystals_number   1 
_exptl.method            'X-RAY DIFFRACTION' 
_exptl.entry_id          3K9I 
# 
_exptl_crystal.id                    1 
_exptl_crystal.density_Matthews      3.45 
_exptl_crystal.density_meas          ? 
_exptl_crystal.density_percent_sol   64.38 
_exptl_crystal.description           ? 
_exptl_crystal.F_000                 ? 
_exptl_crystal.preparation           ? 
# 
_exptl_crystal_grow.crystal_id      1 
_exptl_crystal_grow.method          'VAPOR DIFFUSION, SITTING DROP' 
_exptl_crystal_grow.pH              7.07 
_exptl_crystal_grow.temp            293 
_exptl_crystal_grow.pdbx_details    
'3.5M sodium formate, 0.1M HEPES pH 7.07, NANODROP, VAPOR DIFFUSION, SITTING DROP, temperature 293K' 
_exptl_crystal_grow.temp_details    ? 
_exptl_crystal_grow.pdbx_pH_range   ? 
# 
_diffrn.id                     1 
_diffrn.ambient_temp           100 
_diffrn.ambient_temp_details   ? 
_diffrn.crystal_id             1 
# 
_diffrn_detector.diffrn_id              1 
_diffrn_detector.detector               CCD 
_diffrn_detector.type                   'MARMOSAIC 300 mm CCD' 
_diffrn_detector.details                'Adjustable focusing mirrors in K-B geometry' 
_diffrn_detector.pdbx_collection_date   2006-08-12 
# 
_diffrn_radiation.diffrn_id                        1 
_diffrn_radiation.pdbx_monochromatic_or_laue_m_l   M 
_diffrn_radiation.monochromator                    'Si(111) Double Crystal Monochrometer' 
_diffrn_radiation.pdbx_diffrn_protocol             MAD 
_diffrn_radiation.wavelength_id                    1 
_diffrn_radiation.pdbx_scattering_type             x-ray 
# 
loop_
_diffrn_radiation_wavelength.id 
_diffrn_radiation_wavelength.wavelength 
_diffrn_radiation_wavelength.wt 
1 0.97925 1.0 
2 0.94926 1.0 
3 0.97939 1.0 
# 
_diffrn_source.diffrn_id                   1 
_diffrn_source.source                      SYNCHROTRON 
_diffrn_source.pdbx_synchrotron_beamline   23-ID-D 
_diffrn_source.type                        'APS BEAMLINE 23-ID-D' 
_diffrn_source.pdbx_wavelength_list        0.97925,0.94926,0.97939 
_diffrn_source.pdbx_wavelength             ? 
_diffrn_source.pdbx_synchrotron_site       APS 
# 
_reflns.entry_id                     3K9I 
_reflns.d_resolution_high            2.71 
_reflns.d_resolution_low             42.875 
_reflns.number_obs                   5493 
_reflns.pdbx_Rmerge_I_obs            0.056 
_reflns.pdbx_netI_over_sigmaI        25.030 
_reflns.percent_possible_obs         99.800 
_reflns.B_iso_Wilson_estimate        85.260 
_reflns.observed_criterion_sigma_I   -3.00 
_reflns.observed_criterion_sigma_F   ? 
_reflns.number_all                   ? 
_reflns.pdbx_Rsym_value              ? 
_reflns.pdbx_redundancy              ? 
_reflns.R_free_details               ? 
_reflns.limit_h_max                  ? 
_reflns.limit_h_min                  ? 
_reflns.limit_k_max                  ? 
_reflns.limit_k_min                  ? 
_reflns.limit_l_max                  ? 
_reflns.limit_l_min                  ? 
_reflns.observed_criterion_F_max     ? 
_reflns.observed_criterion_F_min     ? 
_reflns.pdbx_chi_squared             ? 
_reflns.pdbx_scaling_rejects         ? 
_reflns.pdbx_ordinal                 1 
_reflns.pdbx_diffrn_id               1 
# 
loop_
_reflns_shell.d_res_high 
_reflns_shell.d_res_low 
_reflns_shell.number_measured_obs 
_reflns_shell.number_measured_all 
_reflns_shell.number_unique_obs 
_reflns_shell.Rmerge_I_obs 
_reflns_shell.meanI_over_sigI_obs 
_reflns_shell.pdbx_Rsym_value 
_reflns_shell.pdbx_chi_squared 
_reflns_shell.pdbx_redundancy 
_reflns_shell.percent_possible_obs 
_reflns_shell.number_unique_all 
_reflns_shell.percent_possible_all 
_reflns_shell.pdbx_ordinal 
_reflns_shell.pdbx_diffrn_id 
2.71 2.81   5349 ? 530 0.731 3.1  ? ? ? ? ? 99.30  1  1 
2.81 2.92   5493 ? 524 0.563 4.2  ? ? ? ? ? 100.00 2  1 
2.92 3.05   5472 ? 522 0.307 7.6  ? ? ? ? ? 100.00 3  1 
3.05 3.21   5436 ? 520 0.195 11.5 ? ? ? ? ? 100.00 4  1 
3.21 3.41   5606 ? 540 0.120 17.6 ? ? ? ? ? 100.00 5  1 
3.41 3.67   5599 ? 542 0.087 23.7 ? ? ? ? ? 100.00 6  1 
3.67 4.04   5505 ? 544 0.056 35.0 ? ? ? ? ? 100.00 7  1 
4.04 4.62   5543 ? 557 0.042 45.0 ? ? ? ? ? 100.00 8  1 
4.62 5.80   5518 ? 567 0.043 43.3 ? ? ? ? ? 100.00 9  1 
5.80 42.875 5647 ? 645 0.028 50.7 ? ? ? ? ? 99.10  10 1 
# 
_refine.entry_id                                 3K9I 
_refine.ls_d_res_high                            2.710 
_refine.ls_d_res_low                             42.875 
_refine.pdbx_ls_sigma_F                          0.00 
_refine.pdbx_data_cutoff_high_absF               ? 
_refine.pdbx_data_cutoff_low_absF                ? 
_refine.ls_percent_reflns_obs                    99.850 
_refine.ls_number_reflns_obs                     5461 
_refine.ls_number_reflns_all                     ? 
_refine.pdbx_ls_cross_valid_method               THROUGHOUT 
_refine.pdbx_R_Free_selection_details            RANDOM 
_refine.details                                  
;1. HYDROGENS HAVE BEEN ADDED IN THE RIDING POSITIONS. 2. A MET-INHIBITION PROTOCOL WAS USED FOR SELENOMETHIONINE INCORPORATION DURING PROTEIN EXPRESSION. THE OCCUPANCY OF THE SE ATOMS IN THE MSE RESIDUES WAS REDUCED TO 0.75 FOR THE REDUCED SCATTERING POWER DUE TO PARTIAL S-MET INCORPORATION. 3. ATOM RECORDS CONTAIN RESIDUAL B FACTORS ONLY.
;
_refine.ls_R_factor_all                          ? 
_refine.ls_R_factor_obs                          0.221 
_refine.ls_R_factor_R_work                       0.221 
_refine.ls_wR_factor_R_work                      ? 
_refine.ls_R_factor_R_free                       0.233 
_refine.ls_wR_factor_R_free                      ? 
_refine.ls_percent_reflns_R_free                 4.500 
_refine.ls_number_reflns_R_free                  245 
_refine.ls_R_factor_R_free_error                 ? 
_refine.B_iso_mean                               42.496 
_refine.solvent_model_param_bsol                 ? 
_refine.solvent_model_param_ksol                 ? 
_refine.pdbx_isotropic_thermal_model             ? 
_refine.aniso_B[1][1]                            0.680 
_refine.aniso_B[2][2]                            0.680 
_refine.aniso_B[3][3]                            -1.030 
_refine.aniso_B[1][2]                            0.340 
_refine.aniso_B[1][3]                            0.000 
_refine.aniso_B[2][3]                            0.000 
_refine.correlation_coeff_Fo_to_Fc               0.944 
_refine.correlation_coeff_Fo_to_Fc_free          0.941 
_refine.overall_SU_R_Cruickshank_DPI             ? 
_refine.overall_SU_R_free                        ? 
_refine.pdbx_overall_ESU_R                       0.433 
_refine.pdbx_overall_ESU_R_Free                  0.263 
_refine.overall_SU_ML                            0.223 
_refine.overall_SU_B                             24.849 
_refine.solvent_model_details                    MASK 
_refine.pdbx_solvent_vdw_probe_radii             1.200 
_refine.pdbx_solvent_ion_probe_radii             0.800 
_refine.pdbx_solvent_shrinkage_radii             0.800 
_refine.ls_number_parameters                     ? 
_refine.ls_number_restraints                     ? 
_refine.pdbx_method_to_determine_struct          MAD 
_refine.pdbx_stereochemistry_target_values       'MAXIMUM LIKELIHOOD WITH PHASES' 
_refine.pdbx_stereochem_target_val_spec_case     ? 
_refine.overall_FOM_work_R_set                   ? 
_refine.B_iso_max                                80.03 
_refine.B_iso_min                                16.44 
_refine.occupancy_max                            1.00 
_refine.occupancy_min                            0.75 
_refine.pdbx_ls_sigma_I                          ? 
_refine.ls_redundancy_reflns_obs                 ? 
_refine.ls_R_factor_R_free_error_details         ? 
_refine.pdbx_starting_model                      ? 
_refine.pdbx_data_cutoff_high_rms_absF           ? 
_refine.overall_FOM_free_R_set                   ? 
_refine.pdbx_overall_phase_error                 ? 
_refine.pdbx_refine_id                           'X-RAY DIFFRACTION' 
_refine.pdbx_TLS_residual_ADP_flag               'LIKELY RESIDUAL' 
_refine.pdbx_diffrn_id                           1 
_refine.pdbx_overall_SU_R_free_Cruickshank_DPI   ? 
_refine.pdbx_overall_SU_R_Blow_DPI               ? 
_refine.pdbx_overall_SU_R_free_Blow_DPI          ? 
# 
_refine_hist.pdbx_refine_id                   'X-RAY DIFFRACTION' 
_refine_hist.cycle_id                         LAST 
_refine_hist.pdbx_number_atoms_protein        874 
_refine_hist.pdbx_number_atoms_nucleic_acid   0 
_refine_hist.pdbx_number_atoms_ligand         0 
_refine_hist.number_atoms_solvent             0 
_refine_hist.number_atoms_total               874 
_refine_hist.d_res_high                       2.710 
_refine_hist.d_res_low                        42.875 
# 
loop_
_refine_ls_restr.type 
_refine_ls_restr.pdbx_refine_id 
_refine_ls_restr.number 
_refine_ls_restr.dev_ideal 
_refine_ls_restr.dev_ideal_target 
_refine_ls_restr.weight 
_refine_ls_restr.pdbx_restraint_function 
r_bond_refined_d       'X-RAY DIFFRACTION' 891  0.017  0.022  ? ? 
r_bond_other_d         'X-RAY DIFFRACTION' 593  0.001  0.020  ? ? 
r_angle_refined_deg    'X-RAY DIFFRACTION' 1205 1.530  1.968  ? ? 
r_angle_other_deg      'X-RAY DIFFRACTION' 1445 0.996  3.000  ? ? 
r_dihedral_angle_1_deg 'X-RAY DIFFRACTION' 109  5.547  5.000  ? ? 
r_dihedral_angle_2_deg 'X-RAY DIFFRACTION' 43   36.068 24.651 ? ? 
r_dihedral_angle_3_deg 'X-RAY DIFFRACTION' 152  16.720 15.000 ? ? 
r_dihedral_angle_4_deg 'X-RAY DIFFRACTION' 4    17.762 15.000 ? ? 
r_chiral_restr         'X-RAY DIFFRACTION' 132  0.087  0.200  ? ? 
r_gen_planes_refined   'X-RAY DIFFRACTION' 997  0.007  0.020  ? ? 
r_gen_planes_other     'X-RAY DIFFRACTION' 186  0.001  0.020  ? ? 
r_mcbond_it            'X-RAY DIFFRACTION' 543  1.573  3.000  ? ? 
r_mcbond_other         'X-RAY DIFFRACTION' 225  0.306  3.000  ? ? 
r_mcangle_it           'X-RAY DIFFRACTION' 861  2.885  5.000  ? ? 
r_scbond_it            'X-RAY DIFFRACTION' 348  5.693  8.000  ? ? 
r_scangle_it           'X-RAY DIFFRACTION' 344  8.177  11.000 ? ? 
# 
_refine_ls_shell.d_res_high                       2.710 
_refine_ls_shell.d_res_low                        2.780 
_refine_ls_shell.pdbx_total_number_of_bins_used   20 
_refine_ls_shell.percent_reflns_obs               98.430 
_refine_ls_shell.number_reflns_R_work             363 
_refine_ls_shell.R_factor_all                     ? 
_refine_ls_shell.R_factor_R_work                  0.315 
_refine_ls_shell.R_factor_R_free                  0.472 
_refine_ls_shell.percent_reflns_R_free            ? 
_refine_ls_shell.number_reflns_R_free             13 
_refine_ls_shell.R_factor_R_free_error            ? 
_refine_ls_shell.number_reflns_all                376 
_refine_ls_shell.number_reflns_obs                ? 
_refine_ls_shell.redundancy_reflns_obs            ? 
_refine_ls_shell.pdbx_refine_id                   'X-RAY DIFFRACTION' 
# 
_struct.entry_id                  3K9I 
_struct.title                     
'Crystal structure of Putative protein binding protein (NP_241345.1) from Bacillus halodurans at 2.71 A resolution' 
_struct.pdbx_model_details        ? 
_struct.pdbx_CASP_flag            ? 
_struct.pdbx_model_type_details   ? 
# 
_struct_keywords.text            
;Putative protein binding protein, Structural Genomics, Joint Center for Structural Genomics, JCSG, Protein Structure Initiative, PSI-2, PROTEIN BINDING
;
_struct_keywords.pdbx_keywords   'PROTEIN BINDING' 
_struct_keywords.entry_id        3K9I 
# 
_struct_asym.id                            A 
_struct_asym.pdbx_blank_PDB_chainid_flag   N 
_struct_asym.pdbx_modified                 N 
_struct_asym.entity_id                     1 
_struct_asym.details                       ? 
# 
_struct_ref.id                         1 
_struct_ref.db_name                    UNP 
_struct_ref.db_code                    Q9KFK0_BACHD 
_struct_ref.pdbx_db_accession          Q9KFK0 
_struct_ref.entity_id                  1 
_struct_ref.pdbx_seq_one_letter_code   
;VLGLEAQAVPYYEKAIASGLQGKDLAECYLGLGSTFRTLGEYRKAEAVLANGVKQFPNHQALRVFYAMVLYNLGRYEQGV
ELLLKIIAETSDDETIQSYKQAILFYADKLDETWKA
;
_struct_ref.pdbx_align_begin           49 
_struct_ref.pdbx_db_isoform            ? 
# 
_struct_ref_seq.align_id                      1 
_struct_ref_seq.ref_id                        1 
_struct_ref_seq.pdbx_PDB_id_code              3K9I 
_struct_ref_seq.pdbx_strand_id                A 
_struct_ref_seq.seq_align_beg                 2 
_struct_ref_seq.pdbx_seq_align_beg_ins_code   ? 
_struct_ref_seq.seq_align_end                 117 
_struct_ref_seq.pdbx_seq_align_end_ins_code   ? 
_struct_ref_seq.pdbx_db_accession             Q9KFK0 
_struct_ref_seq.db_align_beg                  49 
_struct_ref_seq.pdbx_db_align_beg_ins_code    ? 
_struct_ref_seq.db_align_end                  164 
_struct_ref_seq.pdbx_db_align_end_ins_code    ? 
_struct_ref_seq.pdbx_auth_seq_align_beg       49 
_struct_ref_seq.pdbx_auth_seq_align_end       164 
# 
_struct_ref_seq_dif.align_id                     1 
_struct_ref_seq_dif.pdbx_pdb_id_code             3K9I 
_struct_ref_seq_dif.mon_id                       GLY 
_struct_ref_seq_dif.pdbx_pdb_strand_id           A 
_struct_ref_seq_dif.seq_num                      1 
_struct_ref_seq_dif.pdbx_pdb_ins_code            ? 
_struct_ref_seq_dif.pdbx_seq_db_name             UNP 
_struct_ref_seq_dif.pdbx_seq_db_accession_code   Q9KFK0 
_struct_ref_seq_dif.db_mon_id                    ? 
_struct_ref_seq_dif.pdbx_seq_db_seq_num          ? 
_struct_ref_seq_dif.details                      'expression tag' 
_struct_ref_seq_dif.pdbx_auth_seq_num            0 
_struct_ref_seq_dif.pdbx_ordinal                 1 
# 
_pdbx_struct_assembly.id                   1 
_pdbx_struct_assembly.details              author_and_software_defined_assembly 
_pdbx_struct_assembly.method_details       PISA 
_pdbx_struct_assembly.oligomeric_details   dimeric 
_pdbx_struct_assembly.oligomeric_count     2 
# 
loop_
_pdbx_struct_assembly_prop.biol_id 
_pdbx_struct_assembly_prop.type 
_pdbx_struct_assembly_prop.value 
_pdbx_struct_assembly_prop.details 
1 'ABSA (A^2)' 3760  ? 
1 MORE         -28   ? 
1 'SSA (A^2)'  10550 ? 
# 
_pdbx_struct_assembly_gen.assembly_id       1 
_pdbx_struct_assembly_gen.oper_expression   1,2 
_pdbx_struct_assembly_gen.asym_id_list      A 
# 
loop_
_pdbx_struct_oper_list.id 
_pdbx_struct_oper_list.type 
_pdbx_struct_oper_list.name 
_pdbx_struct_oper_list.symmetry_operation 
_pdbx_struct_oper_list.matrix[1][1] 
_pdbx_struct_oper_list.matrix[1][2] 
_pdbx_struct_oper_list.matrix[1][3] 
_pdbx_struct_oper_list.vector[1] 
_pdbx_struct_oper_list.matrix[2][1] 
_pdbx_struct_oper_list.matrix[2][2] 
_pdbx_struct_oper_list.matrix[2][3] 
_pdbx_struct_oper_list.vector[2] 
_pdbx_struct_oper_list.matrix[3][1] 
_pdbx_struct_oper_list.matrix[3][2] 
_pdbx_struct_oper_list.matrix[3][3] 
_pdbx_struct_oper_list.vector[3] 
1 'identity operation'         1_555  x,y,z            1.0000000000  0.0000000000 0.0000000000 0.0000000000 0.0000000000 1.0000000000 0.0000000000 0.0000000000 0.0000000000 0.0000000000 1.0000000000  0.0000000000   
2 'crystal symmetry operation' 10_664 -y+1,-x+1,-z-1/6 -0.9757605672 0.1967489526 0.0958183968 5.6232145402 0.1967489526 0.5969907650 0.7777479516 7.8528024354 0.0958183968 0.7777479516 -0.6212301978 -17.5470915898 
# 
_struct_biol.id        1 
_struct_biol.details   ? 
# 
loop_
_struct_conf.conf_type_id 
_struct_conf.id 
_struct_conf.pdbx_PDB_helix_id 
_struct_conf.beg_label_comp_id 
_struct_conf.beg_label_asym_id 
_struct_conf.beg_label_seq_id 
_struct_conf.pdbx_beg_PDB_ins_code 
_struct_conf.end_label_comp_id 
_struct_conf.end_label_asym_id 
_struct_conf.end_label_seq_id 
_struct_conf.pdbx_end_PDB_ins_code 
_struct_conf.beg_auth_comp_id 
_struct_conf.beg_auth_asym_id 
_struct_conf.beg_auth_seq_id 
_struct_conf.end_auth_comp_id 
_struct_conf.end_auth_asym_id 
_struct_conf.end_auth_seq_id 
_struct_conf.pdbx_PDB_helix_class 
_struct_conf.details 
_struct_conf.pdbx_PDB_helix_length 
HELX_P HELX_P1 1 ALA A 9   ? ALA A 18  ? ALA A 56  ALA A 65  1 ? 10 
HELX_P HELX_P2 2 GLN A 22  ? LEU A 40  ? GLN A 69  LEU A 87  1 ? 19 
HELX_P HELX_P3 3 GLU A 42  ? PHE A 57  ? GLU A 89  PHE A 104 1 ? 16 
HELX_P HELX_P4 4 HIS A 60  ? GLY A 75  ? HIS A 107 GLY A 122 1 ? 16 
HELX_P HELX_P5 5 ARG A 76  ? SER A 92  ? ARG A 123 SER A 139 1 ? 17 
HELX_P HELX_P6 6 ASP A 94  ? TYR A 100 ? ASP A 141 TYR A 147 1 ? 7  
HELX_P HELX_P7 7 TYR A 100 ? ALA A 108 ? TYR A 147 ALA A 155 1 ? 9  
# 
_struct_conf_type.id          HELX_P 
_struct_conf_type.criteria    ? 
_struct_conf_type.reference   ? 
# 
loop_
_struct_conn.id 
_struct_conn.conn_type_id 
_struct_conn.pdbx_leaving_atom_flag 
_struct_conn.pdbx_PDB_id 
_struct_conn.ptnr1_label_asym_id 
_struct_conn.ptnr1_label_comp_id 
_struct_conn.ptnr1_label_seq_id 
_struct_conn.ptnr1_label_atom_id 
_struct_conn.pdbx_ptnr1_label_alt_id 
_struct_conn.pdbx_ptnr1_PDB_ins_code 
_struct_conn.pdbx_ptnr1_standard_comp_id 
_struct_conn.ptnr1_symmetry 
_struct_conn.ptnr2_label_asym_id 
_struct_conn.ptnr2_label_comp_id 
_struct_conn.ptnr2_label_seq_id 
_struct_conn.ptnr2_label_atom_id 
_struct_conn.pdbx_ptnr2_label_alt_id 
_struct_conn.pdbx_ptnr2_PDB_ins_code 
_struct_conn.ptnr1_auth_asym_id 
_struct_conn.ptnr1_auth_comp_id 
_struct_conn.ptnr1_auth_seq_id 
_struct_conn.ptnr2_auth_asym_id 
_struct_conn.ptnr2_auth_comp_id 
_struct_conn.ptnr2_auth_seq_id 
_struct_conn.ptnr2_symmetry 
_struct_conn.pdbx_ptnr3_label_atom_id 
_struct_conn.pdbx_ptnr3_label_seq_id 
_struct_conn.pdbx_ptnr3_label_comp_id 
_struct_conn.pdbx_ptnr3_label_asym_id 
_struct_conn.pdbx_ptnr3_label_alt_id 
_struct_conn.pdbx_ptnr3_PDB_ins_code 
_struct_conn.details 
_struct_conn.pdbx_dist_value 
_struct_conn.pdbx_value_order 
_struct_conn.pdbx_role 
covale1 covale both ? A ALA 68 C ? ? ? 1_555 A MSE 69 N ? ? A ALA 115 A MSE 116 1_555 ? ? ? ? ? ? ? 1.340 ? ? 
covale2 covale both ? A MSE 69 C ? ? ? 1_555 A VAL 70 N ? ? A MSE 116 A VAL 117 1_555 ? ? ? ? ? ? ? 1.329 ? ? 
# 
_struct_conn_type.id          covale 
_struct_conn_type.criteria    ? 
_struct_conn_type.reference   ? 
# 
_pdbx_modification_feature.ordinal                            1 
_pdbx_modification_feature.label_comp_id                      MSE 
_pdbx_modification_feature.label_asym_id                      A 
_pdbx_modification_feature.label_seq_id                       69 
_pdbx_modification_feature.label_alt_id                       ? 
_pdbx_modification_feature.modified_residue_label_comp_id     . 
_pdbx_modification_feature.modified_residue_label_asym_id     . 
_pdbx_modification_feature.modified_residue_label_seq_id      . 
_pdbx_modification_feature.modified_residue_label_alt_id      . 
_pdbx_modification_feature.auth_comp_id                       MSE 
_pdbx_modification_feature.auth_asym_id                       A 
_pdbx_modification_feature.auth_seq_id                        116 
_pdbx_modification_feature.PDB_ins_code                       ? 
_pdbx_modification_feature.symmetry                           1_555 
_pdbx_modification_feature.modified_residue_auth_comp_id      . 
_pdbx_modification_feature.modified_residue_auth_asym_id      . 
_pdbx_modification_feature.modified_residue_auth_seq_id       . 
_pdbx_modification_feature.modified_residue_PDB_ins_code      . 
_pdbx_modification_feature.modified_residue_symmetry          . 
_pdbx_modification_feature.comp_id_linking_atom               . 
_pdbx_modification_feature.modified_residue_id_linking_atom   . 
_pdbx_modification_feature.modified_residue_id                MET 
_pdbx_modification_feature.ref_pcm_id                         1 
_pdbx_modification_feature.ref_comp_id                        MSE 
_pdbx_modification_feature.type                               Selenomethionine 
_pdbx_modification_feature.category                           'Named protein modification' 
# 
_pdbx_entry_details.entry_id                   3K9I 
_pdbx_entry_details.compound_details           ? 
_pdbx_entry_details.source_details             ? 
_pdbx_entry_details.nonpolymer_details         ? 
_pdbx_entry_details.sequence_details           
;THE CONSTRUCT (RESIDUES 49-164) WAS EXPRESSED WITH A PURIFICATION TAG MGSDKIHHHHHHENLYFQG. THE TAG WAS REMOVED WITH TEV PROTEASE LEAVING ONLY A GLYCINE (0) FOLLOWED BY THE TARGET SEQUENCE.
;
_pdbx_entry_details.has_ligand_of_interest     ? 
_pdbx_entry_details.has_protein_modification   Y 
# 
_pdbx_validate_rmsd_bond.id                        1 
_pdbx_validate_rmsd_bond.PDB_model_num             1 
_pdbx_validate_rmsd_bond.auth_atom_id_1            CB 
_pdbx_validate_rmsd_bond.auth_asym_id_1            A 
_pdbx_validate_rmsd_bond.auth_comp_id_1            TRP 
_pdbx_validate_rmsd_bond.auth_seq_id_1             162 
_pdbx_validate_rmsd_bond.PDB_ins_code_1            ? 
_pdbx_validate_rmsd_bond.label_alt_id_1            ? 
_pdbx_validate_rmsd_bond.auth_atom_id_2            CG 
_pdbx_validate_rmsd_bond.auth_asym_id_2            A 
_pdbx_validate_rmsd_bond.auth_comp_id_2            TRP 
_pdbx_validate_rmsd_bond.auth_seq_id_2             162 
_pdbx_validate_rmsd_bond.PDB_ins_code_2            ? 
_pdbx_validate_rmsd_bond.label_alt_id_2            ? 
_pdbx_validate_rmsd_bond.bond_value                1.635 
_pdbx_validate_rmsd_bond.bond_target_value         1.498 
_pdbx_validate_rmsd_bond.bond_deviation            0.137 
_pdbx_validate_rmsd_bond.bond_standard_deviation   0.018 
_pdbx_validate_rmsd_bond.linker_flag               N 
# 
loop_
_pdbx_validate_rmsd_angle.id 
_pdbx_validate_rmsd_angle.PDB_model_num 
_pdbx_validate_rmsd_angle.auth_atom_id_1 
_pdbx_validate_rmsd_angle.auth_asym_id_1 
_pdbx_validate_rmsd_angle.auth_comp_id_1 
_pdbx_validate_rmsd_angle.auth_seq_id_1 
_pdbx_validate_rmsd_angle.PDB_ins_code_1 
_pdbx_validate_rmsd_angle.label_alt_id_1 
_pdbx_validate_rmsd_angle.auth_atom_id_2 
_pdbx_validate_rmsd_angle.auth_asym_id_2 
_pdbx_validate_rmsd_angle.auth_comp_id_2 
_pdbx_validate_rmsd_angle.auth_seq_id_2 
_pdbx_validate_rmsd_angle.PDB_ins_code_2 
_pdbx_validate_rmsd_angle.label_alt_id_2 
_pdbx_validate_rmsd_angle.auth_atom_id_3 
_pdbx_validate_rmsd_angle.auth_asym_id_3 
_pdbx_validate_rmsd_angle.auth_comp_id_3 
_pdbx_validate_rmsd_angle.auth_seq_id_3 
_pdbx_validate_rmsd_angle.PDB_ins_code_3 
_pdbx_validate_rmsd_angle.label_alt_id_3 
_pdbx_validate_rmsd_angle.angle_value 
_pdbx_validate_rmsd_angle.angle_target_value 
_pdbx_validate_rmsd_angle.angle_deviation 
_pdbx_validate_rmsd_angle.angle_standard_deviation 
_pdbx_validate_rmsd_angle.linker_flag 
1 1 NE A ARG 85  ? ? CZ A ARG 85  ? ? NH2 A ARG 85  ? ? 116.44 120.30 -3.86 0.50 N 
2 1 CA A TRP 162 ? ? CB A TRP 162 ? ? CG  A TRP 162 ? ? 127.07 113.70 13.37 1.90 N 
# 
loop_
_pdbx_validate_torsion.id 
_pdbx_validate_torsion.PDB_model_num 
_pdbx_validate_torsion.auth_comp_id 
_pdbx_validate_torsion.auth_asym_id 
_pdbx_validate_torsion.auth_seq_id 
_pdbx_validate_torsion.PDB_ins_code 
_pdbx_validate_torsion.label_alt_id 
_pdbx_validate_torsion.phi 
_pdbx_validate_torsion.psi 
1 1 GLN A 55 ? ? -88.09  32.20   
2 1 ALA A 65 ? ? -65.95  68.30   
3 1 SER A 66 ? ? 172.64  148.61  
4 1 GLN A 69 ? ? -129.89 -157.61 
# 
_pdbx_SG_project.project_name          'PSI, Protein Structure Initiative' 
_pdbx_SG_project.full_name_of_center   'Joint Center for Structural Genomics' 
_pdbx_SG_project.id                    1 
_pdbx_SG_project.initial_of_center     JCSG 
# 
_pdbx_struct_mod_residue.id               1 
_pdbx_struct_mod_residue.label_asym_id    A 
_pdbx_struct_mod_residue.label_comp_id    MSE 
_pdbx_struct_mod_residue.label_seq_id     69 
_pdbx_struct_mod_residue.auth_asym_id     A 
_pdbx_struct_mod_residue.auth_comp_id     MSE 
_pdbx_struct_mod_residue.auth_seq_id      116 
_pdbx_struct_mod_residue.PDB_ins_code     ? 
_pdbx_struct_mod_residue.parent_comp_id   MET 
_pdbx_struct_mod_residue.details          SELENOMETHIONINE 
# 
_pdbx_refine_tls.pdbx_refine_id   'X-RAY DIFFRACTION' 
_pdbx_refine_tls.id               1 
_pdbx_refine_tls.details          ? 
_pdbx_refine_tls.method           refined 
_pdbx_refine_tls.origin_x         0.3654 
_pdbx_refine_tls.origin_y         0.2252 
_pdbx_refine_tls.origin_z         -0.0564 
_pdbx_refine_tls.T[1][1]          0.3712 
_pdbx_refine_tls.T[2][2]          0.1724 
_pdbx_refine_tls.T[3][3]          0.2879 
_pdbx_refine_tls.T[1][2]          -0.0718 
_pdbx_refine_tls.T[1][3]          -0.1865 
_pdbx_refine_tls.T[2][3]          0.0347 
_pdbx_refine_tls.L[1][1]          3.8554 
_pdbx_refine_tls.L[2][2]          2.8424 
_pdbx_refine_tls.L[3][3]          7.3727 
_pdbx_refine_tls.L[1][2]          0.9942 
_pdbx_refine_tls.L[1][3]          -1.9413 
_pdbx_refine_tls.L[2][3]          -2.7362 
_pdbx_refine_tls.S[1][1]          0.2771 
_pdbx_refine_tls.S[2][2]          -0.0830 
_pdbx_refine_tls.S[3][3]          -0.1940 
_pdbx_refine_tls.S[1][2]          -0.4391 
_pdbx_refine_tls.S[1][3]          -0.5429 
_pdbx_refine_tls.S[2][3]          -0.1452 
_pdbx_refine_tls.S[2][1]          -0.2648 
_pdbx_refine_tls.S[3][1]          1.0946 
_pdbx_refine_tls.S[3][2]          -0.0791 
# 
_pdbx_refine_tls_group.pdbx_refine_id      'X-RAY DIFFRACTION' 
_pdbx_refine_tls_group.id                  1 
_pdbx_refine_tls_group.refine_tls_id       1 
_pdbx_refine_tls_group.beg_auth_asym_id    A 
_pdbx_refine_tls_group.beg_auth_seq_id     54 
_pdbx_refine_tls_group.end_auth_asym_id    A 
_pdbx_refine_tls_group.end_auth_seq_id     163 
_pdbx_refine_tls_group.selection_details   ? 
_pdbx_refine_tls_group.beg_label_asym_id   . 
_pdbx_refine_tls_group.beg_label_seq_id    . 
_pdbx_refine_tls_group.end_label_asym_id   . 
_pdbx_refine_tls_group.end_label_seq_id    . 
_pdbx_refine_tls_group.selection           ? 
# 
_phasing.method   MAD 
# 
loop_
_pdbx_unobs_or_zero_occ_residues.id 
_pdbx_unobs_or_zero_occ_residues.PDB_model_num 
_pdbx_unobs_or_zero_occ_residues.polymer_flag 
_pdbx_unobs_or_zero_occ_residues.occupancy_flag 
_pdbx_unobs_or_zero_occ_residues.auth_asym_id 
_pdbx_unobs_or_zero_occ_residues.auth_comp_id 
_pdbx_unobs_or_zero_occ_residues.auth_seq_id 
_pdbx_unobs_or_zero_occ_residues.PDB_ins_code 
_pdbx_unobs_or_zero_occ_residues.label_asym_id 
_pdbx_unobs_or_zero_occ_residues.label_comp_id 
_pdbx_unobs_or_zero_occ_residues.label_seq_id 
1 1 Y 1 A GLY 0   ? A GLY 1   
2 1 Y 1 A VAL 49  ? A VAL 2   
3 1 Y 1 A LEU 50  ? A LEU 3   
4 1 Y 1 A GLY 51  ? A GLY 4   
5 1 Y 1 A LEU 52  ? A LEU 5   
6 1 Y 1 A GLU 53  ? A GLU 6   
7 1 Y 1 A ALA 164 ? A ALA 117 
# 
loop_
_chem_comp_atom.comp_id 
_chem_comp_atom.atom_id 
_chem_comp_atom.type_symbol 
_chem_comp_atom.pdbx_aromatic_flag 
_chem_comp_atom.pdbx_stereo_config 
_chem_comp_atom.pdbx_ordinal 
ALA N    N  N N 1   
ALA CA   C  N S 2   
ALA C    C  N N 3   
ALA O    O  N N 4   
ALA CB   C  N N 5   
ALA OXT  O  N N 6   
ALA H    H  N N 7   
ALA H2   H  N N 8   
ALA HA   H  N N 9   
ALA HB1  H  N N 10  
ALA HB2  H  N N 11  
ALA HB3  H  N N 12  
ALA HXT  H  N N 13  
ARG N    N  N N 14  
ARG CA   C  N S 15  
ARG C    C  N N 16  
ARG O    O  N N 17  
ARG CB   C  N N 18  
ARG CG   C  N N 19  
ARG CD   C  N N 20  
ARG NE   N  N N 21  
ARG CZ   C  N N 22  
ARG NH1  N  N N 23  
ARG NH2  N  N N 24  
ARG OXT  O  N N 25  
ARG H    H  N N 26  
ARG H2   H  N N 27  
ARG HA   H  N N 28  
ARG HB2  H  N N 29  
ARG HB3  H  N N 30  
ARG HG2  H  N N 31  
ARG HG3  H  N N 32  
ARG HD2  H  N N 33  
ARG HD3  H  N N 34  
ARG HE   H  N N 35  
ARG HH11 H  N N 36  
ARG HH12 H  N N 37  
ARG HH21 H  N N 38  
ARG HH22 H  N N 39  
ARG HXT  H  N N 40  
ASN N    N  N N 41  
ASN CA   C  N S 42  
ASN C    C  N N 43  
ASN O    O  N N 44  
ASN CB   C  N N 45  
ASN CG   C  N N 46  
ASN OD1  O  N N 47  
ASN ND2  N  N N 48  
ASN OXT  O  N N 49  
ASN H    H  N N 50  
ASN H2   H  N N 51  
ASN HA   H  N N 52  
ASN HB2  H  N N 53  
ASN HB3  H  N N 54  
ASN HD21 H  N N 55  
ASN HD22 H  N N 56  
ASN HXT  H  N N 57  
ASP N    N  N N 58  
ASP CA   C  N S 59  
ASP C    C  N N 60  
ASP O    O  N N 61  
ASP CB   C  N N 62  
ASP CG   C  N N 63  
ASP OD1  O  N N 64  
ASP OD2  O  N N 65  
ASP OXT  O  N N 66  
ASP H    H  N N 67  
ASP H2   H  N N 68  
ASP HA   H  N N 69  
ASP HB2  H  N N 70  
ASP HB3  H  N N 71  
ASP HD2  H  N N 72  
ASP HXT  H  N N 73  
CYS N    N  N N 74  
CYS CA   C  N R 75  
CYS C    C  N N 76  
CYS O    O  N N 77  
CYS CB   C  N N 78  
CYS SG   S  N N 79  
CYS OXT  O  N N 80  
CYS H    H  N N 81  
CYS H2   H  N N 82  
CYS HA   H  N N 83  
CYS HB2  H  N N 84  
CYS HB3  H  N N 85  
CYS HG   H  N N 86  
CYS HXT  H  N N 87  
GLN N    N  N N 88  
GLN CA   C  N S 89  
GLN C    C  N N 90  
GLN O    O  N N 91  
GLN CB   C  N N 92  
GLN CG   C  N N 93  
GLN CD   C  N N 94  
GLN OE1  O  N N 95  
GLN NE2  N  N N 96  
GLN OXT  O  N N 97  
GLN H    H  N N 98  
GLN H2   H  N N 99  
GLN HA   H  N N 100 
GLN HB2  H  N N 101 
GLN HB3  H  N N 102 
GLN HG2  H  N N 103 
GLN HG3  H  N N 104 
GLN HE21 H  N N 105 
GLN HE22 H  N N 106 
GLN HXT  H  N N 107 
GLU N    N  N N 108 
GLU CA   C  N S 109 
GLU C    C  N N 110 
GLU O    O  N N 111 
GLU CB   C  N N 112 
GLU CG   C  N N 113 
GLU CD   C  N N 114 
GLU OE1  O  N N 115 
GLU OE2  O  N N 116 
GLU OXT  O  N N 117 
GLU H    H  N N 118 
GLU H2   H  N N 119 
GLU HA   H  N N 120 
GLU HB2  H  N N 121 
GLU HB3  H  N N 122 
GLU HG2  H  N N 123 
GLU HG3  H  N N 124 
GLU HE2  H  N N 125 
GLU HXT  H  N N 126 
GLY N    N  N N 127 
GLY CA   C  N N 128 
GLY C    C  N N 129 
GLY O    O  N N 130 
GLY OXT  O  N N 131 
GLY H    H  N N 132 
GLY H2   H  N N 133 
GLY HA2  H  N N 134 
GLY HA3  H  N N 135 
GLY HXT  H  N N 136 
HIS N    N  N N 137 
HIS CA   C  N S 138 
HIS C    C  N N 139 
HIS O    O  N N 140 
HIS CB   C  N N 141 
HIS CG   C  Y N 142 
HIS ND1  N  Y N 143 
HIS CD2  C  Y N 144 
HIS CE1  C  Y N 145 
HIS NE2  N  Y N 146 
HIS OXT  O  N N 147 
HIS H    H  N N 148 
HIS H2   H  N N 149 
HIS HA   H  N N 150 
HIS HB2  H  N N 151 
HIS HB3  H  N N 152 
HIS HD1  H  N N 153 
HIS HD2  H  N N 154 
HIS HE1  H  N N 155 
HIS HE2  H  N N 156 
HIS HXT  H  N N 157 
ILE N    N  N N 158 
ILE CA   C  N S 159 
ILE C    C  N N 160 
ILE O    O  N N 161 
ILE CB   C  N S 162 
ILE CG1  C  N N 163 
ILE CG2  C  N N 164 
ILE CD1  C  N N 165 
ILE OXT  O  N N 166 
ILE H    H  N N 167 
ILE H2   H  N N 168 
ILE HA   H  N N 169 
ILE HB   H  N N 170 
ILE HG12 H  N N 171 
ILE HG13 H  N N 172 
ILE HG21 H  N N 173 
ILE HG22 H  N N 174 
ILE HG23 H  N N 175 
ILE HD11 H  N N 176 
ILE HD12 H  N N 177 
ILE HD13 H  N N 178 
ILE HXT  H  N N 179 
LEU N    N  N N 180 
LEU CA   C  N S 181 
LEU C    C  N N 182 
LEU O    O  N N 183 
LEU CB   C  N N 184 
LEU CG   C  N N 185 
LEU CD1  C  N N 186 
LEU CD2  C  N N 187 
LEU OXT  O  N N 188 
LEU H    H  N N 189 
LEU H2   H  N N 190 
LEU HA   H  N N 191 
LEU HB2  H  N N 192 
LEU HB3  H  N N 193 
LEU HG   H  N N 194 
LEU HD11 H  N N 195 
LEU HD12 H  N N 196 
LEU HD13 H  N N 197 
LEU HD21 H  N N 198 
LEU HD22 H  N N 199 
LEU HD23 H  N N 200 
LEU HXT  H  N N 201 
LYS N    N  N N 202 
LYS CA   C  N S 203 
LYS C    C  N N 204 
LYS O    O  N N 205 
LYS CB   C  N N 206 
LYS CG   C  N N 207 
LYS CD   C  N N 208 
LYS CE   C  N N 209 
LYS NZ   N  N N 210 
LYS OXT  O  N N 211 
LYS H    H  N N 212 
LYS H2   H  N N 213 
LYS HA   H  N N 214 
LYS HB2  H  N N 215 
LYS HB3  H  N N 216 
LYS HG2  H  N N 217 
LYS HG3  H  N N 218 
LYS HD2  H  N N 219 
LYS HD3  H  N N 220 
LYS HE2  H  N N 221 
LYS HE3  H  N N 222 
LYS HZ1  H  N N 223 
LYS HZ2  H  N N 224 
LYS HZ3  H  N N 225 
LYS HXT  H  N N 226 
MSE N    N  N N 227 
MSE CA   C  N S 228 
MSE C    C  N N 229 
MSE O    O  N N 230 
MSE OXT  O  N N 231 
MSE CB   C  N N 232 
MSE CG   C  N N 233 
MSE SE   SE N N 234 
MSE CE   C  N N 235 
MSE H    H  N N 236 
MSE H2   H  N N 237 
MSE HA   H  N N 238 
MSE HXT  H  N N 239 
MSE HB2  H  N N 240 
MSE HB3  H  N N 241 
MSE HG2  H  N N 242 
MSE HG3  H  N N 243 
MSE HE1  H  N N 244 
MSE HE2  H  N N 245 
MSE HE3  H  N N 246 
PHE N    N  N N 247 
PHE CA   C  N S 248 
PHE C    C  N N 249 
PHE O    O  N N 250 
PHE CB   C  N N 251 
PHE CG   C  Y N 252 
PHE CD1  C  Y N 253 
PHE CD2  C  Y N 254 
PHE CE1  C  Y N 255 
PHE CE2  C  Y N 256 
PHE CZ   C  Y N 257 
PHE OXT  O  N N 258 
PHE H    H  N N 259 
PHE H2   H  N N 260 
PHE HA   H  N N 261 
PHE HB2  H  N N 262 
PHE HB3  H  N N 263 
PHE HD1  H  N N 264 
PHE HD2  H  N N 265 
PHE HE1  H  N N 266 
PHE HE2  H  N N 267 
PHE HZ   H  N N 268 
PHE HXT  H  N N 269 
PRO N    N  N N 270 
PRO CA   C  N S 271 
PRO C    C  N N 272 
PRO O    O  N N 273 
PRO CB   C  N N 274 
PRO CG   C  N N 275 
PRO CD   C  N N 276 
PRO OXT  O  N N 277 
PRO H    H  N N 278 
PRO HA   H  N N 279 
PRO HB2  H  N N 280 
PRO HB3  H  N N 281 
PRO HG2  H  N N 282 
PRO HG3  H  N N 283 
PRO HD2  H  N N 284 
PRO HD3  H  N N 285 
PRO HXT  H  N N 286 
SER N    N  N N 287 
SER CA   C  N S 288 
SER C    C  N N 289 
SER O    O  N N 290 
SER CB   C  N N 291 
SER OG   O  N N 292 
SER OXT  O  N N 293 
SER H    H  N N 294 
SER H2   H  N N 295 
SER HA   H  N N 296 
SER HB2  H  N N 297 
SER HB3  H  N N 298 
SER HG   H  N N 299 
SER HXT  H  N N 300 
THR N    N  N N 301 
THR CA   C  N S 302 
THR C    C  N N 303 
THR O    O  N N 304 
THR CB   C  N R 305 
THR OG1  O  N N 306 
THR CG2  C  N N 307 
THR OXT  O  N N 308 
THR H    H  N N 309 
THR H2   H  N N 310 
THR HA   H  N N 311 
THR HB   H  N N 312 
THR HG1  H  N N 313 
THR HG21 H  N N 314 
THR HG22 H  N N 315 
THR HG23 H  N N 316 
THR HXT  H  N N 317 
TRP N    N  N N 318 
TRP CA   C  N S 319 
TRP C    C  N N 320 
TRP O    O  N N 321 
TRP CB   C  N N 322 
TRP CG   C  Y N 323 
TRP CD1  C  Y N 324 
TRP CD2  C  Y N 325 
TRP NE1  N  Y N 326 
TRP CE2  C  Y N 327 
TRP CE3  C  Y N 328 
TRP CZ2  C  Y N 329 
TRP CZ3  C  Y N 330 
TRP CH2  C  Y N 331 
TRP OXT  O  N N 332 
TRP H    H  N N 333 
TRP H2   H  N N 334 
TRP HA   H  N N 335 
TRP HB2  H  N N 336 
TRP HB3  H  N N 337 
TRP HD1  H  N N 338 
TRP HE1  H  N N 339 
TRP HE3  H  N N 340 
TRP HZ2  H  N N 341 
TRP HZ3  H  N N 342 
TRP HH2  H  N N 343 
TRP HXT  H  N N 344 
TYR N    N  N N 345 
TYR CA   C  N S 346 
TYR C    C  N N 347 
TYR O    O  N N 348 
TYR CB   C  N N 349 
TYR CG   C  Y N 350 
TYR CD1  C  Y N 351 
TYR CD2  C  Y N 352 
TYR CE1  C  Y N 353 
TYR CE2  C  Y N 354 
TYR CZ   C  Y N 355 
TYR OH   O  N N 356 
TYR OXT  O  N N 357 
TYR H    H  N N 358 
TYR H2   H  N N 359 
TYR HA   H  N N 360 
TYR HB2  H  N N 361 
TYR HB3  H  N N 362 
TYR HD1  H  N N 363 
TYR HD2  H  N N 364 
TYR HE1  H  N N 365 
TYR HE2  H  N N 366 
TYR HH   H  N N 367 
TYR HXT  H  N N 368 
VAL N    N  N N 369 
VAL CA   C  N S 370 
VAL C    C  N N 371 
VAL O    O  N N 372 
VAL CB   C  N N 373 
VAL CG1  C  N N 374 
VAL CG2  C  N N 375 
VAL OXT  O  N N 376 
VAL H    H  N N 377 
VAL H2   H  N N 378 
VAL HA   H  N N 379 
VAL HB   H  N N 380 
VAL HG11 H  N N 381 
VAL HG12 H  N N 382 
VAL HG13 H  N N 383 
VAL HG21 H  N N 384 
VAL HG22 H  N N 385 
VAL HG23 H  N N 386 
VAL HXT  H  N N 387 
# 
loop_
_chem_comp_bond.comp_id 
_chem_comp_bond.atom_id_1 
_chem_comp_bond.atom_id_2 
_chem_comp_bond.value_order 
_chem_comp_bond.pdbx_aromatic_flag 
_chem_comp_bond.pdbx_stereo_config 
_chem_comp_bond.pdbx_ordinal 
ALA N   CA   sing N N 1   
ALA N   H    sing N N 2   
ALA N   H2   sing N N 3   
ALA CA  C    sing N N 4   
ALA CA  CB   sing N N 5   
ALA CA  HA   sing N N 6   
ALA C   O    doub N N 7   
ALA C   OXT  sing N N 8   
ALA CB  HB1  sing N N 9   
ALA CB  HB2  sing N N 10  
ALA CB  HB3  sing N N 11  
ALA OXT HXT  sing N N 12  
ARG N   CA   sing N N 13  
ARG N   H    sing N N 14  
ARG N   H2   sing N N 15  
ARG CA  C    sing N N 16  
ARG CA  CB   sing N N 17  
ARG CA  HA   sing N N 18  
ARG C   O    doub N N 19  
ARG C   OXT  sing N N 20  
ARG CB  CG   sing N N 21  
ARG CB  HB2  sing N N 22  
ARG CB  HB3  sing N N 23  
ARG CG  CD   sing N N 24  
ARG CG  HG2  sing N N 25  
ARG CG  HG3  sing N N 26  
ARG CD  NE   sing N N 27  
ARG CD  HD2  sing N N 28  
ARG CD  HD3  sing N N 29  
ARG NE  CZ   sing N N 30  
ARG NE  HE   sing N N 31  
ARG CZ  NH1  sing N N 32  
ARG CZ  NH2  doub N N 33  
ARG NH1 HH11 sing N N 34  
ARG NH1 HH12 sing N N 35  
ARG NH2 HH21 sing N N 36  
ARG NH2 HH22 sing N N 37  
ARG OXT HXT  sing N N 38  
ASN N   CA   sing N N 39  
ASN N   H    sing N N 40  
ASN N   H2   sing N N 41  
ASN CA  C    sing N N 42  
ASN CA  CB   sing N N 43  
ASN CA  HA   sing N N 44  
ASN C   O    doub N N 45  
ASN C   OXT  sing N N 46  
ASN CB  CG   sing N N 47  
ASN CB  HB2  sing N N 48  
ASN CB  HB3  sing N N 49  
ASN CG  OD1  doub N N 50  
ASN CG  ND2  sing N N 51  
ASN ND2 HD21 sing N N 52  
ASN ND2 HD22 sing N N 53  
ASN OXT HXT  sing N N 54  
ASP N   CA   sing N N 55  
ASP N   H    sing N N 56  
ASP N   H2   sing N N 57  
ASP CA  C    sing N N 58  
ASP CA  CB   sing N N 59  
ASP CA  HA   sing N N 60  
ASP C   O    doub N N 61  
ASP C   OXT  sing N N 62  
ASP CB  CG   sing N N 63  
ASP CB  HB2  sing N N 64  
ASP CB  HB3  sing N N 65  
ASP CG  OD1  doub N N 66  
ASP CG  OD2  sing N N 67  
ASP OD2 HD2  sing N N 68  
ASP OXT HXT  sing N N 69  
CYS N   CA   sing N N 70  
CYS N   H    sing N N 71  
CYS N   H2   sing N N 72  
CYS CA  C    sing N N 73  
CYS CA  CB   sing N N 74  
CYS CA  HA   sing N N 75  
CYS C   O    doub N N 76  
CYS C   OXT  sing N N 77  
CYS CB  SG   sing N N 78  
CYS CB  HB2  sing N N 79  
CYS CB  HB3  sing N N 80  
CYS SG  HG   sing N N 81  
CYS OXT HXT  sing N N 82  
GLN N   CA   sing N N 83  
GLN N   H    sing N N 84  
GLN N   H2   sing N N 85  
GLN CA  C    sing N N 86  
GLN CA  CB   sing N N 87  
GLN CA  HA   sing N N 88  
GLN C   O    doub N N 89  
GLN C   OXT  sing N N 90  
GLN CB  CG   sing N N 91  
GLN CB  HB2  sing N N 92  
GLN CB  HB3  sing N N 93  
GLN CG  CD   sing N N 94  
GLN CG  HG2  sing N N 95  
GLN CG  HG3  sing N N 96  
GLN CD  OE1  doub N N 97  
GLN CD  NE2  sing N N 98  
GLN NE2 HE21 sing N N 99  
GLN NE2 HE22 sing N N 100 
GLN OXT HXT  sing N N 101 
GLU N   CA   sing N N 102 
GLU N   H    sing N N 103 
GLU N   H2   sing N N 104 
GLU CA  C    sing N N 105 
GLU CA  CB   sing N N 106 
GLU CA  HA   sing N N 107 
GLU C   O    doub N N 108 
GLU C   OXT  sing N N 109 
GLU CB  CG   sing N N 110 
GLU CB  HB2  sing N N 111 
GLU CB  HB3  sing N N 112 
GLU CG  CD   sing N N 113 
GLU CG  HG2  sing N N 114 
GLU CG  HG3  sing N N 115 
GLU CD  OE1  doub N N 116 
GLU CD  OE2  sing N N 117 
GLU OE2 HE2  sing N N 118 
GLU OXT HXT  sing N N 119 
GLY N   CA   sing N N 120 
GLY N   H    sing N N 121 
GLY N   H2   sing N N 122 
GLY CA  C    sing N N 123 
GLY CA  HA2  sing N N 124 
GLY CA  HA3  sing N N 125 
GLY C   O    doub N N 126 
GLY C   OXT  sing N N 127 
GLY OXT HXT  sing N N 128 
HIS N   CA   sing N N 129 
HIS N   H    sing N N 130 
HIS N   H2   sing N N 131 
HIS CA  C    sing N N 132 
HIS CA  CB   sing N N 133 
HIS CA  HA   sing N N 134 
HIS C   O    doub N N 135 
HIS C   OXT  sing N N 136 
HIS CB  CG   sing N N 137 
HIS CB  HB2  sing N N 138 
HIS CB  HB3  sing N N 139 
HIS CG  ND1  sing Y N 140 
HIS CG  CD2  doub Y N 141 
HIS ND1 CE1  doub Y N 142 
HIS ND1 HD1  sing N N 143 
HIS CD2 NE2  sing Y N 144 
HIS CD2 HD2  sing N N 145 
HIS CE1 NE2  sing Y N 146 
HIS CE1 HE1  sing N N 147 
HIS NE2 HE2  sing N N 148 
HIS OXT HXT  sing N N 149 
ILE N   CA   sing N N 150 
ILE N   H    sing N N 151 
ILE N   H2   sing N N 152 
ILE CA  C    sing N N 153 
ILE CA  CB   sing N N 154 
ILE CA  HA   sing N N 155 
ILE C   O    doub N N 156 
ILE C   OXT  sing N N 157 
ILE CB  CG1  sing N N 158 
ILE CB  CG2  sing N N 159 
ILE CB  HB   sing N N 160 
ILE CG1 CD1  sing N N 161 
ILE CG1 HG12 sing N N 162 
ILE CG1 HG13 sing N N 163 
ILE CG2 HG21 sing N N 164 
ILE CG2 HG22 sing N N 165 
ILE CG2 HG23 sing N N 166 
ILE CD1 HD11 sing N N 167 
ILE CD1 HD12 sing N N 168 
ILE CD1 HD13 sing N N 169 
ILE OXT HXT  sing N N 170 
LEU N   CA   sing N N 171 
LEU N   H    sing N N 172 
LEU N   H2   sing N N 173 
LEU CA  C    sing N N 174 
LEU CA  CB   sing N N 175 
LEU CA  HA   sing N N 176 
LEU C   O    doub N N 177 
LEU C   OXT  sing N N 178 
LEU CB  CG   sing N N 179 
LEU CB  HB2  sing N N 180 
LEU CB  HB3  sing N N 181 
LEU CG  CD1  sing N N 182 
LEU CG  CD2  sing N N 183 
LEU CG  HG   sing N N 184 
LEU CD1 HD11 sing N N 185 
LEU CD1 HD12 sing N N 186 
LEU CD1 HD13 sing N N 187 
LEU CD2 HD21 sing N N 188 
LEU CD2 HD22 sing N N 189 
LEU CD2 HD23 sing N N 190 
LEU OXT HXT  sing N N 191 
LYS N   CA   sing N N 192 
LYS N   H    sing N N 193 
LYS N   H2   sing N N 194 
LYS CA  C    sing N N 195 
LYS CA  CB   sing N N 196 
LYS CA  HA   sing N N 197 
LYS C   O    doub N N 198 
LYS C   OXT  sing N N 199 
LYS CB  CG   sing N N 200 
LYS CB  HB2  sing N N 201 
LYS CB  HB3  sing N N 202 
LYS CG  CD   sing N N 203 
LYS CG  HG2  sing N N 204 
LYS CG  HG3  sing N N 205 
LYS CD  CE   sing N N 206 
LYS CD  HD2  sing N N 207 
LYS CD  HD3  sing N N 208 
LYS CE  NZ   sing N N 209 
LYS CE  HE2  sing N N 210 
LYS CE  HE3  sing N N 211 
LYS NZ  HZ1  sing N N 212 
LYS NZ  HZ2  sing N N 213 
LYS NZ  HZ3  sing N N 214 
LYS OXT HXT  sing N N 215 
MSE N   CA   sing N N 216 
MSE N   H    sing N N 217 
MSE N   H2   sing N N 218 
MSE CA  C    sing N N 219 
MSE CA  CB   sing N N 220 
MSE CA  HA   sing N N 221 
MSE C   O    doub N N 222 
MSE C   OXT  sing N N 223 
MSE OXT HXT  sing N N 224 
MSE CB  CG   sing N N 225 
MSE CB  HB2  sing N N 226 
MSE CB  HB3  sing N N 227 
MSE CG  SE   sing N N 228 
MSE CG  HG2  sing N N 229 
MSE CG  HG3  sing N N 230 
MSE SE  CE   sing N N 231 
MSE CE  HE1  sing N N 232 
MSE CE  HE2  sing N N 233 
MSE CE  HE3  sing N N 234 
PHE N   CA   sing N N 235 
PHE N   H    sing N N 236 
PHE N   H2   sing N N 237 
PHE CA  C    sing N N 238 
PHE CA  CB   sing N N 239 
PHE CA  HA   sing N N 240 
PHE C   O    doub N N 241 
PHE C   OXT  sing N N 242 
PHE CB  CG   sing N N 243 
PHE CB  HB2  sing N N 244 
PHE CB  HB3  sing N N 245 
PHE CG  CD1  doub Y N 246 
PHE CG  CD2  sing Y N 247 
PHE CD1 CE1  sing Y N 248 
PHE CD1 HD1  sing N N 249 
PHE CD2 CE2  doub Y N 250 
PHE CD2 HD2  sing N N 251 
PHE CE1 CZ   doub Y N 252 
PHE CE1 HE1  sing N N 253 
PHE CE2 CZ   sing Y N 254 
PHE CE2 HE2  sing N N 255 
PHE CZ  HZ   sing N N 256 
PHE OXT HXT  sing N N 257 
PRO N   CA   sing N N 258 
PRO N   CD   sing N N 259 
PRO N   H    sing N N 260 
PRO CA  C    sing N N 261 
PRO CA  CB   sing N N 262 
PRO CA  HA   sing N N 263 
PRO C   O    doub N N 264 
PRO C   OXT  sing N N 265 
PRO CB  CG   sing N N 266 
PRO CB  HB2  sing N N 267 
PRO CB  HB3  sing N N 268 
PRO CG  CD   sing N N 269 
PRO CG  HG2  sing N N 270 
PRO CG  HG3  sing N N 271 
PRO CD  HD2  sing N N 272 
PRO CD  HD3  sing N N 273 
PRO OXT HXT  sing N N 274 
SER N   CA   sing N N 275 
SER N   H    sing N N 276 
SER N   H2   sing N N 277 
SER CA  C    sing N N 278 
SER CA  CB   sing N N 279 
SER CA  HA   sing N N 280 
SER C   O    doub N N 281 
SER C   OXT  sing N N 282 
SER CB  OG   sing N N 283 
SER CB  HB2  sing N N 284 
SER CB  HB3  sing N N 285 
SER OG  HG   sing N N 286 
SER OXT HXT  sing N N 287 
THR N   CA   sing N N 288 
THR N   H    sing N N 289 
THR N   H2   sing N N 290 
THR CA  C    sing N N 291 
THR CA  CB   sing N N 292 
THR CA  HA   sing N N 293 
THR C   O    doub N N 294 
THR C   OXT  sing N N 295 
THR CB  OG1  sing N N 296 
THR CB  CG2  sing N N 297 
THR CB  HB   sing N N 298 
THR OG1 HG1  sing N N 299 
THR CG2 HG21 sing N N 300 
THR CG2 HG22 sing N N 301 
THR CG2 HG23 sing N N 302 
THR OXT HXT  sing N N 303 
TRP N   CA   sing N N 304 
TRP N   H    sing N N 305 
TRP N   H2   sing N N 306 
TRP CA  C    sing N N 307 
TRP CA  CB   sing N N 308 
TRP CA  HA   sing N N 309 
TRP C   O    doub N N 310 
TRP C   OXT  sing N N 311 
TRP CB  CG   sing N N 312 
TRP CB  HB2  sing N N 313 
TRP CB  HB3  sing N N 314 
TRP CG  CD1  doub Y N 315 
TRP CG  CD2  sing Y N 316 
TRP CD1 NE1  sing Y N 317 
TRP CD1 HD1  sing N N 318 
TRP CD2 CE2  doub Y N 319 
TRP CD2 CE3  sing Y N 320 
TRP NE1 CE2  sing Y N 321 
TRP NE1 HE1  sing N N 322 
TRP CE2 CZ2  sing Y N 323 
TRP CE3 CZ3  doub Y N 324 
TRP CE3 HE3  sing N N 325 
TRP CZ2 CH2  doub Y N 326 
TRP CZ2 HZ2  sing N N 327 
TRP CZ3 CH2  sing Y N 328 
TRP CZ3 HZ3  sing N N 329 
TRP CH2 HH2  sing N N 330 
TRP OXT HXT  sing N N 331 
TYR N   CA   sing N N 332 
TYR N   H    sing N N 333 
TYR N   H2   sing N N 334 
TYR CA  C    sing N N 335 
TYR CA  CB   sing N N 336 
TYR CA  HA   sing N N 337 
TYR C   O    doub N N 338 
TYR C   OXT  sing N N 339 
TYR CB  CG   sing N N 340 
TYR CB  HB2  sing N N 341 
TYR CB  HB3  sing N N 342 
TYR CG  CD1  doub Y N 343 
TYR CG  CD2  sing Y N 344 
TYR CD1 CE1  sing Y N 345 
TYR CD1 HD1  sing N N 346 
TYR CD2 CE2  doub Y N 347 
TYR CD2 HD2  sing N N 348 
TYR CE1 CZ   doub Y N 349 
TYR CE1 HE1  sing N N 350 
TYR CE2 CZ   sing Y N 351 
TYR CE2 HE2  sing N N 352 
TYR CZ  OH   sing N N 353 
TYR OH  HH   sing N N 354 
TYR OXT HXT  sing N N 355 
VAL N   CA   sing N N 356 
VAL N   H    sing N N 357 
VAL N   H2   sing N N 358 
VAL CA  C    sing N N 359 
VAL CA  CB   sing N N 360 
VAL CA  HA   sing N N 361 
VAL C   O    doub N N 362 
VAL C   OXT  sing N N 363 
VAL CB  CG1  sing N N 364 
VAL CB  CG2  sing N N 365 
VAL CB  HB   sing N N 366 
VAL CG1 HG11 sing N N 367 
VAL CG1 HG12 sing N N 368 
VAL CG1 HG13 sing N N 369 
VAL CG2 HG21 sing N N 370 
VAL CG2 HG22 sing N N 371 
VAL CG2 HG23 sing N N 372 
VAL OXT HXT  sing N N 373 
# 
_atom_sites.entry_id                    3K9I 
_atom_sites.fract_transf_matrix[1][1]   -0.01257809 
_atom_sites.fract_transf_matrix[1][2]   0.00886868 
_atom_sites.fract_transf_matrix[1][3]   0.00298452 
_atom_sites.fract_transf_matrix[2][1]   -0.01430429 
_atom_sites.fract_transf_matrix[2][2]   -0.00514049 
_atom_sites.fract_transf_matrix[2][3]   -0.00383809 
_atom_sites.fract_transf_matrix[3][1]   -0.00075834 
_atom_sites.fract_transf_matrix[3][2]   -0.00368961 
_atom_sites.fract_transf_matrix[3][3]   0.00776791 
_atom_sites.fract_transf_vector[1]      0.301550 
_atom_sites.fract_transf_vector[2]      0.751884 
_atom_sites.fract_transf_vector[3]      0.001435 
# 
loop_
_atom_type.symbol 
C  
N  
O  
S  
SE 
# 
loop_
_atom_site.group_PDB 
_atom_site.id 
_atom_site.type_symbol 
_atom_site.label_atom_id 
_atom_site.label_alt_id 
_atom_site.label_comp_id 
_atom_site.label_asym_id 
_atom_site.label_entity_id 
_atom_site.label_seq_id 
_atom_site.pdbx_PDB_ins_code 
_atom_site.Cartn_x 
_atom_site.Cartn_y 
_atom_site.Cartn_z 
_atom_site.occupancy 
_atom_site.B_iso_or_equiv 
_atom_site.pdbx_formal_charge 
_atom_site.auth_seq_id 
_atom_site.auth_comp_id 
_atom_site.auth_asym_id 
_atom_site.auth_atom_id 
_atom_site.pdbx_PDB_model_num 
ATOM   1   N  N   . ALA A 1 7   ? -18.593 5.723   4.407   1.00 50.64 ? 54  ALA A N   1 
ATOM   2   C  CA  . ALA A 1 7   ? -18.849 4.360   4.917   1.00 52.14 ? 54  ALA A CA  1 
ATOM   3   C  C   . ALA A 1 7   ? -18.992 4.308   6.479   1.00 52.51 ? 54  ALA A C   1 
ATOM   4   O  O   . ALA A 1 7   ? -18.145 4.835   7.225   1.00 49.26 ? 54  ALA A O   1 
ATOM   5   C  CB  . ALA A 1 7   ? -17.739 3.393   4.404   1.00 50.82 ? 54  ALA A CB  1 
ATOM   6   N  N   . GLN A 1 8   ? -20.080 3.663   6.953   1.00 53.02 ? 55  GLN A N   1 
ATOM   7   C  CA  . GLN A 1 8   ? -20.298 3.324   8.401   1.00 51.62 ? 55  GLN A CA  1 
ATOM   8   C  C   . GLN A 1 8   ? -19.648 1.948   8.674   1.00 49.59 ? 55  GLN A C   1 
ATOM   9   O  O   . GLN A 1 8   ? -20.112 1.155   9.506   1.00 46.03 ? 55  GLN A O   1 
ATOM   10  C  CB  . GLN A 1 8   ? -21.812 3.261   8.770   1.00 51.91 ? 55  GLN A CB  1 
ATOM   11  C  CG  . GLN A 1 8   ? -22.654 4.520   8.493   1.00 44.97 ? 55  GLN A CG  1 
ATOM   12  C  CD  . GLN A 1 8   ? -22.974 4.700   7.023   1.00 40.90 ? 55  GLN A CD  1 
ATOM   13  O  OE1 . GLN A 1 8   ? -22.068 4.840   6.190   1.00 46.12 ? 55  GLN A OE1 1 
ATOM   14  N  NE2 . GLN A 1 8   ? -24.269 4.713   6.688   1.00 32.03 ? 55  GLN A NE2 1 
ATOM   15  N  N   . ALA A 1 9   ? -18.566 1.700   7.943   1.00 48.53 ? 56  ALA A N   1 
ATOM   16  C  CA  . ALA A 1 9   ? -18.033 0.379   7.715   1.00 47.55 ? 56  ALA A CA  1 
ATOM   17  C  C   . ALA A 1 9   ? -16.923 0.090   8.682   1.00 48.48 ? 56  ALA A C   1 
ATOM   18  O  O   . ALA A 1 9   ? -16.434 -1.045  8.736   1.00 50.72 ? 56  ALA A O   1 
ATOM   19  C  CB  . ALA A 1 9   ? -17.494 0.299   6.285   1.00 45.50 ? 56  ALA A CB  1 
ATOM   20  N  N   . VAL A 1 10  ? -16.503 1.114   9.434   1.00 45.96 ? 57  VAL A N   1 
ATOM   21  C  CA  . VAL A 1 10  ? -15.396 0.952   10.361  1.00 43.03 ? 57  VAL A CA  1 
ATOM   22  C  C   . VAL A 1 10  ? -15.726 -0.097  11.421  1.00 41.70 ? 57  VAL A C   1 
ATOM   23  O  O   . VAL A 1 10  ? -14.971 -1.049  11.614  1.00 41.81 ? 57  VAL A O   1 
ATOM   24  C  CB  . VAL A 1 10  ? -15.010 2.280   11.033  1.00 43.86 ? 57  VAL A CB  1 
ATOM   25  C  CG1 . VAL A 1 10  ? -13.849 2.055   11.998  1.00 46.70 ? 57  VAL A CG1 1 
ATOM   26  C  CG2 . VAL A 1 10  ? -14.662 3.336   9.994   1.00 36.89 ? 57  VAL A CG2 1 
ATOM   27  N  N   . PRO A 1 11  ? -16.877 0.048   12.093  1.00 40.59 ? 58  PRO A N   1 
ATOM   28  C  CA  . PRO A 1 11  ? -17.250 -0.996  13.045  1.00 39.33 ? 58  PRO A CA  1 
ATOM   29  C  C   . PRO A 1 11  ? -17.309 -2.392  12.416  1.00 39.21 ? 58  PRO A C   1 
ATOM   30  O  O   . PRO A 1 11  ? -16.952 -3.383  13.085  1.00 38.12 ? 58  PRO A O   1 
ATOM   31  C  CB  . PRO A 1 11  ? -18.661 -0.586  13.487  1.00 39.14 ? 58  PRO A CB  1 
ATOM   32  C  CG  . PRO A 1 11  ? -18.883 0.803   12.953  1.00 38.31 ? 58  PRO A CG  1 
ATOM   33  C  CD  . PRO A 1 11  ? -18.012 0.944   11.788  1.00 41.71 ? 58  PRO A CD  1 
ATOM   34  N  N   . TYR A 1 12  ? -17.768 -2.464  11.154  1.00 38.44 ? 59  TYR A N   1 
ATOM   35  C  CA  . TYR A 1 12  ? -17.951 -3.754  10.481  1.00 38.00 ? 59  TYR A CA  1 
ATOM   36  C  C   . TYR A 1 12  ? -16.629 -4.453  10.405  1.00 38.97 ? 59  TYR A C   1 
ATOM   37  O  O   . TYR A 1 12  ? -16.492 -5.616  10.804  1.00 38.75 ? 59  TYR A O   1 
ATOM   38  C  CB  . TYR A 1 12  ? -18.517 -3.641  9.049   1.00 37.93 ? 59  TYR A CB  1 
ATOM   39  C  CG  . TYR A 1 12  ? -18.408 -4.976  8.313   1.00 31.20 ? 59  TYR A CG  1 
ATOM   40  C  CD1 . TYR A 1 12  ? -19.271 -6.022  8.603   1.00 26.98 ? 59  TYR A CD1 1 
ATOM   41  C  CD2 . TYR A 1 12  ? -17.394 -5.213  7.388   1.00 27.05 ? 59  TYR A CD2 1 
ATOM   42  C  CE1 . TYR A 1 12  ? -19.146 -7.267  7.968   1.00 28.83 ? 59  TYR A CE1 1 
ATOM   43  C  CE2 . TYR A 1 12  ? -17.268 -6.458  6.744   1.00 27.25 ? 59  TYR A CE2 1 
ATOM   44  C  CZ  . TYR A 1 12  ? -18.145 -7.468  7.040   1.00 27.06 ? 59  TYR A CZ  1 
ATOM   45  O  OH  . TYR A 1 12  ? -18.025 -8.682  6.413   1.00 36.52 ? 59  TYR A OH  1 
ATOM   46  N  N   . TYR A 1 13  ? -15.666 -3.716  9.871   1.00 39.88 ? 60  TYR A N   1 
ATOM   47  C  CA  . TYR A 1 13  ? -14.330 -4.224  9.682   1.00 40.75 ? 60  TYR A CA  1 
ATOM   48  C  C   . TYR A 1 13  ? -13.630 -4.452  11.027  1.00 42.56 ? 60  TYR A C   1 
ATOM   49  O  O   . TYR A 1 13  ? -12.880 -5.425  11.173  1.00 41.25 ? 60  TYR A O   1 
ATOM   50  C  CB  . TYR A 1 13  ? -13.540 -3.252  8.807   1.00 41.06 ? 60  TYR A CB  1 
ATOM   51  C  CG  . TYR A 1 13  ? -13.846 -3.314  7.322   1.00 38.94 ? 60  TYR A CG  1 
ATOM   52  C  CD1 . TYR A 1 13  ? -13.672 -4.501  6.618   1.00 38.87 ? 60  TYR A CD1 1 
ATOM   53  C  CD2 . TYR A 1 13  ? -14.235 -2.167  6.603   1.00 37.26 ? 60  TYR A CD2 1 
ATOM   54  C  CE1 . TYR A 1 13  ? -13.924 -4.577  5.245   1.00 40.77 ? 60  TYR A CE1 1 
ATOM   55  C  CE2 . TYR A 1 13  ? -14.477 -2.222  5.219   1.00 35.83 ? 60  TYR A CE2 1 
ATOM   56  C  CZ  . TYR A 1 13  ? -14.323 -3.444  4.542   1.00 42.90 ? 60  TYR A CZ  1 
ATOM   57  O  OH  . TYR A 1 13  ? -14.544 -3.578  3.172   1.00 38.56 ? 60  TYR A OH  1 
ATOM   58  N  N   . GLU A 1 14  ? -13.872 -3.561  11.999  1.00 45.70 ? 61  GLU A N   1 
ATOM   59  C  CA  . GLU A 1 14  ? -13.273 -3.701  13.344  1.00 48.22 ? 61  GLU A CA  1 
ATOM   60  C  C   . GLU A 1 14  ? -13.686 -5.034  13.920  1.00 50.42 ? 61  GLU A C   1 
ATOM   61  O  O   . GLU A 1 14  ? -12.846 -5.906  14.131  1.00 51.84 ? 61  GLU A O   1 
ATOM   62  C  CB  . GLU A 1 14  ? -13.686 -2.556  14.292  1.00 47.64 ? 61  GLU A CB  1 
ATOM   63  C  CG  . GLU A 1 14  ? -12.609 -1.469  14.403  1.00 52.65 ? 61  GLU A CG  1 
ATOM   64  C  CD  . GLU A 1 14  ? -13.084 -0.142  15.009  1.00 56.63 ? 61  GLU A CD  1 
ATOM   65  O  OE1 . GLU A 1 14  ? -14.245 -0.060  15.466  1.00 56.10 ? 61  GLU A OE1 1 
ATOM   66  O  OE2 . GLU A 1 14  ? -12.276 0.826   15.021  1.00 54.50 ? 61  GLU A OE2 1 
ATOM   67  N  N   . LYS A 1 15  ? -14.992 -5.197  14.117  1.00 51.44 ? 62  LYS A N   1 
ATOM   68  C  CA  . LYS A 1 15  ? -15.530 -6.428  14.653  1.00 53.14 ? 62  LYS A CA  1 
ATOM   69  C  C   . LYS A 1 15  ? -15.005 -7.642  13.903  1.00 52.59 ? 62  LYS A C   1 
ATOM   70  O  O   . LYS A 1 15  ? -14.585 -8.620  14.523  1.00 54.49 ? 62  LYS A O   1 
ATOM   71  C  CB  . LYS A 1 15  ? -17.045 -6.416  14.580  1.00 54.94 ? 62  LYS A CB  1 
ATOM   72  C  CG  . LYS A 1 15  ? -17.721 -5.380  15.480  1.00 62.23 ? 62  LYS A CG  1 
ATOM   73  C  CD  . LYS A 1 15  ? -19.260 -5.497  15.367  1.00 68.61 ? 62  LYS A CD  1 
ATOM   74  C  CE  . LYS A 1 15  ? -19.973 -4.167  15.640  1.00 71.77 ? 62  LYS A CE  1 
ATOM   75  N  NZ  . LYS A 1 15  ? -21.241 -4.057  14.857  1.00 71.64 ? 62  LYS A NZ  1 
ATOM   76  N  N   . ALA A 1 16  ? -15.021 -7.565  12.575  1.00 50.86 ? 63  ALA A N   1 
ATOM   77  C  CA  . ALA A 1 16  ? -14.549 -8.654  11.713  1.00 50.69 ? 63  ALA A CA  1 
ATOM   78  C  C   . ALA A 1 16  ? -13.145 -9.089  12.077  1.00 51.27 ? 63  ALA A C   1 
ATOM   79  O  O   . ALA A 1 16  ? -12.878 -10.292 12.221  1.00 51.75 ? 63  ALA A O   1 
ATOM   80  C  CB  . ALA A 1 16  ? -14.594 -8.228  10.246  1.00 49.78 ? 63  ALA A CB  1 
ATOM   81  N  N   . ILE A 1 17  ? -12.268 -8.092  12.235  1.00 52.65 ? 64  ILE A N   1 
ATOM   82  C  CA  . ILE A 1 17  ? -10.855 -8.294  12.596  1.00 53.57 ? 64  ILE A CA  1 
ATOM   83  C  C   . ILE A 1 17  ? -10.711 -8.820  14.023  1.00 53.71 ? 64  ILE A C   1 
ATOM   84  O  O   . ILE A 1 17  ? -9.978  -9.783  14.235  1.00 51.74 ? 64  ILE A O   1 
ATOM   85  C  CB  . ILE A 1 17  ? -10.023 -6.997  12.457  1.00 53.35 ? 64  ILE A CB  1 
ATOM   86  C  CG1 . ILE A 1 17  ? -9.830  -6.630  10.977  1.00 54.44 ? 64  ILE A CG1 1 
ATOM   87  C  CG2 . ILE A 1 17  ? -8.663  -7.166  13.134  1.00 52.93 ? 64  ILE A CG2 1 
ATOM   88  C  CD1 . ILE A 1 17  ? -9.243  -5.225  10.735  1.00 48.44 ? 64  ILE A CD1 1 
ATOM   89  N  N   . ALA A 1 18  ? -11.404 -8.177  14.977  1.00 54.73 ? 65  ALA A N   1 
ATOM   90  C  CA  . ALA A 1 18  ? -11.540 -8.671  16.365  1.00 55.47 ? 65  ALA A CA  1 
ATOM   91  C  C   . ALA A 1 18  ? -12.355 -9.996  16.398  1.00 57.09 ? 65  ALA A C   1 
ATOM   92  O  O   . ALA A 1 18  ? -13.475 -10.033 16.914  1.00 57.91 ? 65  ALA A O   1 
ATOM   93  C  CB  . ALA A 1 18  ? -12.208 -7.588  17.249  1.00 53.57 ? 65  ALA A CB  1 
ATOM   94  N  N   . SER A 1 19  ? -11.759 -11.067 15.853  1.00 57.25 ? 66  SER A N   1 
ATOM   95  C  CA  . SER A 1 19  ? -12.396 -12.381 15.584  1.00 56.40 ? 66  SER A CA  1 
ATOM   96  C  C   . SER A 1 19  ? -11.401 -13.213 14.800  1.00 57.06 ? 66  SER A C   1 
ATOM   97  O  O   . SER A 1 19  ? -10.654 -12.661 13.992  1.00 57.87 ? 66  SER A O   1 
ATOM   98  C  CB  . SER A 1 19  ? -13.629 -12.267 14.684  1.00 55.91 ? 66  SER A CB  1 
ATOM   99  O  OG  . SER A 1 19  ? -14.677 -11.571 15.305  1.00 52.61 ? 66  SER A OG  1 
ATOM   100 N  N   . GLY A 1 20  ? -11.423 -14.532 14.977  1.00 58.34 ? 67  GLY A N   1 
ATOM   101 C  CA  . GLY A 1 20  ? -10.533 -15.414 14.218  1.00 59.29 ? 67  GLY A CA  1 
ATOM   102 C  C   . GLY A 1 20  ? -10.589 -15.002 12.760  1.00 60.66 ? 67  GLY A C   1 
ATOM   103 O  O   . GLY A 1 20  ? -11.684 -14.831 12.235  1.00 63.10 ? 67  GLY A O   1 
ATOM   104 N  N   . LEU A 1 21  ? -9.438  -14.777 12.120  1.00 59.94 ? 68  LEU A N   1 
ATOM   105 C  CA  . LEU A 1 21  ? -9.412  -14.420 10.699  1.00 59.46 ? 68  LEU A CA  1 
ATOM   106 C  C   . LEU A 1 21  ? -8.027  -14.629 10.090  1.00 58.60 ? 68  LEU A C   1 
ATOM   107 O  O   . LEU A 1 21  ? -7.036  -14.360 10.748  1.00 58.23 ? 68  LEU A O   1 
ATOM   108 C  CB  . LEU A 1 21  ? -9.926  -12.977 10.499  1.00 60.71 ? 68  LEU A CB  1 
ATOM   109 C  CG  . LEU A 1 21  ? -11.400 -12.783 10.050  1.00 62.27 ? 68  LEU A CG  1 
ATOM   110 C  CD1 . LEU A 1 21  ? -11.707 -11.331 9.652   1.00 60.96 ? 68  LEU A CD1 1 
ATOM   111 C  CD2 . LEU A 1 21  ? -11.769 -13.719 8.889   1.00 58.00 ? 68  LEU A CD2 1 
ATOM   112 N  N   . GLN A 1 22  ? -7.975  -15.080 8.830   1.00 59.29 ? 69  GLN A N   1 
ATOM   113 C  CA  . GLN A 1 22  ? -6.728  -15.565 8.197   1.00 61.43 ? 69  GLN A CA  1 
ATOM   114 C  C   . GLN A 1 22  ? -6.370  -14.976 6.791   1.00 62.47 ? 69  GLN A C   1 
ATOM   115 O  O   . GLN A 1 22  ? -6.827  -13.879 6.443   1.00 63.30 ? 69  GLN A O   1 
ATOM   116 C  CB  . GLN A 1 22  ? -6.782  -17.111 8.143   1.00 63.13 ? 69  GLN A CB  1 
ATOM   117 C  CG  . GLN A 1 22  ? -7.195  -17.838 9.462   1.00 65.69 ? 69  GLN A CG  1 
ATOM   118 C  CD  . GLN A 1 22  ? -6.210  -17.642 10.648  1.00 68.42 ? 69  GLN A CD  1 
ATOM   119 O  OE1 . GLN A 1 22  ? -5.288  -16.790 10.615  1.00 66.44 ? 69  GLN A OE1 1 
ATOM   120 N  NE2 . GLN A 1 22  ? -6.414  -18.452 11.701  1.00 68.73 ? 69  GLN A NE2 1 
ATOM   121 N  N   . GLY A 1 23  ? -5.545  -15.700 6.012   1.00 62.67 ? 70  GLY A N   1 
ATOM   122 C  CA  . GLY A 1 23  ? -5.000  -15.269 4.695   1.00 62.84 ? 70  GLY A CA  1 
ATOM   123 C  C   . GLY A 1 23  ? -5.694  -14.146 3.936   1.00 62.80 ? 70  GLY A C   1 
ATOM   124 O  O   . GLY A 1 23  ? -5.503  -12.974 4.256   1.00 63.48 ? 70  GLY A O   1 
ATOM   125 N  N   . LYS A 1 24  ? -6.473  -14.502 2.913   1.00 62.76 ? 71  LYS A N   1 
ATOM   126 C  CA  . LYS A 1 24  ? -7.335  -13.551 2.189   1.00 62.61 ? 71  LYS A CA  1 
ATOM   127 C  C   . LYS A 1 24  ? -8.253  -12.828 3.183   1.00 60.53 ? 71  LYS A C   1 
ATOM   128 O  O   . LYS A 1 24  ? -8.261  -11.599 3.271   1.00 61.03 ? 71  LYS A O   1 
ATOM   129 C  CB  . LYS A 1 24  ? -8.210  -14.299 1.150   1.00 63.62 ? 71  LYS A CB  1 
ATOM   130 C  CG  . LYS A 1 24  ? -9.100  -13.409 0.232   1.00 66.94 ? 71  LYS A CG  1 
ATOM   131 C  CD  . LYS A 1 24  ? -10.140 -14.228 -0.578  1.00 68.76 ? 71  LYS A CD  1 
ATOM   132 C  CE  . LYS A 1 24  ? -11.000 -13.315 -1.471  1.00 68.45 ? 71  LYS A CE  1 
ATOM   133 N  NZ  . LYS A 1 24  ? -11.952 -14.070 -2.333  1.00 68.82 ? 71  LYS A NZ  1 
ATOM   134 N  N   . ASP A 1 25  ? -8.989  -13.624 3.947   1.00 57.06 ? 72  ASP A N   1 
ATOM   135 C  CA  . ASP A 1 25  ? -10.051 -13.148 4.827   1.00 55.12 ? 72  ASP A CA  1 
ATOM   136 C  C   . ASP A 1 25  ? -9.678  -11.872 5.560   1.00 51.80 ? 72  ASP A C   1 
ATOM   137 O  O   . ASP A 1 25  ? -10.335 -10.861 5.391   1.00 49.73 ? 72  ASP A O   1 
ATOM   138 C  CB  . ASP A 1 25  ? -10.436 -14.224 5.867   1.00 57.37 ? 72  ASP A CB  1 
ATOM   139 C  CG  . ASP A 1 25  ? -10.273 -15.669 5.347   1.00 61.14 ? 72  ASP A CG  1 
ATOM   140 O  OD1 . ASP A 1 25  ? -10.340 -15.884 4.112   1.00 66.85 ? 72  ASP A OD1 1 
ATOM   141 O  OD2 . ASP A 1 25  ? -10.067 -16.585 6.184   1.00 66.22 ? 72  ASP A OD2 1 
ATOM   142 N  N   . LEU A 1 26  ? -8.601  -11.934 6.344   1.00 50.24 ? 73  LEU A N   1 
ATOM   143 C  CA  . LEU A 1 26  ? -8.196  -10.851 7.262   1.00 47.93 ? 73  LEU A CA  1 
ATOM   144 C  C   . LEU A 1 26  ? -7.514  -9.728  6.523   1.00 48.19 ? 73  LEU A C   1 
ATOM   145 O  O   . LEU A 1 26  ? -7.735  -8.533  6.811   1.00 47.45 ? 73  LEU A O   1 
ATOM   146 C  CB  . LEU A 1 26  ? -7.224  -11.391 8.304   1.00 47.30 ? 73  LEU A CB  1 
ATOM   147 C  CG  . LEU A 1 26  ? -6.626  -10.502 9.407   1.00 47.81 ? 73  LEU A CG  1 
ATOM   148 C  CD1 . LEU A 1 26  ? -7.643  -9.640  10.163  1.00 40.34 ? 73  LEU A CD1 1 
ATOM   149 C  CD2 . LEU A 1 26  ? -5.855  -11.404 10.379  1.00 43.44 ? 73  LEU A CD2 1 
ATOM   150 N  N   . ALA A 1 27  ? -6.660  -10.120 5.581   1.00 47.16 ? 74  ALA A N   1 
ATOM   151 C  CA  . ALA A 1 27  ? -5.981  -9.165  4.719   1.00 46.41 ? 74  ALA A CA  1 
ATOM   152 C  C   . ALA A 1 27  ? -6.995  -8.157  4.217   1.00 46.03 ? 74  ALA A C   1 
ATOM   153 O  O   . ALA A 1 27  ? -6.825  -6.951  4.370   1.00 44.83 ? 74  ALA A O   1 
ATOM   154 C  CB  . ALA A 1 27  ? -5.333  -9.887  3.557   1.00 46.76 ? 74  ALA A CB  1 
ATOM   155 N  N   . GLU A 1 28  ? -8.086  -8.671  3.663   1.00 47.38 ? 75  GLU A N   1 
ATOM   156 C  CA  . GLU A 1 28  ? -9.086  -7.828  3.031   1.00 48.74 ? 75  GLU A CA  1 
ATOM   157 C  C   . GLU A 1 28  ? -9.811  -6.900  4.012   1.00 48.32 ? 75  GLU A C   1 
ATOM   158 O  O   . GLU A 1 28  ? -10.257 -5.816  3.619   1.00 48.35 ? 75  GLU A O   1 
ATOM   159 C  CB  . GLU A 1 28  ? -10.056 -8.673  2.197   1.00 49.18 ? 75  GLU A CB  1 
ATOM   160 C  CG  . GLU A 1 28  ? -9.379  -9.318  0.968   1.00 53.98 ? 75  GLU A CG  1 
ATOM   161 C  CD  . GLU A 1 28  ? -10.383 -9.952  -0.002  1.00 66.69 ? 75  GLU A CD  1 
ATOM   162 O  OE1 . GLU A 1 28  ? -11.510 -10.307 0.431   1.00 63.39 ? 75  GLU A OE1 1 
ATOM   163 O  OE2 . GLU A 1 28  ? -10.044 -10.102 -1.201  1.00 79.01 ? 75  GLU A OE2 1 
ATOM   164 N  N   . CYS A 1 29  ? -9.900  -7.286  5.280   1.00 47.10 ? 76  CYS A N   1 
ATOM   165 C  CA  . CYS A 1 29  ? -10.544 -6.422  6.273   1.00 46.83 ? 76  CYS A CA  1 
ATOM   166 C  C   . CYS A 1 29  ? -9.622  -5.278  6.688   1.00 44.99 ? 76  CYS A C   1 
ATOM   167 O  O   . CYS A 1 29  ? -10.079 -4.146  6.912   1.00 42.22 ? 76  CYS A O   1 
ATOM   168 C  CB  . CYS A 1 29  ? -10.973 -7.233  7.487   1.00 48.74 ? 76  CYS A CB  1 
ATOM   169 S  SG  . CYS A 1 29  ? -11.937 -8.660  7.016   1.00 50.32 ? 76  CYS A SG  1 
ATOM   170 N  N   . TYR A 1 30  ? -8.327  -5.565  6.786   1.00 43.24 ? 77  TYR A N   1 
ATOM   171 C  CA  . TYR A 1 30  ? -7.356  -4.500  7.027   1.00 42.16 ? 77  TYR A CA  1 
ATOM   172 C  C   . TYR A 1 30  ? -7.417  -3.502  5.864   1.00 41.85 ? 77  TYR A C   1 
ATOM   173 O  O   . TYR A 1 30  ? -7.574  -2.289  6.077   1.00 40.89 ? 77  TYR A O   1 
ATOM   174 C  CB  . TYR A 1 30  ? -5.922  -5.044  7.183   1.00 42.44 ? 77  TYR A CB  1 
ATOM   175 C  CG  . TYR A 1 30  ? -5.572  -5.638  8.541   1.00 43.74 ? 77  TYR A CG  1 
ATOM   176 C  CD1 . TYR A 1 30  ? -5.701  -4.894  9.705   1.00 47.44 ? 77  TYR A CD1 1 
ATOM   177 C  CD2 . TYR A 1 30  ? -5.077  -6.933  8.654   1.00 49.64 ? 77  TYR A CD2 1 
ATOM   178 C  CE1 . TYR A 1 30  ? -5.392  -5.423  10.936  1.00 41.71 ? 77  TYR A CE1 1 
ATOM   179 C  CE2 . TYR A 1 30  ? -4.757  -7.475  9.895   1.00 47.64 ? 77  TYR A CE2 1 
ATOM   180 C  CZ  . TYR A 1 30  ? -4.913  -6.710  11.027  1.00 46.35 ? 77  TYR A CZ  1 
ATOM   181 O  OH  . TYR A 1 30  ? -4.599  -7.235  12.264  1.00 44.85 ? 77  TYR A OH  1 
ATOM   182 N  N   . LEU A 1 31  ? -7.309  -4.020  4.637   1.00 41.21 ? 78  LEU A N   1 
ATOM   183 C  CA  . LEU A 1 31  ? -7.368  -3.166  3.430   1.00 39.48 ? 78  LEU A CA  1 
ATOM   184 C  C   . LEU A 1 31  ? -8.662  -2.399  3.464   1.00 37.94 ? 78  LEU A C   1 
ATOM   185 O  O   . LEU A 1 31  ? -8.651  -1.183  3.384   1.00 38.73 ? 78  LEU A O   1 
ATOM   186 C  CB  . LEU A 1 31  ? -7.257  -3.990  2.148   1.00 38.60 ? 78  LEU A CB  1 
ATOM   187 C  CG  . LEU A 1 31  ? -6.966  -3.251  0.845   1.00 38.63 ? 78  LEU A CG  1 
ATOM   188 C  CD1 . LEU A 1 31  ? -6.364  -4.235  -0.179  1.00 41.65 ? 78  LEU A CD1 1 
ATOM   189 C  CD2 . LEU A 1 31  ? -8.218  -2.605  0.299   1.00 30.54 ? 78  LEU A CD2 1 
ATOM   190 N  N   . GLY A 1 32  ? -9.765  -3.126  3.650   1.00 37.24 ? 79  GLY A N   1 
ATOM   191 C  CA  . GLY A 1 32  ? -11.091 -2.531  3.787   1.00 35.62 ? 79  GLY A CA  1 
ATOM   192 C  C   . GLY A 1 32  ? -11.154 -1.403  4.798   1.00 35.23 ? 79  GLY A C   1 
ATOM   193 O  O   . GLY A 1 32  ? -11.553 -0.284  4.461   1.00 32.51 ? 79  GLY A O   1 
ATOM   194 N  N   . LEU A 1 33  ? -10.732 -1.692  6.033   1.00 35.91 ? 80  LEU A N   1 
ATOM   195 C  CA  . LEU A 1 33  ? -10.700 -0.664  7.091   1.00 35.41 ? 80  LEU A CA  1 
ATOM   196 C  C   . LEU A 1 33  ? -9.848  0.533   6.680   1.00 34.69 ? 80  LEU A C   1 
ATOM   197 O  O   . LEU A 1 33  ? -10.291 1.670   6.771   1.00 31.97 ? 80  LEU A O   1 
ATOM   198 C  CB  . LEU A 1 33  ? -10.192 -1.235  8.400   1.00 32.05 ? 80  LEU A CB  1 
ATOM   199 C  CG  . LEU A 1 33  ? -10.268 -0.350  9.655   1.00 34.09 ? 80  LEU A CG  1 
ATOM   200 C  CD1 . LEU A 1 33  ? -11.625 0.347   9.876   1.00 16.44 ? 80  LEU A CD1 1 
ATOM   201 C  CD2 . LEU A 1 33  ? -9.858  -1.194  10.908  1.00 18.43 ? 80  LEU A CD2 1 
ATOM   202 N  N   . GLY A 1 34  ? -8.646  0.248   6.191   1.00 36.39 ? 81  GLY A N   1 
ATOM   203 C  CA  . GLY A 1 34  ? -7.695  1.282   5.788   1.00 37.90 ? 81  GLY A CA  1 
ATOM   204 C  C   . GLY A 1 34  ? -8.285  2.241   4.783   1.00 39.79 ? 81  GLY A C   1 
ATOM   205 O  O   . GLY A 1 34  ? -8.269  3.468   4.971   1.00 40.89 ? 81  GLY A O   1 
ATOM   206 N  N   . SER A 1 35  ? -8.830  1.674   3.717   1.00 39.70 ? 82  SER A N   1 
ATOM   207 C  CA  . SER A 1 35  ? -9.457  2.470   2.683   1.00 39.59 ? 82  SER A CA  1 
ATOM   208 C  C   . SER A 1 35  ? -10.576 3.312   3.256   1.00 38.66 ? 82  SER A C   1 
ATOM   209 O  O   . SER A 1 35  ? -10.687 4.502   2.930   1.00 40.00 ? 82  SER A O   1 
ATOM   210 C  CB  . SER A 1 35  ? -10.010 1.594   1.567   1.00 38.38 ? 82  SER A CB  1 
ATOM   211 O  OG  . SER A 1 35  ? -10.307 2.418   0.450   1.00 50.47 ? 82  SER A OG  1 
ATOM   212 N  N   . THR A 1 36  ? -11.396 2.703   4.110   1.00 36.51 ? 83  THR A N   1 
ATOM   213 C  CA  . THR A 1 36  ? -12.525 3.418   4.704   1.00 37.79 ? 83  THR A CA  1 
ATOM   214 C  C   . THR A 1 36  ? -12.038 4.629   5.499   1.00 37.22 ? 83  THR A C   1 
ATOM   215 O  O   . THR A 1 36  ? -12.558 5.742   5.376   1.00 41.12 ? 83  THR A O   1 
ATOM   216 C  CB  . THR A 1 36  ? -13.342 2.534   5.652   1.00 37.90 ? 83  THR A CB  1 
ATOM   217 O  OG1 . THR A 1 36  ? -13.579 1.255   5.046   1.00 33.06 ? 83  THR A OG1 1 
ATOM   218 C  CG2 . THR A 1 36  ? -14.647 3.219   5.943   1.00 40.66 ? 83  THR A CG2 1 
ATOM   219 N  N   . PHE A 1 37  ? -11.032 4.400   6.315   1.00 33.90 ? 84  PHE A N   1 
ATOM   220 C  CA  . PHE A 1 37  ? -10.409 5.473   7.062   1.00 32.45 ? 84  PHE A CA  1 
ATOM   221 C  C   . PHE A 1 37  ? -9.821  6.549   6.124   1.00 29.72 ? 84  PHE A C   1 
ATOM   222 O  O   . PHE A 1 37  ? -9.950  7.759   6.368   1.00 22.85 ? 84  PHE A O   1 
ATOM   223 C  CB  . PHE A 1 37  ? -9.316  4.905   7.994   1.00 31.56 ? 84  PHE A CB  1 
ATOM   224 C  CG  . PHE A 1 37  ? -9.826  4.398   9.345   1.00 30.40 ? 84  PHE A CG  1 
ATOM   225 C  CD1 . PHE A 1 37  ? -10.786 5.094   10.072  1.00 35.16 ? 84  PHE A CD1 1 
ATOM   226 C  CD2 . PHE A 1 37  ? -9.244  3.289   9.934   1.00 32.90 ? 84  PHE A CD2 1 
ATOM   227 C  CE1 . PHE A 1 37  ? -11.199 4.660   11.337  1.00 35.10 ? 84  PHE A CE1 1 
ATOM   228 C  CE2 . PHE A 1 37  ? -9.643  2.851   11.183  1.00 34.11 ? 84  PHE A CE2 1 
ATOM   229 C  CZ  . PHE A 1 37  ? -10.633 3.535   11.885  1.00 34.65 ? 84  PHE A CZ  1 
ATOM   230 N  N   . ARG A 1 38  ? -9.176  6.111   5.049   1.00 29.92 ? 85  ARG A N   1 
ATOM   231 C  CA  . ARG A 1 38  ? -8.514  7.051   4.165   1.00 31.58 ? 85  ARG A CA  1 
ATOM   232 C  C   . ARG A 1 38  ? -9.584  7.909   3.507   1.00 32.00 ? 85  ARG A C   1 
ATOM   233 O  O   . ARG A 1 38  ? -9.519  9.127   3.547   1.00 31.01 ? 85  ARG A O   1 
ATOM   234 C  CB  . ARG A 1 38  ? -7.732  6.306   3.108   1.00 34.25 ? 85  ARG A CB  1 
ATOM   235 C  CG  . ARG A 1 38  ? -6.618  7.097   2.497   1.00 37.15 ? 85  ARG A CG  1 
ATOM   236 C  CD  . ARG A 1 38  ? -6.263  6.551   1.146   1.00 35.52 ? 85  ARG A CD  1 
ATOM   237 N  NE  . ARG A 1 38  ? -6.962  7.333   0.139   1.00 37.73 ? 85  ARG A NE  1 
ATOM   238 C  CZ  . ARG A 1 38  ? -7.938  6.898   -0.626  1.00 37.22 ? 85  ARG A CZ  1 
ATOM   239 N  NH1 . ARG A 1 38  ? -8.386  5.621   -0.586  1.00 56.35 ? 85  ARG A NH1 1 
ATOM   240 N  NH2 . ARG A 1 38  ? -8.456  7.767   -1.463  1.00 32.23 ? 85  ARG A NH2 1 
ATOM   241 N  N   . THR A 1 39  ? -10.600 7.256   2.956   1.00 32.26 ? 86  THR A N   1 
ATOM   242 C  CA  . THR A 1 39  ? -11.692 7.967   2.324   1.00 34.39 ? 86  THR A CA  1 
ATOM   243 C  C   . THR A 1 39  ? -12.485 8.801   3.294   1.00 32.40 ? 86  THR A C   1 
ATOM   244 O  O   . THR A 1 39  ? -13.047 9.806   2.907   1.00 31.05 ? 86  THR A O   1 
ATOM   245 C  CB  . THR A 1 39  ? -12.637 7.044   1.599   1.00 35.32 ? 86  THR A CB  1 
ATOM   246 O  OG1 . THR A 1 39  ? -11.878 6.162   0.760   1.00 45.96 ? 86  THR A OG1 1 
ATOM   247 C  CG2 . THR A 1 39  ? -13.474 7.870   0.703   1.00 41.19 ? 86  THR A CG2 1 
ATOM   248 N  N   . LEU A 1 40  ? -12.523 8.403   4.557   1.00 33.02 ? 87  LEU A N   1 
ATOM   249 C  CA  . LEU A 1 40  ? -13.053 9.283   5.604   1.00 33.18 ? 87  LEU A CA  1 
ATOM   250 C  C   . LEU A 1 40  ? -12.168 10.486  5.915   1.00 32.55 ? 87  LEU A C   1 
ATOM   251 O  O   . LEU A 1 40  ? -12.597 11.353  6.636   1.00 36.85 ? 87  LEU A O   1 
ATOM   252 C  CB  . LEU A 1 40  ? -13.309 8.504   6.891   1.00 33.92 ? 87  LEU A CB  1 
ATOM   253 C  CG  . LEU A 1 40  ? -14.725 7.925   6.979   1.00 39.66 ? 87  LEU A CG  1 
ATOM   254 C  CD1 . LEU A 1 40  ? -14.753 6.685   7.875   1.00 25.04 ? 87  LEU A CD1 1 
ATOM   255 C  CD2 . LEU A 1 40  ? -15.693 9.023   7.457   1.00 36.67 ? 87  LEU A CD2 1 
ATOM   256 N  N   . GLY A 1 41  ? -10.950 10.556  5.395   1.00 31.42 ? 88  GLY A N   1 
ATOM   257 C  CA  . GLY A 1 41  ? -10.063 11.692  5.673   1.00 31.22 ? 88  GLY A CA  1 
ATOM   258 C  C   . GLY A 1 41  ? -9.203  11.487  6.926   1.00 31.72 ? 88  GLY A C   1 
ATOM   259 O  O   . GLY A 1 41  ? -8.499  12.417  7.378   1.00 26.55 ? 88  GLY A O   1 
ATOM   260 N  N   . GLU A 1 42  ? -9.252  10.259  7.460   1.00 31.21 ? 89  GLU A N   1 
ATOM   261 C  CA  . GLU A 1 42  ? -8.533  9.860   8.653   1.00 31.36 ? 89  GLU A CA  1 
ATOM   262 C  C   . GLU A 1 42  ? -7.255  9.140   8.227   1.00 32.67 ? 89  GLU A C   1 
ATOM   263 O  O   . GLU A 1 42  ? -7.062  7.932   8.418   1.00 35.85 ? 89  GLU A O   1 
ATOM   264 C  CB  . GLU A 1 42  ? -9.442  8.987   9.530   1.00 32.54 ? 89  GLU A CB  1 
ATOM   265 C  CG  . GLU A 1 42  ? -10.574 9.770   10.212  1.00 27.88 ? 89  GLU A CG  1 
ATOM   266 C  CD  . GLU A 1 42  ? -10.060 10.695  11.303  1.00 33.78 ? 89  GLU A CD  1 
ATOM   267 O  OE1 . GLU A 1 42  ? -8.809  10.846  11.438  1.00 44.30 ? 89  GLU A OE1 1 
ATOM   268 O  OE2 . GLU A 1 42  ? -10.899 11.277  12.024  1.00 32.98 ? 89  GLU A OE2 1 
ATOM   269 N  N   . TYR A 1 43  ? -6.374  9.924   7.640   1.00 31.94 ? 90  TYR A N   1 
ATOM   270 C  CA  . TYR A 1 43  ? -5.165  9.415   7.014   1.00 31.15 ? 90  TYR A CA  1 
ATOM   271 C  C   . TYR A 1 43  ? -4.219  8.732   8.010   1.00 30.11 ? 90  TYR A C   1 
ATOM   272 O  O   . TYR A 1 43  ? -3.664  7.670   7.720   1.00 32.07 ? 90  TYR A O   1 
ATOM   273 C  CB  . TYR A 1 43  ? -4.462  10.571  6.288   1.00 31.10 ? 90  TYR A CB  1 
ATOM   274 C  CG  . TYR A 1 43  ? -5.341  11.269  5.266   1.00 24.88 ? 90  TYR A CG  1 
ATOM   275 C  CD1 . TYR A 1 43  ? -6.055  10.532  4.319   1.00 32.90 ? 90  TYR A CD1 1 
ATOM   276 C  CD2 . TYR A 1 43  ? -5.459  12.658  5.235   1.00 25.52 ? 90  TYR A CD2 1 
ATOM   277 C  CE1 . TYR A 1 43  ? -6.841  11.147  3.356   1.00 35.72 ? 90  TYR A CE1 1 
ATOM   278 C  CE2 . TYR A 1 43  ? -6.277  13.304  4.239   1.00 28.28 ? 90  TYR A CE2 1 
ATOM   279 C  CZ  . TYR A 1 43  ? -6.958  12.530  3.318   1.00 29.93 ? 90  TYR A CZ  1 
ATOM   280 O  OH  . TYR A 1 43  ? -7.767  13.091  2.344   1.00 44.90 ? 90  TYR A OH  1 
ATOM   281 N  N   . ARG A 1 44  ? -4.033  9.322   9.178   1.00 30.00 ? 91  ARG A N   1 
ATOM   282 C  CA  . ARG A 1 44  ? -3.208  8.668   10.215  1.00 29.17 ? 91  ARG A CA  1 
ATOM   283 C  C   . ARG A 1 44  ? -3.802  7.340   10.659  1.00 32.27 ? 91  ARG A C   1 
ATOM   284 O  O   . ARG A 1 44  ? -3.080  6.333   10.776  1.00 34.58 ? 91  ARG A O   1 
ATOM   285 C  CB  . ARG A 1 44  ? -3.028  9.573   11.404  1.00 26.28 ? 91  ARG A CB  1 
ATOM   286 C  CG  . ARG A 1 44  ? -2.057  10.755  11.133  1.00 26.54 ? 91  ARG A CG  1 
ATOM   287 C  CD  . ARG A 1 44  ? -1.743  11.383  12.467  1.00 31.76 ? 91  ARG A CD  1 
ATOM   288 N  NE  . ARG A 1 44  ? -1.248  12.746  12.433  1.00 27.11 ? 91  ARG A NE  1 
ATOM   289 C  CZ  . ARG A 1 44  ? 0.024   13.086  12.280  1.00 35.81 ? 91  ARG A CZ  1 
ATOM   290 N  NH1 . ARG A 1 44  ? 0.950   12.159  12.086  1.00 37.56 ? 91  ARG A NH1 1 
ATOM   291 N  NH2 . ARG A 1 44  ? 0.375   14.376  12.312  1.00 42.23 ? 91  ARG A NH2 1 
ATOM   292 N  N   . LYS A 1 45  ? -5.120  7.318   10.874  1.00 32.90 ? 92  LYS A N   1 
ATOM   293 C  CA  . LYS A 1 45  ? -5.769  6.066   11.231  1.00 32.61 ? 92  LYS A CA  1 
ATOM   294 C  C   . LYS A 1 45  ? -5.609  5.046   10.096  1.00 32.73 ? 92  LYS A C   1 
ATOM   295 O  O   . LYS A 1 45  ? -5.292  3.901   10.345  1.00 32.27 ? 92  LYS A O   1 
ATOM   296 C  CB  . LYS A 1 45  ? -7.242  6.284   11.545  1.00 34.24 ? 92  LYS A CB  1 
ATOM   297 C  CG  . LYS A 1 45  ? -7.559  7.031   12.849  1.00 28.50 ? 92  LYS A CG  1 
ATOM   298 C  CD  . LYS A 1 45  ? -9.079  6.957   13.086  1.00 31.35 ? 92  LYS A CD  1 
ATOM   299 C  CE  . LYS A 1 45  ? -9.608  7.998   14.050  1.00 34.32 ? 92  LYS A CE  1 
ATOM   300 N  NZ  . LYS A 1 45  ? -11.082 7.797   14.196  1.00 37.73 ? 92  LYS A NZ  1 
ATOM   301 N  N   . ALA A 1 46  ? -5.800  5.497   8.854   1.00 35.18 ? 93  ALA A N   1 
ATOM   302 C  CA  . ALA A 1 46  ? -5.614  4.661   7.644   1.00 35.43 ? 93  ALA A CA  1 
ATOM   303 C  C   . ALA A 1 46  ? -4.210  4.104   7.563   1.00 37.41 ? 93  ALA A C   1 
ATOM   304 O  O   . ALA A 1 46  ? -4.018  2.932   7.241   1.00 36.65 ? 93  ALA A O   1 
ATOM   305 C  CB  . ALA A 1 46  ? -5.931  5.462   6.371   1.00 31.58 ? 93  ALA A CB  1 
ATOM   306 N  N   . GLU A 1 47  ? -3.229  4.949   7.868   1.00 40.36 ? 94  GLU A N   1 
ATOM   307 C  CA  . GLU A 1 47  ? -1.836  4.546   7.796   1.00 42.36 ? 94  GLU A CA  1 
ATOM   308 C  C   . GLU A 1 47  ? -1.532  3.446   8.806   1.00 41.68 ? 94  GLU A C   1 
ATOM   309 O  O   . GLU A 1 47  ? -0.888  2.454   8.462   1.00 41.08 ? 94  GLU A O   1 
ATOM   310 C  CB  . GLU A 1 47  ? -0.928  5.741   8.028   1.00 44.97 ? 94  GLU A CB  1 
ATOM   311 C  CG  . GLU A 1 47  ? 0.513   5.490   7.630   1.00 52.43 ? 94  GLU A CG  1 
ATOM   312 C  CD  . GLU A 1 47  ? 1.416   5.274   8.798   1.00 55.87 ? 94  GLU A CD  1 
ATOM   313 O  OE1 . GLU A 1 47  ? 1.684   6.280   9.494   1.00 64.79 ? 94  GLU A OE1 1 
ATOM   314 O  OE2 . GLU A 1 47  ? 1.862   4.123   8.998   1.00 56.65 ? 94  GLU A OE2 1 
ATOM   315 N  N   . ALA A 1 48  ? -2.006  3.618   10.041  1.00 41.17 ? 95  ALA A N   1 
ATOM   316 C  CA  . ALA A 1 48  ? -1.787  2.629   11.100  1.00 39.28 ? 95  ALA A CA  1 
ATOM   317 C  C   . ALA A 1 48  ? -2.302  1.300   10.604  1.00 39.70 ? 95  ALA A C   1 
ATOM   318 O  O   . ALA A 1 48  ? -1.541  0.358   10.446  1.00 40.84 ? 95  ALA A O   1 
ATOM   319 C  CB  . ALA A 1 48  ? -2.507  3.032   12.404  1.00 39.53 ? 95  ALA A CB  1 
ATOM   320 N  N   . VAL A 1 49  ? -3.594  1.250   10.281  1.00 39.94 ? 96  VAL A N   1 
ATOM   321 C  CA  . VAL A 1 49  ? -4.237  0.005   9.850   1.00 37.09 ? 96  VAL A CA  1 
ATOM   322 C  C   . VAL A 1 49  ? -3.528  -0.671  8.682   1.00 36.96 ? 96  VAL A C   1 
ATOM   323 O  O   . VAL A 1 49  ? -3.306  -1.871  8.701   1.00 41.16 ? 96  VAL A O   1 
ATOM   324 C  CB  . VAL A 1 49  ? -5.699  0.239   9.473   1.00 35.93 ? 96  VAL A CB  1 
ATOM   325 C  CG1 . VAL A 1 49  ? -6.279  -0.976  8.794   1.00 36.63 ? 96  VAL A CG1 1 
ATOM   326 C  CG2 . VAL A 1 49  ? -6.497  0.597   10.714  1.00 35.43 ? 96  VAL A CG2 1 
ATOM   327 N  N   . LEU A 1 50  ? -3.191  0.092   7.663   1.00 36.51 ? 97  LEU A N   1 
ATOM   328 C  CA  . LEU A 1 50  ? -2.627  -0.475  6.437   1.00 36.43 ? 97  LEU A CA  1 
ATOM   329 C  C   . LEU A 1 50  ? -1.188  -0.933  6.642   1.00 37.92 ? 97  LEU A C   1 
ATOM   330 O  O   . LEU A 1 50  ? -0.801  -1.974  6.122   1.00 39.12 ? 97  LEU A O   1 
ATOM   331 C  CB  . LEU A 1 50  ? -2.685  0.543   5.298   1.00 34.60 ? 97  LEU A CB  1 
ATOM   332 C  CG  . LEU A 1 50  ? -4.047  0.823   4.701   1.00 33.11 ? 97  LEU A CG  1 
ATOM   333 C  CD1 . LEU A 1 50  ? -3.960  2.035   3.747   1.00 28.00 ? 97  LEU A CD1 1 
ATOM   334 C  CD2 . LEU A 1 50  ? -4.568  -0.428  3.963   1.00 25.68 ? 97  LEU A CD2 1 
ATOM   335 N  N   . ALA A 1 51  ? -0.391  -0.137  7.362   1.00 40.60 ? 98  ALA A N   1 
ATOM   336 C  CA  . ALA A 1 51  ? 0.955   -0.574  7.820   1.00 41.29 ? 98  ALA A CA  1 
ATOM   337 C  C   . ALA A 1 51  ? 0.847   -1.968  8.461   1.00 41.44 ? 98  ALA A C   1 
ATOM   338 O  O   . ALA A 1 51  ? 1.594   -2.895  8.117   1.00 42.72 ? 98  ALA A O   1 
ATOM   339 C  CB  . ALA A 1 51  ? 1.566   0.430   8.798   1.00 35.45 ? 98  ALA A CB  1 
ATOM   340 N  N   . ASN A 1 52  ? -0.138  -2.126  9.337   1.00 40.93 ? 99  ASN A N   1 
ATOM   341 C  CA  . ASN A 1 52  ? -0.346  -3.399  10.015  1.00 43.49 ? 99  ASN A CA  1 
ATOM   342 C  C   . ASN A 1 52  ? -0.626  -4.557  9.059   1.00 43.29 ? 99  ASN A C   1 
ATOM   343 O  O   . ASN A 1 52  ? -0.169  -5.679  9.258   1.00 44.88 ? 99  ASN A O   1 
ATOM   344 C  CB  . ASN A 1 52  ? -1.492  -3.287  11.020  1.00 44.73 ? 99  ASN A CB  1 
ATOM   345 C  CG  . ASN A 1 52  ? -1.245  -4.101  12.232  1.00 49.57 ? 99  ASN A CG  1 
ATOM   346 O  OD1 . ASN A 1 52  ? -1.496  -5.314  12.262  1.00 46.65 ? 99  ASN A OD1 1 
ATOM   347 N  ND2 . ASN A 1 52  ? -0.690  -3.453  13.247  1.00 65.10 ? 99  ASN A ND2 1 
ATOM   348 N  N   . GLY A 1 53  ? -1.421  -4.278  8.044   1.00 44.59 ? 100 GLY A N   1 
ATOM   349 C  CA  . GLY A 1 53  ? -1.717  -5.255  7.020   1.00 46.09 ? 100 GLY A CA  1 
ATOM   350 C  C   . GLY A 1 53  ? -0.469  -5.617  6.248   1.00 46.71 ? 100 GLY A C   1 
ATOM   351 O  O   . GLY A 1 53  ? -0.193  -6.807  6.069   1.00 46.23 ? 100 GLY A O   1 
ATOM   352 N  N   . VAL A 1 54  ? 0.295   -4.609  5.809   1.00 45.73 ? 101 VAL A N   1 
ATOM   353 C  CA  . VAL A 1 54  ? 1.495   -4.885  5.029   1.00 46.21 ? 101 VAL A CA  1 
ATOM   354 C  C   . VAL A 1 54  ? 2.461   -5.662  5.901   1.00 48.22 ? 101 VAL A C   1 
ATOM   355 O  O   . VAL A 1 54  ? 3.086   -6.612  5.434   1.00 50.21 ? 101 VAL A O   1 
ATOM   356 C  CB  . VAL A 1 54  ? 2.167   -3.630  4.464   1.00 46.38 ? 101 VAL A CB  1 
ATOM   357 C  CG1 . VAL A 1 54  ? 3.408   -4.024  3.617   1.00 52.47 ? 101 VAL A CG1 1 
ATOM   358 C  CG2 . VAL A 1 54  ? 1.176   -2.843  3.612   1.00 41.93 ? 101 VAL A CG2 1 
ATOM   359 N  N   . LYS A 1 55  ? 2.546   -5.299  7.179   1.00 49.45 ? 102 LYS A N   1 
ATOM   360 C  CA  . LYS A 1 55  ? 3.417   -6.016  8.112   1.00 50.52 ? 102 LYS A CA  1 
ATOM   361 C  C   . LYS A 1 55  ? 3.009   -7.490  8.154   1.00 49.19 ? 102 LYS A C   1 
ATOM   362 O  O   . LYS A 1 55  ? 3.850   -8.366  8.010   1.00 49.35 ? 102 LYS A O   1 
ATOM   363 C  CB  . LYS A 1 55  ? 3.405   -5.362  9.516   1.00 52.33 ? 102 LYS A CB  1 
ATOM   364 C  CG  . LYS A 1 55  ? 3.627   -6.345  10.714  1.00 61.25 ? 102 LYS A CG  1 
ATOM   365 C  CD  . LYS A 1 55  ? 3.304   -5.748  12.124  1.00 66.77 ? 102 LYS A CD  1 
ATOM   366 C  CE  . LYS A 1 55  ? 2.655   -6.806  13.070  1.00 66.40 ? 102 LYS A CE  1 
ATOM   367 N  NZ  . LYS A 1 55  ? 3.025   -6.622  14.509  1.00 64.76 ? 102 LYS A NZ  1 
ATOM   368 N  N   . GLN A 1 56  ? 1.718   -7.753  8.321   1.00 48.36 ? 103 GLN A N   1 
ATOM   369 C  CA  . GLN A 1 56  ? 1.216   -9.129  8.438   1.00 48.67 ? 103 GLN A CA  1 
ATOM   370 C  C   . GLN A 1 56  ? 1.101   -9.930  7.149   1.00 48.48 ? 103 GLN A C   1 
ATOM   371 O  O   . GLN A 1 56  ? 1.150   -11.135 7.180   1.00 49.48 ? 103 GLN A O   1 
ATOM   372 C  CB  . GLN A 1 56  ? -0.165  -9.130  9.060   1.00 47.90 ? 103 GLN A CB  1 
ATOM   373 C  CG  . GLN A 1 56  ? -0.151  -8.963  10.530  1.00 50.00 ? 103 GLN A CG  1 
ATOM   374 C  CD  . GLN A 1 56  ? -1.469  -9.360  11.119  1.00 53.07 ? 103 GLN A CD  1 
ATOM   375 O  OE1 . GLN A 1 56  ? -2.253  -8.497  11.503  1.00 56.52 ? 103 GLN A OE1 1 
ATOM   376 N  NE2 . GLN A 1 56  ? -1.749  -10.673 11.161  1.00 53.28 ? 103 GLN A NE2 1 
ATOM   377 N  N   . PHE A 1 57  ? 0.883   -9.270  6.031   1.00 49.49 ? 104 PHE A N   1 
ATOM   378 C  CA  . PHE A 1 57  ? 0.706   -9.956  4.773   1.00 50.01 ? 104 PHE A CA  1 
ATOM   379 C  C   . PHE A 1 57  ? 1.625   -9.283  3.784   1.00 50.91 ? 104 PHE A C   1 
ATOM   380 O  O   . PHE A 1 57  ? 1.163   -8.636  2.865   1.00 52.42 ? 104 PHE A O   1 
ATOM   381 C  CB  . PHE A 1 57  ? -0.752  -9.841  4.325   1.00 50.41 ? 104 PHE A CB  1 
ATOM   382 C  CG  . PHE A 1 57  ? -1.738  -10.499 5.265   1.00 49.96 ? 104 PHE A CG  1 
ATOM   383 C  CD1 . PHE A 1 57  ? -1.894  -11.879 5.273   1.00 50.97 ? 104 PHE A CD1 1 
ATOM   384 C  CD2 . PHE A 1 57  ? -2.525  -9.737  6.122   1.00 47.90 ? 104 PHE A CD2 1 
ATOM   385 C  CE1 . PHE A 1 57  ? -2.812  -12.498 6.136   1.00 53.89 ? 104 PHE A CE1 1 
ATOM   386 C  CE2 . PHE A 1 57  ? -3.445  -10.345 6.989   1.00 50.28 ? 104 PHE A CE2 1 
ATOM   387 C  CZ  . PHE A 1 57  ? -3.586  -11.727 6.997   1.00 49.88 ? 104 PHE A CZ  1 
ATOM   388 N  N   . PRO A 1 58  ? 2.942   -9.417  3.977   1.00 51.40 ? 105 PRO A N   1 
ATOM   389 C  CA  . PRO A 1 58  ? 3.912   -8.683  3.144   1.00 51.79 ? 105 PRO A CA  1 
ATOM   390 C  C   . PRO A 1 58  ? 3.801   -8.924  1.646   1.00 52.41 ? 105 PRO A C   1 
ATOM   391 O  O   . PRO A 1 58  ? 4.201   -8.048  0.877   1.00 54.41 ? 105 PRO A O   1 
ATOM   392 C  CB  . PRO A 1 58  ? 5.259   -9.178  3.647   1.00 51.98 ? 105 PRO A CB  1 
ATOM   393 C  CG  . PRO A 1 58  ? 4.952   -10.497 4.320   1.00 53.71 ? 105 PRO A CG  1 
ATOM   394 C  CD  . PRO A 1 58  ? 3.600   -10.333 4.918   1.00 50.76 ? 105 PRO A CD  1 
ATOM   395 N  N   . ASN A 1 59  ? 3.234   -10.070 1.255   1.00 52.35 ? 106 ASN A N   1 
ATOM   396 C  CA  . ASN A 1 59  ? 3.050   -10.458 -0.156  1.00 52.23 ? 106 ASN A CA  1 
ATOM   397 C  C   . ASN A 1 59  ? 1.741   -10.007 -0.809  1.00 51.71 ? 106 ASN A C   1 
ATOM   398 O  O   . ASN A 1 59  ? 1.486   -10.333 -1.971  1.00 50.58 ? 106 ASN A O   1 
ATOM   399 C  CB  . ASN A 1 59  ? 3.105   -11.972 -0.256  1.00 52.93 ? 106 ASN A CB  1 
ATOM   400 C  CG  . ASN A 1 59  ? 4.270   -12.539 0.487   1.00 57.96 ? 106 ASN A CG  1 
ATOM   401 O  OD1 . ASN A 1 59  ? 5.283   -11.861 0.645   1.00 64.79 ? 106 ASN A OD1 1 
ATOM   402 N  ND2 . ASN A 1 59  ? 4.141   -13.774 0.973   1.00 58.33 ? 106 ASN A ND2 1 
ATOM   403 N  N   . HIS A 1 60  ? 0.917   -9.262  -0.070  1.00 51.05 ? 107 HIS A N   1 
ATOM   404 C  CA  . HIS A 1 60  ? -0.408  -8.835  -0.540  1.00 50.27 ? 107 HIS A CA  1 
ATOM   405 C  C   . HIS A 1 60  ? -0.305  -7.481  -1.233  1.00 50.09 ? 107 HIS A C   1 
ATOM   406 O  O   . HIS A 1 60  ? -0.353  -6.440  -0.576  1.00 51.26 ? 107 HIS A O   1 
ATOM   407 C  CB  . HIS A 1 60  ? -1.339  -8.751  0.664   1.00 48.78 ? 107 HIS A CB  1 
ATOM   408 C  CG  . HIS A 1 60  ? -2.779  -8.618  0.306   1.00 47.25 ? 107 HIS A CG  1 
ATOM   409 N  ND1 . HIS A 1 60  ? -3.304  -7.471  -0.242  1.00 47.65 ? 107 HIS A ND1 1 
ATOM   410 C  CD2 . HIS A 1 60  ? -3.813  -9.479  0.443   1.00 48.19 ? 107 HIS A CD2 1 
ATOM   411 C  CE1 . HIS A 1 60  ? -4.600  -7.633  -0.436  1.00 49.14 ? 107 HIS A CE1 1 
ATOM   412 N  NE2 . HIS A 1 60  ? -4.935  -8.843  -0.026  1.00 49.27 ? 107 HIS A NE2 1 
ATOM   413 N  N   . GLN A 1 61  ? -0.168  -7.480  -2.554  1.00 49.13 ? 108 GLN A N   1 
ATOM   414 C  CA  . GLN A 1 61  ? 0.165   -6.225  -3.262  1.00 48.72 ? 108 GLN A CA  1 
ATOM   415 C  C   . GLN A 1 61  ? -0.899  -5.142  -3.166  1.00 46.66 ? 108 GLN A C   1 
ATOM   416 O  O   . GLN A 1 61  ? -0.583  -3.972  -3.086  1.00 50.14 ? 108 GLN A O   1 
ATOM   417 C  CB  . GLN A 1 61  ? 0.472   -6.487  -4.737  1.00 50.37 ? 108 GLN A CB  1 
ATOM   418 C  CG  . GLN A 1 61  ? 1.623   -7.449  -4.981  1.00 49.61 ? 108 GLN A CG  1 
ATOM   419 C  CD  . GLN A 1 61  ? 2.853   -6.984  -4.281  1.00 51.76 ? 108 GLN A CD  1 
ATOM   420 O  OE1 . GLN A 1 61  ? 3.502   -6.024  -4.703  1.00 56.68 ? 108 GLN A OE1 1 
ATOM   421 N  NE2 . GLN A 1 61  ? 3.157   -7.620  -3.157  1.00 56.38 ? 108 GLN A NE2 1 
ATOM   422 N  N   . ALA A 1 62  ? -2.161  -5.517  -3.179  1.00 44.75 ? 109 ALA A N   1 
ATOM   423 C  CA  . ALA A 1 62  ? -3.216  -4.526  -3.070  1.00 43.96 ? 109 ALA A CA  1 
ATOM   424 C  C   . ALA A 1 62  ? -3.011  -3.662  -1.832  1.00 43.25 ? 109 ALA A C   1 
ATOM   425 O  O   . ALA A 1 62  ? -3.077  -2.441  -1.909  1.00 46.01 ? 109 ALA A O   1 
ATOM   426 C  CB  . ALA A 1 62  ? -4.584  -5.196  -3.038  1.00 45.53 ? 109 ALA A CB  1 
ATOM   427 N  N   . LEU A 1 63  ? -2.711  -4.279  -0.699  1.00 41.62 ? 110 LEU A N   1 
ATOM   428 C  CA  . LEU A 1 63  ? -2.480  -3.525  0.541   1.00 41.15 ? 110 LEU A CA  1 
ATOM   429 C  C   . LEU A 1 63  ? -1.355  -2.497  0.389   1.00 42.11 ? 110 LEU A C   1 
ATOM   430 O  O   . LEU A 1 63  ? -1.433  -1.378  0.922   1.00 42.62 ? 110 LEU A O   1 
ATOM   431 C  CB  . LEU A 1 63  ? -2.156  -4.472  1.704   1.00 42.38 ? 110 LEU A CB  1 
ATOM   432 C  CG  . LEU A 1 63  ? -3.333  -5.074  2.478   1.00 39.77 ? 110 LEU A CG  1 
ATOM   433 C  CD1 . LEU A 1 63  ? -2.875  -6.263  3.279   1.00 38.31 ? 110 LEU A CD1 1 
ATOM   434 C  CD2 . LEU A 1 63  ? -3.980  -4.019  3.387   1.00 41.00 ? 110 LEU A CD2 1 
ATOM   435 N  N   . ARG A 1 64  ? -0.309  -2.868  -0.340  1.00 41.82 ? 111 ARG A N   1 
ATOM   436 C  CA  . ARG A 1 64  ? 0.784   -1.940  -0.594  1.00 40.94 ? 111 ARG A CA  1 
ATOM   437 C  C   . ARG A 1 64  ? 0.281   -0.789  -1.450  1.00 39.42 ? 111 ARG A C   1 
ATOM   438 O  O   . ARG A 1 64  ? 0.564   0.365   -1.141  1.00 41.44 ? 111 ARG A O   1 
ATOM   439 C  CB  . ARG A 1 64  ? 1.974   -2.655  -1.235  1.00 42.66 ? 111 ARG A CB  1 
ATOM   440 C  CG  . ARG A 1 64  ? 2.623   -3.718  -0.325  1.00 50.11 ? 111 ARG A CG  1 
ATOM   441 C  CD  . ARG A 1 64  ? 3.649   -4.545  -1.082  1.00 63.44 ? 111 ARG A CD  1 
ATOM   442 N  NE  . ARG A 1 64  ? 4.967   -3.902  -1.174  1.00 72.04 ? 111 ARG A NE  1 
ATOM   443 C  CZ  . ARG A 1 64  ? 5.858   -4.099  -2.158  1.00 77.21 ? 111 ARG A CZ  1 
ATOM   444 N  NH1 . ARG A 1 64  ? 5.606   -4.911  -3.193  1.00 72.23 ? 111 ARG A NH1 1 
ATOM   445 N  NH2 . ARG A 1 64  ? 7.026   -3.458  -2.118  1.00 79.99 ? 111 ARG A NH2 1 
ATOM   446 N  N   . VAL A 1 65  ? -0.508  -1.075  -2.489  1.00 37.94 ? 112 VAL A N   1 
ATOM   447 C  CA  . VAL A 1 65  ? -1.097  0.011   -3.299  1.00 35.56 ? 112 VAL A CA  1 
ATOM   448 C  C   . VAL A 1 65  ? -1.857  0.984   -2.413  1.00 37.35 ? 112 VAL A C   1 
ATOM   449 O  O   . VAL A 1 65  ? -1.591  2.189   -2.444  1.00 40.01 ? 112 VAL A O   1 
ATOM   450 C  CB  . VAL A 1 65  ? -2.068  -0.494  -4.361  1.00 36.87 ? 112 VAL A CB  1 
ATOM   451 C  CG1 . VAL A 1 65  ? -2.736  0.678   -5.044  1.00 27.82 ? 112 VAL A CG1 1 
ATOM   452 C  CG2 . VAL A 1 65  ? -1.343  -1.427  -5.370  1.00 29.57 ? 112 VAL A CG2 1 
ATOM   453 N  N   . PHE A 1 66  ? -2.756  0.466   -1.577  1.00 35.65 ? 113 PHE A N   1 
ATOM   454 C  CA  . PHE A 1 66  ? -3.532  1.337   -0.680  1.00 34.56 ? 113 PHE A CA  1 
ATOM   455 C  C   . PHE A 1 66  ? -2.709  2.112   0.344   1.00 34.41 ? 113 PHE A C   1 
ATOM   456 O  O   . PHE A 1 66  ? -2.950  3.323   0.551   1.00 32.61 ? 113 PHE A O   1 
ATOM   457 C  CB  . PHE A 1 66  ? -4.685  0.561   -0.051  1.00 36.75 ? 113 PHE A CB  1 
ATOM   458 C  CG  . PHE A 1 66  ? -5.836  0.418   -0.985  1.00 36.03 ? 113 PHE A CG  1 
ATOM   459 C  CD1 . PHE A 1 66  ? -5.849  -0.602  -1.931  1.00 33.62 ? 113 PHE A CD1 1 
ATOM   460 C  CD2 . PHE A 1 66  ? -6.828  1.402   -1.030  1.00 48.70 ? 113 PHE A CD2 1 
ATOM   461 C  CE1 . PHE A 1 66  ? -6.877  -0.696  -2.855  1.00 35.11 ? 113 PHE A CE1 1 
ATOM   462 C  CE2 . PHE A 1 66  ? -7.868  1.325   -1.954  1.00 51.76 ? 113 PHE A CE2 1 
ATOM   463 C  CZ  . PHE A 1 66  ? -7.893  0.260   -2.868  1.00 41.99 ? 113 PHE A CZ  1 
ATOM   464 N  N   . TYR A 1 67  ? -1.699  1.457   0.918   1.00 33.74 ? 114 TYR A N   1 
ATOM   465 C  CA  . TYR A 1 67  ? -0.714  2.154   1.769   1.00 33.32 ? 114 TYR A CA  1 
ATOM   466 C  C   . TYR A 1 67  ? -0.091  3.301   0.980   1.00 32.99 ? 114 TYR A C   1 
ATOM   467 O  O   . TYR A 1 67  ? 0.013   4.421   1.486   1.00 34.41 ? 114 TYR A O   1 
ATOM   468 C  CB  . TYR A 1 67  ? 0.382   1.192   2.279   1.00 33.73 ? 114 TYR A CB  1 
ATOM   469 C  CG  . TYR A 1 67  ? 1.310   1.761   3.356   1.00 36.33 ? 114 TYR A CG  1 
ATOM   470 C  CD1 . TYR A 1 67  ? 0.825   2.231   4.558   1.00 44.54 ? 114 TYR A CD1 1 
ATOM   471 C  CD2 . TYR A 1 67  ? 2.669   1.786   3.183   1.00 38.98 ? 114 TYR A CD2 1 
ATOM   472 C  CE1 . TYR A 1 67  ? 1.696   2.710   5.569   1.00 43.43 ? 114 TYR A CE1 1 
ATOM   473 C  CE2 . TYR A 1 67  ? 3.534   2.282   4.175   1.00 35.11 ? 114 TYR A CE2 1 
ATOM   474 C  CZ  . TYR A 1 67  ? 3.045   2.736   5.356   1.00 37.57 ? 114 TYR A CZ  1 
ATOM   475 O  OH  . TYR A 1 67  ? 3.910   3.235   6.314   1.00 35.17 ? 114 TYR A OH  1 
ATOM   476 N  N   . ALA A 1 68  ? 0.311   3.036   -0.263  1.00 34.42 ? 115 ALA A N   1 
ATOM   477 C  CA  . ALA A 1 68  ? 0.830   4.112   -1.136  1.00 34.00 ? 115 ALA A CA  1 
ATOM   478 C  C   . ALA A 1 68  ? -0.160  5.279   -1.196  1.00 33.32 ? 115 ALA A C   1 
ATOM   479 O  O   . ALA A 1 68  ? 0.249   6.426   -1.059  1.00 34.01 ? 115 ALA A O   1 
ATOM   480 C  CB  . ALA A 1 68  ? 1.138   3.599   -2.554  1.00 30.82 ? 115 ALA A CB  1 
HETATM 481 N  N   . MSE A 1 69  ? -1.461  4.996   -1.350  1.00 31.85 ? 116 MSE A N   1 
HETATM 482 C  CA  . MSE A 1 69  ? -2.441  6.086   -1.519  1.00 33.37 ? 116 MSE A CA  1 
HETATM 483 C  C   . MSE A 1 69  ? -2.448  6.947   -0.270  1.00 34.35 ? 116 MSE A C   1 
HETATM 484 O  O   . MSE A 1 69  ? -2.490  8.180   -0.357  1.00 33.54 ? 116 MSE A O   1 
HETATM 485 C  CB  . MSE A 1 69  ? -3.867  5.578   -1.829  1.00 33.06 ? 116 MSE A CB  1 
HETATM 486 C  CG  . MSE A 1 69  ? -3.966  4.656   -3.039  1.00 32.47 ? 116 MSE A CG  1 
HETATM 487 SE SE  . MSE A 1 69  ? -5.772  4.110   -3.230  0.75 30.46 ? 116 MSE A SE  1 
HETATM 488 C  CE  . MSE A 1 69  ? -5.604  2.955   -4.746  1.00 38.01 ? 116 MSE A CE  1 
ATOM   489 N  N   . VAL A 1 70  ? -2.357  6.289   0.881   1.00 35.38 ? 117 VAL A N   1 
ATOM   490 C  CA  . VAL A 1 70  ? -2.315  7.004   2.170   1.00 35.32 ? 117 VAL A CA  1 
ATOM   491 C  C   . VAL A 1 70  ? -1.096  7.825   2.270   1.00 34.06 ? 117 VAL A C   1 
ATOM   492 O  O   . VAL A 1 70  ? -1.163  8.970   2.733   1.00 36.46 ? 117 VAL A O   1 
ATOM   493 C  CB  . VAL A 1 70  ? -2.331  6.065   3.396   1.00 33.53 ? 117 VAL A CB  1 
ATOM   494 C  CG1 . VAL A 1 70  ? -2.542  6.877   4.690   1.00 35.15 ? 117 VAL A CG1 1 
ATOM   495 C  CG2 . VAL A 1 70  ? -3.460  5.117   3.247   1.00 34.29 ? 117 VAL A CG2 1 
ATOM   496 N  N   . LEU A 1 71  ? 0.038   7.229   1.899   1.00 35.47 ? 118 LEU A N   1 
ATOM   497 C  CA  . LEU A 1 71  ? 1.327   7.925   2.023   1.00 34.07 ? 118 LEU A CA  1 
ATOM   498 C  C   . LEU A 1 71  ? 1.189   9.250   1.249   1.00 33.03 ? 118 LEU A C   1 
ATOM   499 O  O   . LEU A 1 71  ? 1.594   10.324  1.725   1.00 30.48 ? 118 LEU A O   1 
ATOM   500 C  CB  . LEU A 1 71  ? 2.496   7.059   1.518   1.00 32.70 ? 118 LEU A CB  1 
ATOM   501 C  CG  . LEU A 1 71  ? 2.954   5.898   2.424   1.00 35.88 ? 118 LEU A CG  1 
ATOM   502 C  CD1 . LEU A 1 71  ? 3.990   5.007   1.688   1.00 35.03 ? 118 LEU A CD1 1 
ATOM   503 C  CD2 . LEU A 1 71  ? 3.530   6.339   3.767   1.00 29.32 ? 118 LEU A CD2 1 
ATOM   504 N  N   . TYR A 1 72  ? 0.557   9.175   0.077   1.00 32.34 ? 119 TYR A N   1 
ATOM   505 C  CA  . TYR A 1 72  ? 0.270   10.394  -0.707  1.00 33.24 ? 119 TYR A CA  1 
ATOM   506 C  C   . TYR A 1 72  ? -0.501  11.426  0.119   1.00 31.13 ? 119 TYR A C   1 
ATOM   507 O  O   . TYR A 1 72  ? -0.136  12.597  0.197   1.00 33.28 ? 119 TYR A O   1 
ATOM   508 C  CB  . TYR A 1 72  ? -0.509  10.053  -2.004  1.00 35.98 ? 119 TYR A CB  1 
ATOM   509 C  CG  . TYR A 1 72  ? -1.073  11.282  -2.641  1.00 38.43 ? 119 TYR A CG  1 
ATOM   510 C  CD1 . TYR A 1 72  ? -0.295  12.105  -3.424  1.00 45.26 ? 119 TYR A CD1 1 
ATOM   511 C  CD2 . TYR A 1 72  ? -2.349  11.676  -2.362  1.00 43.71 ? 119 TYR A CD2 1 
ATOM   512 C  CE1 . TYR A 1 72  ? -0.806  13.279  -3.942  1.00 45.68 ? 119 TYR A CE1 1 
ATOM   513 C  CE2 . TYR A 1 72  ? -2.857  12.830  -2.853  1.00 39.30 ? 119 TYR A CE2 1 
ATOM   514 C  CZ  . TYR A 1 72  ? -2.097  13.630  -3.649  1.00 41.62 ? 119 TYR A CZ  1 
ATOM   515 O  OH  . TYR A 1 72  ? -2.661  14.780  -4.128  1.00 33.33 ? 119 TYR A OH  1 
ATOM   516 N  N   . ASN A 1 73  ? -1.593  10.988  0.719   1.00 31.19 ? 120 ASN A N   1 
ATOM   517 C  CA  . ASN A 1 73  ? -2.471  11.890  1.469   1.00 32.14 ? 120 ASN A CA  1 
ATOM   518 C  C   . ASN A 1 73  ? -1.722  12.500  2.621   1.00 32.66 ? 120 ASN A C   1 
ATOM   519 O  O   . ASN A 1 73  ? -1.960  13.651  2.941   1.00 34.97 ? 120 ASN A O   1 
ATOM   520 C  CB  . ASN A 1 73  ? -3.746  11.177  2.001   1.00 30.24 ? 120 ASN A CB  1 
ATOM   521 C  CG  . ASN A 1 73  ? -4.708  10.753  0.887   1.00 36.14 ? 120 ASN A CG  1 
ATOM   522 O  OD1 . ASN A 1 73  ? -5.106  9.568   0.805   1.00 37.28 ? 120 ASN A OD1 1 
ATOM   523 N  ND2 . ASN A 1 73  ? -5.104  11.723  0.021   1.00 21.90 ? 120 ASN A ND2 1 
ATOM   524 N  N   . LEU A 1 74  ? -0.837  11.729  3.255   1.00 32.06 ? 121 LEU A N   1 
ATOM   525 C  CA  . LEU A 1 74  ? 0.004   12.261  4.353   1.00 32.89 ? 121 LEU A CA  1 
ATOM   526 C  C   . LEU A 1 74  ? 1.163   13.165  3.862   1.00 32.85 ? 121 LEU A C   1 
ATOM   527 O  O   . LEU A 1 74  ? 1.858   13.787  4.652   1.00 34.25 ? 121 LEU A O   1 
ATOM   528 C  CB  . LEU A 1 74  ? 0.580   11.116  5.191   1.00 32.07 ? 121 LEU A CB  1 
ATOM   529 C  CG  . LEU A 1 74  ? -0.453  10.355  6.017   1.00 33.77 ? 121 LEU A CG  1 
ATOM   530 C  CD1 . LEU A 1 74  ? 0.094   9.010   6.390   1.00 27.44 ? 121 LEU A CD1 1 
ATOM   531 C  CD2 . LEU A 1 74  ? -0.855  11.154  7.266   1.00 16.98 ? 121 LEU A CD2 1 
ATOM   532 N  N   . GLY A 1 75  ? 1.383   13.224  2.561   1.00 32.41 ? 122 GLY A N   1 
ATOM   533 C  CA  . GLY A 1 75  ? 2.404   14.090  2.011   1.00 32.11 ? 122 GLY A CA  1 
ATOM   534 C  C   . GLY A 1 75  ? 3.767   13.442  2.031   1.00 32.71 ? 122 GLY A C   1 
ATOM   535 O  O   . GLY A 1 75  ? 4.775   14.143  1.938   1.00 30.86 ? 122 GLY A O   1 
ATOM   536 N  N   . ARG A 1 76  ? 3.794   12.111  2.136   1.00 33.34 ? 123 ARG A N   1 
ATOM   537 C  CA  . ARG A 1 76  ? 5.033   11.325  2.116   1.00 32.92 ? 123 ARG A CA  1 
ATOM   538 C  C   . ARG A 1 76  ? 5.167   10.858  0.694   1.00 32.95 ? 123 ARG A C   1 
ATOM   539 O  O   . ARG A 1 76  ? 5.036   9.672   0.386   1.00 28.91 ? 123 ARG A O   1 
ATOM   540 C  CB  . ARG A 1 76  ? 4.909   10.146  3.064   1.00 35.25 ? 123 ARG A CB  1 
ATOM   541 C  CG  . ARG A 1 76  ? 4.478   10.588  4.475   1.00 43.36 ? 123 ARG A CG  1 
ATOM   542 C  CD  . ARG A 1 76  ? 5.460   10.214  5.527   1.00 46.45 ? 123 ARG A CD  1 
ATOM   543 N  NE  . ARG A 1 76  ? 5.493   8.770   5.764   1.00 57.64 ? 123 ARG A NE  1 
ATOM   544 C  CZ  . ARG A 1 76  ? 4.782   8.122   6.686   1.00 58.78 ? 123 ARG A CZ  1 
ATOM   545 N  NH1 . ARG A 1 76  ? 3.911   8.781   7.481   1.00 60.88 ? 123 ARG A NH1 1 
ATOM   546 N  NH2 . ARG A 1 76  ? 4.965   6.798   6.822   1.00 49.67 ? 123 ARG A NH2 1 
ATOM   547 N  N   . TYR A 1 77  ? 5.384   11.822  -0.192  1.00 32.13 ? 124 TYR A N   1 
ATOM   548 C  CA  . TYR A 1 77  ? 5.291   11.548  -1.612  1.00 32.36 ? 124 TYR A CA  1 
ATOM   549 C  C   . TYR A 1 77  ? 6.375   10.617  -2.043  1.00 32.64 ? 124 TYR A C   1 
ATOM   550 O  O   . TYR A 1 77  ? 6.123   9.645   -2.769  1.00 35.99 ? 124 TYR A O   1 
ATOM   551 C  CB  . TYR A 1 77  ? 5.353   12.842  -2.420  1.00 33.46 ? 124 TYR A CB  1 
ATOM   552 C  CG  . TYR A 1 77  ? 4.331   13.870  -1.995  1.00 32.01 ? 124 TYR A CG  1 
ATOM   553 C  CD1 . TYR A 1 77  ? 2.969   13.663  -2.215  1.00 25.31 ? 124 TYR A CD1 1 
ATOM   554 C  CD2 . TYR A 1 77  ? 4.725   15.069  -1.401  1.00 27.42 ? 124 TYR A CD2 1 
ATOM   555 C  CE1 . TYR A 1 77  ? 2.017   14.623  -1.819  1.00 31.78 ? 124 TYR A CE1 1 
ATOM   556 C  CE2 . TYR A 1 77  ? 3.768   16.044  -1.007  1.00 30.77 ? 124 TYR A CE2 1 
ATOM   557 C  CZ  . TYR A 1 77  ? 2.426   15.804  -1.219  1.00 27.70 ? 124 TYR A CZ  1 
ATOM   558 O  OH  . TYR A 1 77  ? 1.504   16.763  -0.854  1.00 41.50 ? 124 TYR A OH  1 
ATOM   559 N  N   . GLU A 1 78  ? 7.593   10.898  -1.611  1.00 32.75 ? 125 GLU A N   1 
ATOM   560 C  CA  . GLU A 1 78  ? 8.676   10.057  -2.047  1.00 35.43 ? 125 GLU A CA  1 
ATOM   561 C  C   . GLU A 1 78  ? 8.380   8.613   -1.713  1.00 35.15 ? 125 GLU A C   1 
ATOM   562 O  O   . GLU A 1 78  ? 8.456   7.750   -2.571  1.00 37.93 ? 125 GLU A O   1 
ATOM   563 C  CB  . GLU A 1 78  ? 10.017  10.451  -1.428  1.00 38.95 ? 125 GLU A CB  1 
ATOM   564 C  CG  . GLU A 1 78  ? 11.156  9.945   -2.308  1.00 45.18 ? 125 GLU A CG  1 
ATOM   565 C  CD  . GLU A 1 78  ? 12.465  9.902   -1.633  1.00 49.57 ? 125 GLU A CD  1 
ATOM   566 O  OE1 . GLU A 1 78  ? 12.550  10.479  -0.519  1.00 52.48 ? 125 GLU A OE1 1 
ATOM   567 O  OE2 . GLU A 1 78  ? 13.392  9.297   -2.243  1.00 53.82 ? 125 GLU A OE2 1 
ATOM   568 N  N   . GLN A 1 79  ? 8.015   8.341   -0.471  1.00 36.63 ? 126 GLN A N   1 
ATOM   569 C  CA  . GLN A 1 79  ? 7.809   6.951   -0.072  1.00 35.74 ? 126 GLN A CA  1 
ATOM   570 C  C   . GLN A 1 79  ? 6.690   6.295   -0.847  1.00 34.43 ? 126 GLN A C   1 
ATOM   571 O  O   . GLN A 1 79  ? 6.764   5.114   -1.187  1.00 38.56 ? 126 GLN A O   1 
ATOM   572 C  CB  . GLN A 1 79  ? 7.566   6.840   1.409   1.00 35.93 ? 126 GLN A CB  1 
ATOM   573 C  CG  . GLN A 1 79  ? 7.552   5.392   1.875   1.00 39.54 ? 126 GLN A CG  1 
ATOM   574 C  CD  . GLN A 1 79  ? 7.272   5.276   3.369   1.00 45.72 ? 126 GLN A CD  1 
ATOM   575 O  OE1 . GLN A 1 79  ? 7.307   6.286   4.137   1.00 34.77 ? 126 GLN A OE1 1 
ATOM   576 N  NE2 . GLN A 1 79  ? 6.979   4.044   3.794   1.00 30.65 ? 126 GLN A NE2 1 
ATOM   577 N  N   . GLY A 1 80  ? 5.668   7.063   -1.158  1.00 33.80 ? 127 GLY A N   1 
ATOM   578 C  CA  . GLY A 1 80  ? 4.524   6.529   -1.883  1.00 33.31 ? 127 GLY A CA  1 
ATOM   579 C  C   . GLY A 1 80  ? 4.872   6.201   -3.308  1.00 33.82 ? 127 GLY A C   1 
ATOM   580 O  O   . GLY A 1 80  ? 4.584   5.101   -3.769  1.00 34.55 ? 127 GLY A O   1 
ATOM   581 N  N   . VAL A 1 81  ? 5.499   7.148   -4.014  1.00 33.17 ? 128 VAL A N   1 
ATOM   582 C  CA  . VAL A 1 81  ? 5.990   6.876   -5.374  1.00 30.16 ? 128 VAL A CA  1 
ATOM   583 C  C   . VAL A 1 81  ? 6.985   5.708   -5.385  1.00 29.99 ? 128 VAL A C   1 
ATOM   584 O  O   . VAL A 1 81  ? 6.949   4.872   -6.278  1.00 28.14 ? 128 VAL A O   1 
ATOM   585 C  CB  . VAL A 1 81  ? 6.668   8.098   -5.998  1.00 32.08 ? 128 VAL A CB  1 
ATOM   586 C  CG1 . VAL A 1 81  ? 7.258   7.732   -7.372  1.00 26.81 ? 128 VAL A CG1 1 
ATOM   587 C  CG2 . VAL A 1 81  ? 5.649   9.310   -6.118  1.00 32.32 ? 128 VAL A CG2 1 
ATOM   588 N  N   . GLU A 1 82  ? 7.853   5.618   -4.383  1.00 28.99 ? 129 GLU A N   1 
ATOM   589 C  CA  . GLU A 1 82  ? 8.824   4.520   -4.359  1.00 30.89 ? 129 GLU A CA  1 
ATOM   590 C  C   . GLU A 1 82  ? 8.043   3.223   -4.392  1.00 33.24 ? 129 GLU A C   1 
ATOM   591 O  O   . GLU A 1 82  ? 8.307   2.303   -5.191  1.00 34.15 ? 129 GLU A O   1 
ATOM   592 C  CB  . GLU A 1 82  ? 9.705   4.603   -3.106  1.00 30.22 ? 129 GLU A CB  1 
ATOM   593 C  CG  . GLU A 1 82  ? 10.453  3.335   -2.713  1.00 30.11 ? 129 GLU A CG  1 
ATOM   594 C  CD  . GLU A 1 82  ? 11.465  3.539   -1.555  1.00 36.30 ? 129 GLU A CD  1 
ATOM   595 O  OE1 . GLU A 1 82  ? 11.533  4.656   -0.993  1.00 41.47 ? 129 GLU A OE1 1 
ATOM   596 O  OE2 . GLU A 1 82  ? 12.205  2.577   -1.201  1.00 41.06 ? 129 GLU A OE2 1 
ATOM   597 N  N   . LEU A 1 83  ? 7.040   3.172   -3.536  1.00 33.43 ? 130 LEU A N   1 
ATOM   598 C  CA  . LEU A 1 83  ? 6.326   1.939   -3.327  1.00 33.68 ? 130 LEU A CA  1 
ATOM   599 C  C   . LEU A 1 83  ? 5.546   1.562   -4.576  1.00 33.38 ? 130 LEU A C   1 
ATOM   600 O  O   . LEU A 1 83  ? 5.469   0.379   -4.936  1.00 34.46 ? 130 LEU A O   1 
ATOM   601 C  CB  . LEU A 1 83  ? 5.412   2.100   -2.122  1.00 34.39 ? 130 LEU A CB  1 
ATOM   602 C  CG  . LEU A 1 83  ? 4.730   0.861   -1.562  1.00 36.53 ? 130 LEU A CG  1 
ATOM   603 C  CD1 . LEU A 1 83  ? 5.698   -0.345  -1.395  1.00 29.71 ? 130 LEU A CD1 1 
ATOM   604 C  CD2 . LEU A 1 83  ? 4.097   1.291   -0.253  1.00 28.33 ? 130 LEU A CD2 1 
ATOM   605 N  N   . LEU A 1 84  ? 5.002   2.553   -5.273  1.00 32.12 ? 131 LEU A N   1 
ATOM   606 C  CA  . LEU A 1 84  ? 4.206   2.232   -6.456  1.00 33.28 ? 131 LEU A CA  1 
ATOM   607 C  C   . LEU A 1 84  ? 5.129   1.760   -7.563  1.00 32.49 ? 131 LEU A C   1 
ATOM   608 O  O   . LEU A 1 84  ? 4.809   0.792   -8.273  1.00 33.02 ? 131 LEU A O   1 
ATOM   609 C  CB  . LEU A 1 84  ? 3.372   3.404   -6.900  1.00 33.68 ? 131 LEU A CB  1 
ATOM   610 C  CG  . LEU A 1 84  ? 2.290   3.875   -5.935  1.00 36.65 ? 131 LEU A CG  1 
ATOM   611 C  CD1 . LEU A 1 84  ? 1.796   5.274   -6.405  1.00 27.23 ? 131 LEU A CD1 1 
ATOM   612 C  CD2 . LEU A 1 84  ? 1.166   2.855   -5.898  1.00 31.26 ? 131 LEU A CD2 1 
ATOM   613 N  N   . LEU A 1 85  ? 6.298   2.388   -7.680  1.00 30.49 ? 132 LEU A N   1 
ATOM   614 C  CA  . LEU A 1 85  ? 7.278   1.937   -8.659  1.00 29.31 ? 132 LEU A CA  1 
ATOM   615 C  C   . LEU A 1 85  ? 7.741   0.526   -8.323  1.00 31.97 ? 132 LEU A C   1 
ATOM   616 O  O   . LEU A 1 85  ? 7.933   -0.298  -9.217  1.00 32.07 ? 132 LEU A O   1 
ATOM   617 C  CB  . LEU A 1 85  ? 8.486   2.859   -8.704  1.00 29.33 ? 132 LEU A CB  1 
ATOM   618 C  CG  . LEU A 1 85  ? 8.274   4.257   -9.282  1.00 27.91 ? 132 LEU A CG  1 
ATOM   619 C  CD1 . LEU A 1 85  ? 9.515   5.108   -8.980  1.00 22.60 ? 132 LEU A CD1 1 
ATOM   620 C  CD2 . LEU A 1 85  ? 7.966   4.208   -10.796 1.00 17.18 ? 132 LEU A CD2 1 
ATOM   621 N  N   . LYS A 1 86  ? 7.939   0.226   -7.045  1.00 33.83 ? 133 LYS A N   1 
ATOM   622 C  CA  . LYS A 1 86  ? 8.389   -1.132  -6.705  1.00 35.95 ? 133 LYS A CA  1 
ATOM   623 C  C   . LYS A 1 86  ? 7.275   -2.126  -7.084  1.00 35.86 ? 133 LYS A C   1 
ATOM   624 O  O   . LYS A 1 86  ? 7.546   -3.180  -7.604  1.00 38.03 ? 133 LYS A O   1 
ATOM   625 C  CB  . LYS A 1 86  ? 8.796   -1.275  -5.221  1.00 36.18 ? 133 LYS A CB  1 
ATOM   626 C  CG  . LYS A 1 86  ? 10.115  -0.540  -4.746  1.00 39.10 ? 133 LYS A CG  1 
ATOM   627 C  CD  . LYS A 1 86  ? 10.542  -1.015  -3.300  1.00 46.74 ? 133 LYS A CD  1 
ATOM   628 C  CE  . LYS A 1 86  ? 11.571  -0.114  -2.577  1.00 50.37 ? 133 LYS A CE  1 
ATOM   629 N  NZ  . LYS A 1 86  ? 13.014  -0.197  -3.040  1.00 49.19 ? 133 LYS A NZ  1 
ATOM   630 N  N   . ILE A 1 87  ? 6.019   -1.767  -6.865  1.00 37.09 ? 134 ILE A N   1 
ATOM   631 C  CA  . ILE A 1 87  ? 4.905   -2.674  -7.167  1.00 36.97 ? 134 ILE A CA  1 
ATOM   632 C  C   . ILE A 1 87  ? 4.805   -2.968  -8.673  1.00 35.26 ? 134 ILE A C   1 
ATOM   633 O  O   . ILE A 1 87  ? 4.621   -4.133  -9.082  1.00 34.93 ? 134 ILE A O   1 
ATOM   634 C  CB  . ILE A 1 87  ? 3.574   -2.084  -6.679  1.00 38.25 ? 134 ILE A CB  1 
ATOM   635 C  CG1 . ILE A 1 87  ? 3.482   -2.160  -5.141  1.00 40.79 ? 134 ILE A CG1 1 
ATOM   636 C  CG2 . ILE A 1 87  ? 2.423   -2.815  -7.324  1.00 37.05 ? 134 ILE A CG2 1 
ATOM   637 C  CD1 . ILE A 1 87  ? 2.326   -1.301  -4.533  1.00 36.91 ? 134 ILE A CD1 1 
ATOM   638 N  N   . ILE A 1 88  ? 4.941   -1.905  -9.470  1.00 32.90 ? 135 ILE A N   1 
ATOM   639 C  CA  . ILE A 1 88  ? 4.955   -1.977  -10.938 1.00 31.82 ? 135 ILE A CA  1 
ATOM   640 C  C   . ILE A 1 88  ? 6.084   -2.888  -11.406 1.00 33.44 ? 135 ILE A C   1 
ATOM   641 O  O   . ILE A 1 88  ? 5.849   -3.843  -12.143 1.00 33.16 ? 135 ILE A O   1 
ATOM   642 C  CB  . ILE A 1 88  ? 5.148   -0.579  -11.553 1.00 32.93 ? 135 ILE A CB  1 
ATOM   643 C  CG1 . ILE A 1 88  ? 3.950   0.338   -11.221 1.00 34.73 ? 135 ILE A CG1 1 
ATOM   644 C  CG2 . ILE A 1 88  ? 5.283   -0.648  -13.067 1.00 27.70 ? 135 ILE A CG2 1 
ATOM   645 C  CD1 . ILE A 1 88  ? 4.262   1.825   -11.345 1.00 38.78 ? 135 ILE A CD1 1 
ATOM   646 N  N   . ALA A 1 89  ? 7.299   -2.616  -10.938 1.00 34.84 ? 136 ALA A N   1 
ATOM   647 C  CA  . ALA A 1 89  ? 8.470   -3.432  -11.255 1.00 34.93 ? 136 ALA A CA  1 
ATOM   648 C  C   . ALA A 1 89  ? 8.280   -4.887  -10.875 1.00 38.43 ? 136 ALA A C   1 
ATOM   649 O  O   . ALA A 1 89  ? 8.703   -5.787  -11.605 1.00 39.04 ? 136 ALA A O   1 
ATOM   650 C  CB  . ALA A 1 89  ? 9.696   -2.895  -10.557 1.00 33.51 ? 136 ALA A CB  1 
ATOM   651 N  N   . GLU A 1 90  ? 7.663   -5.145  -9.735  1.00 41.72 ? 137 GLU A N   1 
ATOM   652 C  CA  . GLU A 1 90  ? 7.583   -6.524  -9.282  1.00 46.29 ? 137 GLU A CA  1 
ATOM   653 C  C   . GLU A 1 90  ? 6.394   -7.290  -9.886  1.00 47.04 ? 137 GLU A C   1 
ATOM   654 O  O   . GLU A 1 90  ? 6.445   -8.509  -9.921  1.00 50.04 ? 137 GLU A O   1 
ATOM   655 C  CB  . GLU A 1 90  ? 7.630   -6.606  -7.739  1.00 47.79 ? 137 GLU A CB  1 
ATOM   656 C  CG  . GLU A 1 90  ? 9.069   -6.441  -7.124  1.00 57.65 ? 137 GLU A CG  1 
ATOM   657 C  CD  . GLU A 1 90  ? 9.119   -5.648  -5.763  1.00 71.28 ? 137 GLU A CD  1 
ATOM   658 O  OE1 . GLU A 1 90  ? 8.062   -5.421  -5.113  1.00 75.37 ? 137 GLU A OE1 1 
ATOM   659 O  OE2 . GLU A 1 90  ? 10.235  -5.243  -5.334  1.00 72.34 ? 137 GLU A OE2 1 
ATOM   660 N  N   . THR A 1 91  ? 5.366   -6.607  -10.402 1.00 48.26 ? 138 THR A N   1 
ATOM   661 C  CA  . THR A 1 91  ? 4.126   -7.293  -10.838 1.00 48.04 ? 138 THR A CA  1 
ATOM   662 C  C   . THR A 1 91  ? 3.586   -6.998  -12.260 1.00 50.39 ? 138 THR A C   1 
ATOM   663 O  O   . THR A 1 91  ? 2.544   -7.534  -12.638 1.00 52.97 ? 138 THR A O   1 
ATOM   664 C  CB  . THR A 1 91  ? 2.961   -6.990  -9.860  1.00 47.96 ? 138 THR A CB  1 
ATOM   665 O  OG1 . THR A 1 91  ? 2.528   -5.636  -10.038 1.00 44.15 ? 138 THR A OG1 1 
ATOM   666 C  CG2 . THR A 1 91  ? 3.374   -7.219  -8.408  1.00 41.70 ? 138 THR A CG2 1 
ATOM   667 N  N   . SER A 1 92  ? 4.271   -6.184  -13.053 1.00 50.60 ? 139 SER A N   1 
ATOM   668 C  CA  . SER A 1 92  ? 3.718   -5.768  -14.341 1.00 51.10 ? 139 SER A CA  1 
ATOM   669 C  C   . SER A 1 92  ? 3.911   -6.819  -15.419 1.00 50.58 ? 139 SER A C   1 
ATOM   670 O  O   . SER A 1 92  ? 5.026   -7.307  -15.598 1.00 48.41 ? 139 SER A O   1 
ATOM   671 C  CB  . SER A 1 92  ? 4.360   -4.450  -14.797 1.00 52.67 ? 139 SER A CB  1 
ATOM   672 O  OG  . SER A 1 92  ? 3.678   -3.861  -15.901 1.00 57.59 ? 139 SER A OG  1 
ATOM   673 N  N   . ASP A 1 93  ? 2.803   -7.148  -16.106 1.00 52.54 ? 140 ASP A N   1 
ATOM   674 C  CA  . ASP A 1 93  ? 2.774   -7.925  -17.372 1.00 53.01 ? 140 ASP A CA  1 
ATOM   675 C  C   . ASP A 1 93  ? 3.659   -7.332  -18.438 1.00 51.08 ? 140 ASP A C   1 
ATOM   676 O  O   . ASP A 1 93  ? 4.388   -8.054  -19.108 1.00 52.81 ? 140 ASP A O   1 
ATOM   677 C  CB  . ASP A 1 93  ? 1.397   -7.859  -18.068 1.00 54.37 ? 140 ASP A CB  1 
ATOM   678 C  CG  . ASP A 1 93  ? 0.331   -8.669  -17.387 1.00 61.15 ? 140 ASP A CG  1 
ATOM   679 O  OD1 . ASP A 1 93  ? 0.563   -9.860  -17.082 1.00 62.40 ? 140 ASP A OD1 1 
ATOM   680 O  OD2 . ASP A 1 93  ? -0.772  -8.104  -17.212 1.00 72.11 ? 140 ASP A OD2 1 
ATOM   681 N  N   . ASP A 1 94  ? 3.527   -6.020  -18.632 1.00 46.91 ? 141 ASP A N   1 
ATOM   682 C  CA  . ASP A 1 94  ? 4.027   -5.360  -19.833 1.00 45.99 ? 141 ASP A CA  1 
ATOM   683 C  C   . ASP A 1 94  ? 5.514   -5.622  -20.153 1.00 44.61 ? 141 ASP A C   1 
ATOM   684 O  O   . ASP A 1 94  ? 6.386   -5.416  -19.305 1.00 41.92 ? 141 ASP A O   1 
ATOM   685 C  CB  . ASP A 1 94  ? 3.691   -3.871  -19.771 1.00 46.19 ? 141 ASP A CB  1 
ATOM   686 C  CG  . ASP A 1 94  ? 4.220   -3.085  -20.956 1.00 51.02 ? 141 ASP A CG  1 
ATOM   687 O  OD1 . ASP A 1 94  ? 5.425   -2.749  -20.960 1.00 52.60 ? 141 ASP A OD1 1 
ATOM   688 O  OD2 . ASP A 1 94  ? 3.420   -2.759  -21.861 1.00 56.26 ? 141 ASP A OD2 1 
ATOM   689 N  N   . GLU A 1 95  ? 5.760   -6.116  -21.380 1.00 44.19 ? 142 GLU A N   1 
ATOM   690 C  CA  . GLU A 1 95  ? 7.106   -6.337  -21.920 1.00 43.93 ? 142 GLU A CA  1 
ATOM   691 C  C   . GLU A 1 95  ? 8.056   -5.161  -21.711 1.00 43.91 ? 142 GLU A C   1 
ATOM   692 O  O   . GLU A 1 95  ? 9.178   -5.338  -21.227 1.00 42.03 ? 142 GLU A O   1 
ATOM   693 C  CB  . GLU A 1 95  ? 7.024   -6.616  -23.414 1.00 44.48 ? 142 GLU A CB  1 
ATOM   694 C  CG  . GLU A 1 95  ? 6.675   -8.069  -23.750 1.00 49.40 ? 142 GLU A CG  1 
ATOM   695 C  CD  . GLU A 1 95  ? 6.902   -8.392  -25.221 1.00 55.13 ? 142 GLU A CD  1 
ATOM   696 O  OE1 . GLU A 1 95  ? 6.616   -7.496  -26.047 1.00 59.25 ? 142 GLU A OE1 1 
ATOM   697 O  OE2 . GLU A 1 95  ? 7.368   -9.520  -25.554 1.00 54.13 ? 142 GLU A OE2 1 
ATOM   698 N  N   . THR A 1 96  ? 7.591   -3.963  -22.076 1.00 45.42 ? 143 THR A N   1 
ATOM   699 C  CA  . THR A 1 96  ? 8.387   -2.725  -21.961 1.00 43.74 ? 143 THR A CA  1 
ATOM   700 C  C   . THR A 1 96  ? 8.793   -2.481  -20.492 1.00 44.47 ? 143 THR A C   1 
ATOM   701 O  O   . THR A 1 96  ? 9.963   -2.207  -20.207 1.00 43.93 ? 143 THR A O   1 
ATOM   702 C  CB  . THR A 1 96  ? 7.676   -1.436  -22.604 1.00 44.06 ? 143 THR A CB  1 
ATOM   703 O  OG1 . THR A 1 96  ? 6.710   -0.877  -21.707 1.00 40.53 ? 143 THR A OG1 1 
ATOM   704 C  CG2 . THR A 1 96  ? 6.994   -1.739  -23.965 1.00 36.71 ? 143 THR A CG2 1 
ATOM   705 N  N   . ILE A 1 97  ? 7.855   -2.624  -19.553 1.00 44.11 ? 144 ILE A N   1 
ATOM   706 C  CA  . ILE A 1 97  ? 8.182   -2.386  -18.135 1.00 44.06 ? 144 ILE A CA  1 
ATOM   707 C  C   . ILE A 1 97  ? 9.165   -3.422  -17.603 1.00 43.73 ? 144 ILE A C   1 
ATOM   708 O  O   . ILE A 1 97  ? 10.150  -3.070  -16.940 1.00 43.87 ? 144 ILE A O   1 
ATOM   709 C  CB  . ILE A 1 97  ? 6.925   -2.282  -17.222 1.00 44.60 ? 144 ILE A CB  1 
ATOM   710 C  CG1 . ILE A 1 97  ? 6.242   -0.928  -17.460 1.00 40.29 ? 144 ILE A CG1 1 
ATOM   711 C  CG2 . ILE A 1 97  ? 7.312   -2.393  -15.728 1.00 40.45 ? 144 ILE A CG2 1 
ATOM   712 C  CD1 . ILE A 1 97  ? 4.978   -0.719  -16.662 1.00 32.17 ? 144 ILE A CD1 1 
ATOM   713 N  N   . GLN A 1 98  ? 8.929   -4.685  -17.920 1.00 43.72 ? 145 GLN A N   1 
ATOM   714 C  CA  . GLN A 1 98  ? 9.904   -5.716  -17.579 1.00 44.24 ? 145 GLN A CA  1 
ATOM   715 C  C   . GLN A 1 98  ? 11.290  -5.464  -18.216 1.00 42.18 ? 145 GLN A C   1 
ATOM   716 O  O   . GLN A 1 98  ? 12.304  -5.697  -17.574 1.00 43.45 ? 145 GLN A O   1 
ATOM   717 C  CB  . GLN A 1 98  ? 9.370   -7.091  -17.925 1.00 45.02 ? 145 GLN A CB  1 
ATOM   718 C  CG  . GLN A 1 98  ? 8.166   -7.485  -17.085 1.00 51.32 ? 145 GLN A CG  1 
ATOM   719 C  CD  . GLN A 1 98  ? 7.672   -8.903  -17.401 1.00 60.95 ? 145 GLN A CD  1 
ATOM   720 O  OE1 . GLN A 1 98  ? 8.168   -9.574  -18.327 1.00 64.89 ? 145 GLN A OE1 1 
ATOM   721 N  NE2 . GLN A 1 98  ? 6.682   -9.361  -16.635 1.00 64.71 ? 145 GLN A NE2 1 
ATOM   722 N  N   . SER A 1 99  ? 11.356  -4.954  -19.439 1.00 40.42 ? 146 SER A N   1 
ATOM   723 C  CA  . SER A 1 99  ? 12.662  -4.561  -19.996 1.00 41.73 ? 146 SER A CA  1 
ATOM   724 C  C   . SER A 1 99  ? 13.394  -3.518  -19.110 1.00 41.26 ? 146 SER A C   1 
ATOM   725 O  O   . SER A 1 99  ? 14.622  -3.545  -19.001 1.00 40.66 ? 146 SER A O   1 
ATOM   726 C  CB  . SER A 1 99  ? 12.514  -4.054  -21.447 1.00 43.24 ? 146 SER A CB  1 
ATOM   727 O  OG  . SER A 1 99  ? 13.705  -3.437  -21.951 1.00 49.14 ? 146 SER A OG  1 
ATOM   728 N  N   . TYR A 1 100 ? 12.647  -2.615  -18.471 1.00 40.83 ? 147 TYR A N   1 
ATOM   729 C  CA  . TYR A 1 100 ? 13.253  -1.574  -17.639 1.00 40.51 ? 147 TYR A CA  1 
ATOM   730 C  C   . TYR A 1 100 ? 13.171  -1.856  -16.140 1.00 39.86 ? 147 TYR A C   1 
ATOM   731 O  O   . TYR A 1 100 ? 13.523  -0.998  -15.325 1.00 40.56 ? 147 TYR A O   1 
ATOM   732 C  CB  . TYR A 1 100 ? 12.631  -0.210  -17.974 1.00 41.13 ? 147 TYR A CB  1 
ATOM   733 C  CG  . TYR A 1 100 ? 12.981  0.264   -19.371 1.00 40.17 ? 147 TYR A CG  1 
ATOM   734 C  CD1 . TYR A 1 100 ? 12.154  -0.017  -20.439 1.00 44.18 ? 147 TYR A CD1 1 
ATOM   735 C  CD2 . TYR A 1 100 ? 14.156  0.976   -19.625 1.00 41.67 ? 147 TYR A CD2 1 
ATOM   736 C  CE1 . TYR A 1 100 ? 12.470  0.402   -21.750 1.00 50.56 ? 147 TYR A CE1 1 
ATOM   737 C  CE2 . TYR A 1 100 ? 14.488  1.398   -20.933 1.00 49.23 ? 147 TYR A CE2 1 
ATOM   738 C  CZ  . TYR A 1 100 ? 13.630  1.106   -21.995 1.00 49.75 ? 147 TYR A CZ  1 
ATOM   739 O  OH  . TYR A 1 100 ? 13.906  1.501   -23.293 1.00 40.09 ? 147 TYR A OH  1 
ATOM   740 N  N   . LYS A 1 101 ? 12.739  -3.063  -15.783 1.00 38.53 ? 148 LYS A N   1 
ATOM   741 C  CA  . LYS A 1 101 ? 12.554  -3.456  -14.384 1.00 36.95 ? 148 LYS A CA  1 
ATOM   742 C  C   . LYS A 1 101 ? 13.709  -3.032  -13.487 1.00 36.11 ? 148 LYS A C   1 
ATOM   743 O  O   . LYS A 1 101 ? 13.495  -2.409  -12.450 1.00 36.98 ? 148 LYS A O   1 
ATOM   744 C  CB  . LYS A 1 101 ? 12.325  -4.970  -14.281 1.00 36.30 ? 148 LYS A CB  1 
ATOM   745 C  CG  . LYS A 1 101 ? 12.250  -5.495  -12.850 1.00 40.46 ? 148 LYS A CG  1 
ATOM   746 C  CD  . LYS A 1 101 ? 11.656  -6.909  -12.735 1.00 39.89 ? 148 LYS A CD  1 
ATOM   747 C  CE  . LYS A 1 101 ? 11.642  -7.345  -11.275 1.00 40.89 ? 148 LYS A CE  1 
ATOM   748 N  NZ  . LYS A 1 101 ? 11.028  -8.674  -11.045 1.00 47.46 ? 148 LYS A NZ  1 
ATOM   749 N  N   . GLN A 1 102 ? 14.933  -3.340  -13.890 1.00 35.78 ? 149 GLN A N   1 
ATOM   750 C  CA  . GLN A 1 102 ? 16.073  -3.021  -13.037 1.00 36.62 ? 149 GLN A CA  1 
ATOM   751 C  C   . GLN A 1 102 ? 16.250  -1.527  -12.873 1.00 37.14 ? 149 GLN A C   1 
ATOM   752 O  O   . GLN A 1 102 ? 16.510  -1.050  -11.771 1.00 37.84 ? 149 GLN A O   1 
ATOM   753 C  CB  . GLN A 1 102 ? 17.345  -3.678  -13.541 1.00 37.00 ? 149 GLN A CB  1 
ATOM   754 C  CG  . GLN A 1 102 ? 17.330  -5.214  -13.422 1.00 40.91 ? 149 GLN A CG  1 
ATOM   755 C  CD  . GLN A 1 102 ? 16.951  -5.715  -12.025 1.00 42.60 ? 149 GLN A CD  1 
ATOM   756 O  OE1 . GLN A 1 102 ? 17.303  -5.106  -11.008 1.00 48.62 ? 149 GLN A OE1 1 
ATOM   757 N  NE2 . GLN A 1 102 ? 16.217  -6.818  -11.975 1.00 38.74 ? 149 GLN A NE2 1 
ATOM   758 N  N   . ALA A 1 103 ? 16.068  -0.789  -13.961 1.00 36.86 ? 150 ALA A N   1 
ATOM   759 C  CA  . ALA A 1 103 ? 16.103  0.674   -13.907 1.00 34.12 ? 150 ALA A CA  1 
ATOM   760 C  C   . ALA A 1 103 ? 15.059  1.224   -12.941 1.00 33.97 ? 150 ALA A C   1 
ATOM   761 O  O   . ALA A 1 103 ? 15.353  2.097   -12.122 1.00 32.76 ? 150 ALA A O   1 
ATOM   762 C  CB  . ALA A 1 103 ? 15.878  1.248   -15.288 1.00 32.53 ? 150 ALA A CB  1 
ATOM   763 N  N   . ILE A 1 104 ? 13.837  0.707   -13.029 1.00 34.95 ? 151 ILE A N   1 
ATOM   764 C  CA  . ILE A 1 104 ? 12.734  1.202   -12.203 1.00 34.67 ? 151 ILE A CA  1 
ATOM   765 C  C   . ILE A 1 104 ? 13.047  0.941   -10.742 1.00 35.46 ? 151 ILE A C   1 
ATOM   766 O  O   . ILE A 1 104 ? 13.048  1.857   -9.923  1.00 36.91 ? 151 ILE A O   1 
ATOM   767 C  CB  . ILE A 1 104 ? 11.423  0.532   -12.582 1.00 37.09 ? 151 ILE A CB  1 
ATOM   768 C  CG1 . ILE A 1 104 ? 11.019  0.964   -14.001 1.00 37.89 ? 151 ILE A CG1 1 
ATOM   769 C  CG2 . ILE A 1 104 ? 10.303  0.878   -11.562 1.00 36.36 ? 151 ILE A CG2 1 
ATOM   770 C  CD1 . ILE A 1 104 ? 10.041  -0.001  -14.645 1.00 44.38 ? 151 ILE A CD1 1 
ATOM   771 N  N   . LEU A 1 105 ? 13.366  -0.308  -10.424 1.00 35.83 ? 152 LEU A N   1 
ATOM   772 C  CA  . LEU A 1 105 ? 13.778  -0.665  -9.069  1.00 35.03 ? 152 LEU A CA  1 
ATOM   773 C  C   . LEU A 1 105 ? 14.942  0.160   -8.551  1.00 35.49 ? 152 LEU A C   1 
ATOM   774 O  O   . LEU A 1 105 ? 15.036  0.440   -7.361  1.00 38.43 ? 152 LEU A O   1 
ATOM   775 C  CB  . LEU A 1 105 ? 14.163  -2.137  -9.015  1.00 33.99 ? 152 LEU A CB  1 
ATOM   776 C  CG  . LEU A 1 105 ? 12.955  -3.067  -9.097  1.00 33.50 ? 152 LEU A CG  1 
ATOM   777 C  CD1 . LEU A 1 105 ? 13.366  -4.555  -9.110  1.00 21.03 ? 152 LEU A CD1 1 
ATOM   778 C  CD2 . LEU A 1 105 ? 12.051  -2.785  -7.947  1.00 18.40 ? 152 LEU A CD2 1 
ATOM   779 N  N   . PHE A 1 106 ? 15.842  0.529   -9.440  1.00 35.04 ? 153 PHE A N   1 
ATOM   780 C  CA  . PHE A 1 106 ? 17.017  1.300   -9.052  1.00 35.17 ? 153 PHE A CA  1 
ATOM   781 C  C   . PHE A 1 106 ? 16.695  2.752   -8.751  1.00 35.23 ? 153 PHE A C   1 
ATOM   782 O  O   . PHE A 1 106 ? 17.193  3.325   -7.793  1.00 37.55 ? 153 PHE A O   1 
ATOM   783 C  CB  . PHE A 1 106 ? 18.064  1.241   -10.158 1.00 34.01 ? 153 PHE A CB  1 
ATOM   784 C  CG  . PHE A 1 106 ? 19.180  2.228   -9.987  1.00 30.74 ? 153 PHE A CG  1 
ATOM   785 C  CD1 . PHE A 1 106 ? 20.155  2.034   -9.014  1.00 32.18 ? 153 PHE A CD1 1 
ATOM   786 C  CD2 . PHE A 1 106 ? 19.276  3.336   -10.806 1.00 28.21 ? 153 PHE A CD2 1 
ATOM   787 C  CE1 . PHE A 1 106 ? 21.214  2.938   -8.859  1.00 24.44 ? 153 PHE A CE1 1 
ATOM   788 C  CE2 . PHE A 1 106 ? 20.324  4.241   -10.658 1.00 31.53 ? 153 PHE A CE2 1 
ATOM   789 C  CZ  . PHE A 1 106 ? 21.296  4.040   -9.682  1.00 25.21 ? 153 PHE A CZ  1 
ATOM   790 N  N   . TYR A 1 107 ? 15.888  3.359   -9.606  1.00 35.01 ? 154 TYR A N   1 
ATOM   791 C  CA  . TYR A 1 107 ? 15.551  4.758   -9.446  1.00 33.00 ? 154 TYR A CA  1 
ATOM   792 C  C   . TYR A 1 107 ? 14.554  4.961   -8.285  1.00 33.79 ? 154 TYR A C   1 
ATOM   793 O  O   . TYR A 1 107 ? 14.530  6.039   -7.670  1.00 34.63 ? 154 TYR A O   1 
ATOM   794 C  CB  . TYR A 1 107 ? 15.031  5.323   -10.792 1.00 34.00 ? 154 TYR A CB  1 
ATOM   795 C  CG  . TYR A 1 107 ? 16.123  5.544   -11.843 1.00 31.05 ? 154 TYR A CG  1 
ATOM   796 C  CD1 . TYR A 1 107 ? 17.186  6.427   -11.603 1.00 33.11 ? 154 TYR A CD1 1 
ATOM   797 C  CD2 . TYR A 1 107 ? 16.093  4.897   -13.077 1.00 28.06 ? 154 TYR A CD2 1 
ATOM   798 C  CE1 . TYR A 1 107 ? 18.223  6.653   -12.562 1.00 34.59 ? 154 TYR A CE1 1 
ATOM   799 C  CE2 . TYR A 1 107 ? 17.131  5.111   -14.054 1.00 29.69 ? 154 TYR A CE2 1 
ATOM   800 C  CZ  . TYR A 1 107 ? 18.195  5.998   -13.789 1.00 37.03 ? 154 TYR A CZ  1 
ATOM   801 O  OH  . TYR A 1 107 ? 19.234  6.201   -14.724 1.00 41.71 ? 154 TYR A OH  1 
ATOM   802 N  N   . ALA A 1 108 ? 13.767  3.928   -7.966  1.00 34.02 ? 155 ALA A N   1 
ATOM   803 C  CA  . ALA A 1 108 ? 12.687  4.023   -6.940  1.00 35.88 ? 155 ALA A CA  1 
ATOM   804 C  C   . ALA A 1 108 ? 13.049  4.647   -5.571  1.00 35.94 ? 155 ALA A C   1 
ATOM   805 O  O   . ALA A 1 108 ? 12.260  5.358   -4.991  1.00 33.46 ? 155 ALA A O   1 
ATOM   806 C  CB  . ALA A 1 108 ? 12.071  2.656   -6.708  1.00 35.35 ? 155 ALA A CB  1 
ATOM   807 N  N   . ASP A 1 109 ? 14.229  4.378   -5.038  1.00 36.74 ? 156 ASP A N   1 
ATOM   808 C  CA  . ASP A 1 109 ? 14.562  4.959   -3.736  1.00 38.89 ? 156 ASP A CA  1 
ATOM   809 C  C   . ASP A 1 109 ? 15.612  6.048   -3.872  1.00 38.41 ? 156 ASP A C   1 
ATOM   810 O  O   . ASP A 1 109 ? 16.261  6.423   -2.896  1.00 36.31 ? 156 ASP A O   1 
ATOM   811 C  CB  . ASP A 1 109 ? 14.962  3.861   -2.728  1.00 40.16 ? 156 ASP A CB  1 
ATOM   812 C  CG  . ASP A 1 109 ? 16.249  3.103   -3.105  1.00 41.77 ? 156 ASP A CG  1 
ATOM   813 O  OD1 . ASP A 1 109 ? 16.748  3.191   -4.246  1.00 42.46 ? 156 ASP A OD1 1 
ATOM   814 O  OD2 . ASP A 1 109 ? 16.758  2.374   -2.223  1.00 47.91 ? 156 ASP A OD2 1 
ATOM   815 N  N   . LYS A 1 110 ? 15.741  6.559   -5.095  1.00 38.54 ? 157 LYS A N   1 
ATOM   816 C  CA  . LYS A 1 110 ? 16.756  7.543   -5.459  1.00 38.51 ? 157 LYS A CA  1 
ATOM   817 C  C   . LYS A 1 110 ? 16.189  8.675   -6.328  1.00 38.12 ? 157 LYS A C   1 
ATOM   818 O  O   . LYS A 1 110 ? 16.956  9.383   -6.983  1.00 36.59 ? 157 LYS A O   1 
ATOM   819 C  CB  . LYS A 1 110 ? 17.846  6.840   -6.262  1.00 38.25 ? 157 LYS A CB  1 
ATOM   820 C  CG  . LYS A 1 110 ? 18.652  5.854   -5.478  1.00 42.25 ? 157 LYS A CG  1 
ATOM   821 C  CD  . LYS A 1 110 ? 19.513  4.975   -6.367  1.00 43.52 ? 157 LYS A CD  1 
ATOM   822 C  CE  . LYS A 1 110 ? 19.589  3.522   -5.823  1.00 48.55 ? 157 LYS A CE  1 
ATOM   823 N  NZ  . LYS A 1 110 ? 20.060  3.382   -4.411  1.00 55.48 ? 157 LYS A NZ  1 
ATOM   824 N  N   . LEU A 1 111 ? 14.867  8.860   -6.331  1.00 36.17 ? 158 LEU A N   1 
ATOM   825 C  CA  . LEU A 1 111 ? 14.238  9.780   -7.282  1.00 35.91 ? 158 LEU A CA  1 
ATOM   826 C  C   . LEU A 1 111 ? 14.787  11.212  -7.237  1.00 35.60 ? 158 LEU A C   1 
ATOM   827 O  O   . LEU A 1 111 ? 14.909  11.849  -8.277  1.00 39.50 ? 158 LEU A O   1 
ATOM   828 C  CB  . LEU A 1 111 ? 12.712  9.787   -7.106  1.00 35.38 ? 158 LEU A CB  1 
ATOM   829 C  CG  . LEU A 1 111 ? 12.029  8.504   -7.569  1.00 39.48 ? 158 LEU A CG  1 
ATOM   830 C  CD1 . LEU A 1 111 ? 10.585  8.518   -7.157  1.00 43.72 ? 158 LEU A CD1 1 
ATOM   831 C  CD2 . LEU A 1 111 ? 12.174  8.283   -9.075  1.00 42.20 ? 158 LEU A CD2 1 
ATOM   832 N  N   . ASP A 1 112 ? 15.121  11.689  -6.040  1.00 35.79 ? 159 ASP A N   1 
ATOM   833 C  CA  . ASP A 1 112 ? 15.712  13.014  -5.836  1.00 36.93 ? 159 ASP A CA  1 
ATOM   834 C  C   . ASP A 1 112 ? 17.202  13.127  -6.241  1.00 37.59 ? 159 ASP A C   1 
ATOM   835 O  O   . ASP A 1 112 ? 17.773  14.207  -6.152  1.00 35.68 ? 159 ASP A O   1 
ATOM   836 C  CB  . ASP A 1 112 ? 15.603  13.430  -4.356  1.00 37.31 ? 159 ASP A CB  1 
ATOM   837 C  CG  . ASP A 1 112 ? 14.162  13.640  -3.893  1.00 44.44 ? 159 ASP A CG  1 
ATOM   838 O  OD1 . ASP A 1 112 ? 13.216  13.529  -4.701  1.00 49.72 ? 159 ASP A OD1 1 
ATOM   839 O  OD2 . ASP A 1 112 ? 13.979  13.939  -2.700  1.00 47.01 ? 159 ASP A OD2 1 
ATOM   840 N  N   . GLU A 1 113 ? 17.839  12.030  -6.649  1.00 37.33 ? 160 GLU A N   1 
ATOM   841 C  CA  . GLU A 1 113 ? 19.257  12.069  -6.958  1.00 38.84 ? 160 GLU A CA  1 
ATOM   842 C  C   . GLU A 1 113 ? 19.444  12.434  -8.406  1.00 37.83 ? 160 GLU A C   1 
ATOM   843 O  O   . GLU A 1 113 ? 18.556  12.169  -9.222  1.00 37.76 ? 160 GLU A O   1 
ATOM   844 C  CB  . GLU A 1 113 ? 19.930  10.711  -6.700  1.00 40.43 ? 160 GLU A CB  1 
ATOM   845 C  CG  . GLU A 1 113 ? 19.855  10.189  -5.268  1.00 45.37 ? 160 GLU A CG  1 
ATOM   846 C  CD  . GLU A 1 113 ? 20.606  11.057  -4.286  1.00 49.98 ? 160 GLU A CD  1 
ATOM   847 O  OE1 . GLU A 1 113 ? 21.769  11.439  -4.567  1.00 52.77 ? 160 GLU A OE1 1 
ATOM   848 O  OE2 . GLU A 1 113 ? 20.019  11.358  -3.230  1.00 55.00 ? 160 GLU A OE2 1 
ATOM   849 N  N   . THR A 1 114 ? 20.620  13.008  -8.698  1.00 38.03 ? 161 THR A N   1 
ATOM   850 C  CA  . THR A 1 114 ? 21.031  13.447  -10.041 1.00 37.70 ? 161 THR A CA  1 
ATOM   851 C  C   . THR A 1 114 ? 22.563  13.257  -10.285 1.00 39.47 ? 161 THR A C   1 
ATOM   852 O  O   . THR A 1 114 ? 23.342  13.369  -9.347  1.00 35.75 ? 161 THR A O   1 
ATOM   853 C  CB  . THR A 1 114 ? 20.703  14.953  -10.254 1.00 36.72 ? 161 THR A CB  1 
ATOM   854 O  OG1 . THR A 1 114 ? 21.367  15.726  -9.253  1.00 29.31 ? 161 THR A OG1 1 
ATOM   855 C  CG2 . THR A 1 114 ? 19.195  15.229  -10.184 1.00 31.74 ? 161 THR A CG2 1 
ATOM   856 N  N   . TRP A 1 115 ? 22.965  12.972  -11.536 1.00 42.58 ? 162 TRP A N   1 
ATOM   857 C  CA  . TRP A 1 115 ? 24.393  12.903  -11.912 1.00 46.25 ? 162 TRP A CA  1 
ATOM   858 C  C   . TRP A 1 115 ? 25.034  14.300  -12.192 1.00 46.27 ? 162 TRP A C   1 
ATOM   859 O  O   . TRP A 1 115 ? 24.353  15.218  -12.631 1.00 47.35 ? 162 TRP A O   1 
ATOM   860 C  CB  . TRP A 1 115 ? 24.791  11.811  -13.013 1.00 48.72 ? 162 TRP A CB  1 
ATOM   861 C  CG  . TRP A 1 115 ? 23.774  10.966  -13.975 1.00 61.41 ? 162 TRP A CG  1 
ATOM   862 C  CD1 . TRP A 1 115 ? 23.207  11.386  -15.182 1.00 71.79 ? 162 TRP A CD1 1 
ATOM   863 C  CD2 . TRP A 1 115 ? 23.400  9.551   -13.852 1.00 74.61 ? 162 TRP A CD2 1 
ATOM   864 N  NE1 . TRP A 1 115 ? 22.457  10.358  -15.754 1.00 77.69 ? 162 TRP A NE1 1 
ATOM   865 C  CE2 . TRP A 1 115 ? 22.559  9.232   -14.969 1.00 80.03 ? 162 TRP A CE2 1 
ATOM   866 C  CE3 . TRP A 1 115 ? 23.652  8.545   -12.887 1.00 76.63 ? 162 TRP A CE3 1 
ATOM   867 C  CZ2 . TRP A 1 115 ? 21.970  7.951   -15.133 1.00 79.06 ? 162 TRP A CZ2 1 
ATOM   868 C  CZ3 . TRP A 1 115 ? 23.074  7.266   -13.061 1.00 77.29 ? 162 TRP A CZ3 1 
ATOM   869 C  CH2 . TRP A 1 115 ? 22.240  6.991   -14.172 1.00 79.18 ? 162 TRP A CH2 1 
ATOM   870 N  N   . LYS A 1 116 ? 26.346  14.417  -11.914 1.00 47.63 ? 163 LYS A N   1 
ATOM   871 C  CA  . LYS A 1 116 ? 27.169  15.649  -12.076 1.00 46.38 ? 163 LYS A CA  1 
ATOM   872 C  C   . LYS A 1 116 ? 27.884  15.697  -13.431 1.00 43.63 ? 163 LYS A C   1 
ATOM   873 O  O   . LYS A 1 116 ? 27.268  15.946  -14.461 1.00 39.15 ? 163 LYS A O   1 
ATOM   874 C  CB  . LYS A 1 116 ? 28.229  15.747  -10.949 1.00 44.71 ? 163 LYS A CB  1 
# 
